data_7OLU
# 
_entry.id   7OLU 
# 
_audit_conform.dict_name       mmcif_pdbx.dic 
_audit_conform.dict_version    5.384 
_audit_conform.dict_location   http://mmcif.pdb.org/dictionaries/ascii/mmcif_pdbx.dic 
# 
loop_
_database_2.database_id 
_database_2.database_code 
_database_2.pdbx_database_accession 
_database_2.pdbx_DOI 
PDB   7OLU         pdb_00007olu 10.2210/pdb7olu/pdb 
WWPDB D_1292115991 ?            ?                   
# 
loop_
_pdbx_audit_revision_history.ordinal 
_pdbx_audit_revision_history.data_content_type 
_pdbx_audit_revision_history.major_revision 
_pdbx_audit_revision_history.minor_revision 
_pdbx_audit_revision_history.revision_date 
1 'Structure model' 1 0 2022-06-01 
2 'Structure model' 1 1 2022-11-30 
3 'Structure model' 1 2 2024-01-31 
# 
_pdbx_audit_revision_details.ordinal             1 
_pdbx_audit_revision_details.revision_ordinal    1 
_pdbx_audit_revision_details.data_content_type   'Structure model' 
_pdbx_audit_revision_details.provider            repository 
_pdbx_audit_revision_details.type                'Initial release' 
_pdbx_audit_revision_details.description         ? 
_pdbx_audit_revision_details.details             ? 
# 
loop_
_pdbx_audit_revision_group.ordinal 
_pdbx_audit_revision_group.revision_ordinal 
_pdbx_audit_revision_group.data_content_type 
_pdbx_audit_revision_group.group 
1 2 'Structure model' 'Database references'    
2 2 'Structure model' 'Derived calculations'   
3 3 'Structure model' 'Data collection'        
4 3 'Structure model' 'Refinement description' 
# 
loop_
_pdbx_audit_revision_category.ordinal 
_pdbx_audit_revision_category.revision_ordinal 
_pdbx_audit_revision_category.data_content_type 
_pdbx_audit_revision_category.category 
1 2 'Structure model' atom_type                     
2 2 'Structure model' citation                      
3 2 'Structure model' citation_author               
4 3 'Structure model' chem_comp_atom                
5 3 'Structure model' chem_comp_bond                
6 3 'Structure model' pdbx_initial_refinement_model 
# 
loop_
_pdbx_audit_revision_item.ordinal 
_pdbx_audit_revision_item.revision_ordinal 
_pdbx_audit_revision_item.data_content_type 
_pdbx_audit_revision_item.item 
1  2 'Structure model' '_atom_type.pdbx_N_electrons'       
2  2 'Structure model' '_atom_type.pdbx_scat_Z'            
3  2 'Structure model' '_citation.country'                 
4  2 'Structure model' '_citation.journal_abbrev'          
5  2 'Structure model' '_citation.journal_id_CSD'          
6  2 'Structure model' '_citation.journal_id_ISSN'         
7  2 'Structure model' '_citation.journal_volume'          
8  2 'Structure model' '_citation.page_first'              
9  2 'Structure model' '_citation.page_last'               
10 2 'Structure model' '_citation.pdbx_database_id_DOI'    
11 2 'Structure model' '_citation.pdbx_database_id_PubMed' 
12 2 'Structure model' '_citation.title'                   
13 2 'Structure model' '_citation.year'                    
# 
_pdbx_database_status.status_code                     REL 
_pdbx_database_status.status_code_sf                  REL 
_pdbx_database_status.status_code_mr                  ? 
_pdbx_database_status.entry_id                        7OLU 
_pdbx_database_status.recvd_initial_deposition_date   2021-05-20 
_pdbx_database_status.SG_entry                        N 
_pdbx_database_status.deposit_site                    PDBE 
_pdbx_database_status.process_site                    PDBE 
_pdbx_database_status.status_code_cs                  ? 
_pdbx_database_status.status_code_nmr_data            ? 
_pdbx_database_status.methods_development_category    ? 
_pdbx_database_status.pdb_format_compatible           N 
# 
loop_
_pdbx_database_related.db_name 
_pdbx_database_related.details 
_pdbx_database_related.db_id 
_pdbx_database_related.content_type 
PDB 'apo protein'                           7BFY unspecified 
PDB 'different ligand'                      6TID unspecified 
PDB 'different ligand'                      6TIG unspecified 
PDB 'different construct, different ligand' 2WQ4 unspecified 
# 
loop_
_audit_author.name 
_audit_author.pdbx_ordinal 
_audit_author.identifier_ORCID 
'Bermeo, R.' 1 0000-0002-4451-878X 
'Varrot, A.' 2 0000-0001-6667-8162 
# 
_citation.abstract                  ? 
_citation.abstract_id_CAS           ? 
_citation.book_id_ISBN              ? 
_citation.book_publisher            ? 
_citation.book_publisher_city       ? 
_citation.book_title                ? 
_citation.coordinate_linkage        ? 
_citation.country                   US 
_citation.database_id_Medline       ? 
_citation.details                   ? 
_citation.id                        primary 
_citation.journal_abbrev            'Acs Chem.Biol.' 
_citation.journal_id_ASTM           ? 
_citation.journal_id_CSD            ? 
_citation.journal_id_ISSN           1554-8937 
_citation.journal_full              ? 
_citation.journal_issue             ? 
_citation.journal_volume            17 
_citation.language                  ? 
_citation.page_first                2899 
_citation.page_last                 2910 
_citation.title                     
;Targeting a Multidrug-Resistant Pathogen: First Generation Antagonists of Burkholderia cenocepacia 's BC2L-C Lectin.
;
_citation.year                      2022 
_citation.database_id_CSD           ? 
_citation.pdbx_database_id_DOI      10.1021/acschembio.2c00532 
_citation.pdbx_database_id_PubMed   36174276 
_citation.pdbx_database_id_patent   ? 
_citation.unpublished_flag          ? 
# 
loop_
_citation_author.citation_id 
_citation_author.name 
_citation_author.ordinal 
_citation_author.identifier_ORCID 
primary 'Bermeo, R.'   1  0000-0002-4451-878X 
primary 'Lal, K.'      2  ?                   
primary 'Ruggeri, D.'  3  0000-0001-7392-8094 
primary 'Lanaro, D.'   4  ?                   
primary 'Mazzotta, S.' 5  0000-0003-0029-7003 
primary 'Vasile, F.'   6  ?                   
primary 'Imberty, A.'  7  ?                   
primary 'Belvisi, L.'  8  0000-0002-3593-2970 
primary 'Varrot, A.'   9  0000-0001-6667-8162 
primary 'Bernardi, A.' 10 0000-0002-1258-2007 
# 
loop_
_entity.id 
_entity.type 
_entity.src_method 
_entity.pdbx_description 
_entity.formula_weight 
_entity.pdbx_number_of_molecules 
_entity.pdbx_ec 
_entity.pdbx_mutation 
_entity.pdbx_fragment 
_entity.details 
1 polymer     man Lectin                                                              14010.936 1  ? ? ? ? 
2 non-polymer syn '(2-(4-(beta-L-fucopyranosylethynyl)phenyl)-2-methylpropan-1-amine' 319.395   1  ? ? ? ? 
3 water       nat water                                                               18.015    99 ? ? ? ? 
# 
_entity_poly.entity_id                      1 
_entity_poly.type                           'polypeptide(L)' 
_entity_poly.nstd_linkage                   no 
_entity_poly.nstd_monomer                   no 
_entity_poly.pdbx_seq_one_letter_code       
;GHMPLLSASIVSAPVVTSETYVDIPGLYLDVAKAGIRDGKLQVILNVPTPYATGNNFPGIYFAIATNQGVVADGCFTYSS
KVPESTGRMPFTLVATIDVGSGVTFVKGQWKSVRGSAMHIDSYASLSAIWGTAA
;
_entity_poly.pdbx_seq_one_letter_code_can   
;GHMPLLSASIVSAPVVTSETYVDIPGLYLDVAKAGIRDGKLQVILNVPTPYATGNNFPGIYFAIATNQGVVADGCFTYSS
KVPESTGRMPFTLVATIDVGSGVTFVKGQWKSVRGSAMHIDSYASLSAIWGTAA
;
_entity_poly.pdbx_strand_id                 AAA 
_entity_poly.pdbx_target_identifier         ? 
# 
loop_
_pdbx_entity_nonpoly.entity_id 
_pdbx_entity_nonpoly.name 
_pdbx_entity_nonpoly.comp_id 
2 '(2-(4-(beta-L-fucopyranosylethynyl)phenyl)-2-methylpropan-1-amine' VJT 
3 water                                                               HOH 
# 
loop_
_entity_poly_seq.entity_id 
_entity_poly_seq.num 
_entity_poly_seq.mon_id 
_entity_poly_seq.hetero 
1 1   GLY n 
1 2   HIS n 
1 3   MET n 
1 4   PRO n 
1 5   LEU n 
1 6   LEU n 
1 7   SER n 
1 8   ALA n 
1 9   SER n 
1 10  ILE n 
1 11  VAL n 
1 12  SER n 
1 13  ALA n 
1 14  PRO n 
1 15  VAL n 
1 16  VAL n 
1 17  THR n 
1 18  SER n 
1 19  GLU n 
1 20  THR n 
1 21  TYR n 
1 22  VAL n 
1 23  ASP n 
1 24  ILE n 
1 25  PRO n 
1 26  GLY n 
1 27  LEU n 
1 28  TYR n 
1 29  LEU n 
1 30  ASP n 
1 31  VAL n 
1 32  ALA n 
1 33  LYS n 
1 34  ALA n 
1 35  GLY n 
1 36  ILE n 
1 37  ARG n 
1 38  ASP n 
1 39  GLY n 
1 40  LYS n 
1 41  LEU n 
1 42  GLN n 
1 43  VAL n 
1 44  ILE n 
1 45  LEU n 
1 46  ASN n 
1 47  VAL n 
1 48  PRO n 
1 49  THR n 
1 50  PRO n 
1 51  TYR n 
1 52  ALA n 
1 53  THR n 
1 54  GLY n 
1 55  ASN n 
1 56  ASN n 
1 57  PHE n 
1 58  PRO n 
1 59  GLY n 
1 60  ILE n 
1 61  TYR n 
1 62  PHE n 
1 63  ALA n 
1 64  ILE n 
1 65  ALA n 
1 66  THR n 
1 67  ASN n 
1 68  GLN n 
1 69  GLY n 
1 70  VAL n 
1 71  VAL n 
1 72  ALA n 
1 73  ASP n 
1 74  GLY n 
1 75  CYS n 
1 76  PHE n 
1 77  THR n 
1 78  TYR n 
1 79  SER n 
1 80  SER n 
1 81  LYS n 
1 82  VAL n 
1 83  PRO n 
1 84  GLU n 
1 85  SER n 
1 86  THR n 
1 87  GLY n 
1 88  ARG n 
1 89  MET n 
1 90  PRO n 
1 91  PHE n 
1 92  THR n 
1 93  LEU n 
1 94  VAL n 
1 95  ALA n 
1 96  THR n 
1 97  ILE n 
1 98  ASP n 
1 99  VAL n 
1 100 GLY n 
1 101 SER n 
1 102 GLY n 
1 103 VAL n 
1 104 THR n 
1 105 PHE n 
1 106 VAL n 
1 107 LYS n 
1 108 GLY n 
1 109 GLN n 
1 110 TRP n 
1 111 LYS n 
1 112 SER n 
1 113 VAL n 
1 114 ARG n 
1 115 GLY n 
1 116 SER n 
1 117 ALA n 
1 118 MET n 
1 119 HIS n 
1 120 ILE n 
1 121 ASP n 
1 122 SER n 
1 123 TYR n 
1 124 ALA n 
1 125 SER n 
1 126 LEU n 
1 127 SER n 
1 128 ALA n 
1 129 ILE n 
1 130 TRP n 
1 131 GLY n 
1 132 THR n 
1 133 ALA n 
1 134 ALA n 
# 
_entity_src_gen.entity_id                          1 
_entity_src_gen.pdbx_src_id                        1 
_entity_src_gen.pdbx_alt_source_flag               sample 
_entity_src_gen.pdbx_seq_type                      'Biological sequence' 
_entity_src_gen.pdbx_beg_seq_num                   1 
_entity_src_gen.pdbx_end_seq_num                   134 
_entity_src_gen.gene_src_common_name               ? 
_entity_src_gen.gene_src_genus                     ? 
_entity_src_gen.pdbx_gene_src_gene                 BCAM0185 
_entity_src_gen.gene_src_species                   ? 
_entity_src_gen.gene_src_strain                    'ATCC BAA-245 / DSM 16553 / LMG 16656 / NCTC 13227 / J2315 / CF5610' 
_entity_src_gen.gene_src_tissue                    ? 
_entity_src_gen.gene_src_tissue_fraction           ? 
_entity_src_gen.gene_src_details                   ? 
_entity_src_gen.pdbx_gene_src_fragment             ? 
_entity_src_gen.pdbx_gene_src_scientific_name      
'Burkholderia cenocepacia (strain ATCC BAA-245 / DSM 16553 / LMG 16656 / NCTC 13227 / J2315 / CF5610)' 
_entity_src_gen.pdbx_gene_src_ncbi_taxonomy_id     216591 
_entity_src_gen.pdbx_gene_src_variant              ? 
_entity_src_gen.pdbx_gene_src_cell_line            ? 
_entity_src_gen.pdbx_gene_src_atcc                 ? 
_entity_src_gen.pdbx_gene_src_organ                ? 
_entity_src_gen.pdbx_gene_src_organelle            ? 
_entity_src_gen.pdbx_gene_src_cell                 ? 
_entity_src_gen.pdbx_gene_src_cellular_location    ? 
_entity_src_gen.host_org_common_name               ? 
_entity_src_gen.pdbx_host_org_scientific_name      'Escherichia coli BL21(DE3)' 
_entity_src_gen.pdbx_host_org_ncbi_taxonomy_id     469008 
_entity_src_gen.host_org_genus                     ? 
_entity_src_gen.pdbx_host_org_gene                 ? 
_entity_src_gen.pdbx_host_org_organ                ? 
_entity_src_gen.host_org_species                   ? 
_entity_src_gen.pdbx_host_org_tissue               ? 
_entity_src_gen.pdbx_host_org_tissue_fraction      ? 
_entity_src_gen.pdbx_host_org_strain               ? 
_entity_src_gen.pdbx_host_org_variant              ? 
_entity_src_gen.pdbx_host_org_cell_line            ? 
_entity_src_gen.pdbx_host_org_atcc                 ? 
_entity_src_gen.pdbx_host_org_culture_collection   ? 
_entity_src_gen.pdbx_host_org_cell                 ? 
_entity_src_gen.pdbx_host_org_organelle            ? 
_entity_src_gen.pdbx_host_org_cellular_location    ? 
_entity_src_gen.pdbx_host_org_vector_type          ? 
_entity_src_gen.pdbx_host_org_vector               ? 
_entity_src_gen.host_org_details                   ? 
_entity_src_gen.expression_system_id               ? 
_entity_src_gen.plasmid_name                       ? 
_entity_src_gen.plasmid_details                    ? 
_entity_src_gen.pdbx_description                   ? 
# 
loop_
_chem_comp.id 
_chem_comp.type 
_chem_comp.mon_nstd_flag 
_chem_comp.name 
_chem_comp.pdbx_synonyms 
_chem_comp.formula 
_chem_comp.formula_weight 
ALA 'L-peptide linking' y ALANINE                                                             ? 'C3 H7 N O2'     89.093  
ARG 'L-peptide linking' y ARGININE                                                            ? 'C6 H15 N4 O2 1' 175.209 
ASN 'L-peptide linking' y ASPARAGINE                                                          ? 'C4 H8 N2 O3'    132.118 
ASP 'L-peptide linking' y 'ASPARTIC ACID'                                                     ? 'C4 H7 N O4'     133.103 
CYS 'L-peptide linking' y CYSTEINE                                                            ? 'C3 H7 N O2 S'   121.158 
GLN 'L-peptide linking' y GLUTAMINE                                                           ? 'C5 H10 N2 O3'   146.144 
GLU 'L-peptide linking' y 'GLUTAMIC ACID'                                                     ? 'C5 H9 N O4'     147.129 
GLY 'peptide linking'   y GLYCINE                                                             ? 'C2 H5 N O2'     75.067  
HIS 'L-peptide linking' y HISTIDINE                                                           ? 'C6 H10 N3 O2 1' 156.162 
HOH non-polymer         . WATER                                                               ? 'H2 O'           18.015  
ILE 'L-peptide linking' y ISOLEUCINE                                                          ? 'C6 H13 N O2'    131.173 
LEU 'L-peptide linking' y LEUCINE                                                             ? 'C6 H13 N O2'    131.173 
LYS 'L-peptide linking' y LYSINE                                                              ? 'C6 H15 N2 O2 1' 147.195 
MET 'L-peptide linking' y METHIONINE                                                          ? 'C5 H11 N O2 S'  149.211 
PHE 'L-peptide linking' y PHENYLALANINE                                                       ? 'C9 H11 N O2'    165.189 
PRO 'L-peptide linking' y PROLINE                                                             ? 'C5 H9 N O2'     115.130 
SER 'L-peptide linking' y SERINE                                                              ? 'C3 H7 N O3'     105.093 
THR 'L-peptide linking' y THREONINE                                                           ? 'C4 H9 N O3'     119.119 
TRP 'L-peptide linking' y TRYPTOPHAN                                                          ? 'C11 H12 N2 O2'  204.225 
TYR 'L-peptide linking' y TYROSINE                                                            ? 'C9 H11 N O3'    181.189 
VAL 'L-peptide linking' y VALINE                                                              ? 'C5 H11 N O2'    117.146 
VJT non-polymer         . '(2-(4-(beta-L-fucopyranosylethynyl)phenyl)-2-methylpropan-1-amine' 
'(2~{R},3~{S},4~{R},5~{S},6~{S})-2-[2-[4-(1-azanyl-2-methyl-propan-2-yl)phenyl]ethynyl]-6-methyl-oxane-3,4,5-triol' 'C18 H25 N O4' 
319.395 
# 
loop_
_pdbx_poly_seq_scheme.asym_id 
_pdbx_poly_seq_scheme.entity_id 
_pdbx_poly_seq_scheme.seq_id 
_pdbx_poly_seq_scheme.mon_id 
_pdbx_poly_seq_scheme.ndb_seq_num 
_pdbx_poly_seq_scheme.pdb_seq_num 
_pdbx_poly_seq_scheme.auth_seq_num 
_pdbx_poly_seq_scheme.pdb_mon_id 
_pdbx_poly_seq_scheme.auth_mon_id 
_pdbx_poly_seq_scheme.pdb_strand_id 
_pdbx_poly_seq_scheme.pdb_ins_code 
_pdbx_poly_seq_scheme.hetero 
A 1 1   GLY 1   -2  ?   ?   ?   AAA . n 
A 1 2   HIS 2   -1  -1  HIS HIS AAA . n 
A 1 3   MET 3   0   0   MET MET AAA . n 
A 1 4   PRO 4   1   1   PRO PRO AAA . n 
A 1 5   LEU 5   2   2   LEU LEU AAA . n 
A 1 6   LEU 6   3   3   LEU LEU AAA . n 
A 1 7   SER 7   4   4   SER SER AAA . n 
A 1 8   ALA 8   5   5   ALA ALA AAA . n 
A 1 9   SER 9   6   6   SER SER AAA . n 
A 1 10  ILE 10  7   7   ILE ILE AAA . n 
A 1 11  VAL 11  8   8   VAL VAL AAA . n 
A 1 12  SER 12  9   9   SER SER AAA . n 
A 1 13  ALA 13  10  10  ALA ALA AAA . n 
A 1 14  PRO 14  11  11  PRO PRO AAA . n 
A 1 15  VAL 15  12  12  VAL VAL AAA . n 
A 1 16  VAL 16  13  13  VAL VAL AAA . n 
A 1 17  THR 17  14  14  THR THR AAA . n 
A 1 18  SER 18  15  15  SER SER AAA . n 
A 1 19  GLU 19  16  16  GLU GLU AAA . n 
A 1 20  THR 20  17  17  THR THR AAA . n 
A 1 21  TYR 21  18  18  TYR TYR AAA . n 
A 1 22  VAL 22  19  19  VAL VAL AAA . n 
A 1 23  ASP 23  20  20  ASP ASP AAA . n 
A 1 24  ILE 24  21  21  ILE ILE AAA . n 
A 1 25  PRO 25  22  22  PRO PRO AAA . n 
A 1 26  GLY 26  23  23  GLY GLY AAA . n 
A 1 27  LEU 27  24  24  LEU LEU AAA . n 
A 1 28  TYR 28  25  25  TYR TYR AAA . n 
A 1 29  LEU 29  26  26  LEU LEU AAA . n 
A 1 30  ASP 30  27  27  ASP ASP AAA . n 
A 1 31  VAL 31  28  28  VAL VAL AAA . n 
A 1 32  ALA 32  29  29  ALA ALA AAA . n 
A 1 33  LYS 33  30  30  LYS LYS AAA . n 
A 1 34  ALA 34  31  31  ALA ALA AAA . n 
A 1 35  GLY 35  32  32  GLY GLY AAA . n 
A 1 36  ILE 36  33  33  ILE ILE AAA . n 
A 1 37  ARG 37  34  34  ARG ARG AAA . n 
A 1 38  ASP 38  35  35  ASP ASP AAA . n 
A 1 39  GLY 39  36  36  GLY GLY AAA . n 
A 1 40  LYS 40  37  37  LYS LYS AAA . n 
A 1 41  LEU 41  38  38  LEU LEU AAA . n 
A 1 42  GLN 42  39  39  GLN GLN AAA . n 
A 1 43  VAL 43  40  40  VAL VAL AAA . n 
A 1 44  ILE 44  41  41  ILE ILE AAA . n 
A 1 45  LEU 45  42  42  LEU LEU AAA . n 
A 1 46  ASN 46  43  43  ASN ASN AAA . n 
A 1 47  VAL 47  44  44  VAL VAL AAA . n 
A 1 48  PRO 48  45  45  PRO PRO AAA . n 
A 1 49  THR 49  46  46  THR THR AAA . n 
A 1 50  PRO 50  47  47  PRO PRO AAA . n 
A 1 51  TYR 51  48  48  TYR TYR AAA . n 
A 1 52  ALA 52  49  49  ALA ALA AAA . n 
A 1 53  THR 53  50  50  THR THR AAA . n 
A 1 54  GLY 54  51  51  GLY GLY AAA . n 
A 1 55  ASN 55  52  52  ASN ASN AAA . n 
A 1 56  ASN 56  53  53  ASN ASN AAA . n 
A 1 57  PHE 57  54  54  PHE PHE AAA . n 
A 1 58  PRO 58  55  55  PRO PRO AAA . n 
A 1 59  GLY 59  56  56  GLY GLY AAA . n 
A 1 60  ILE 60  57  57  ILE ILE AAA . n 
A 1 61  TYR 61  58  58  TYR TYR AAA . n 
A 1 62  PHE 62  59  59  PHE PHE AAA . n 
A 1 63  ALA 63  60  60  ALA ALA AAA . n 
A 1 64  ILE 64  61  61  ILE ILE AAA . n 
A 1 65  ALA 65  62  62  ALA ALA AAA . n 
A 1 66  THR 66  63  63  THR THR AAA . n 
A 1 67  ASN 67  64  64  ASN ASN AAA . n 
A 1 68  GLN 68  65  65  GLN GLN AAA . n 
A 1 69  GLY 69  66  66  GLY GLY AAA . n 
A 1 70  VAL 70  67  67  VAL VAL AAA . n 
A 1 71  VAL 71  68  68  VAL VAL AAA . n 
A 1 72  ALA 72  69  69  ALA ALA AAA . n 
A 1 73  ASP 73  70  70  ASP ASP AAA . n 
A 1 74  GLY 74  71  71  GLY GLY AAA . n 
A 1 75  CYS 75  72  72  CYS CYS AAA . n 
A 1 76  PHE 76  73  73  PHE PHE AAA . n 
A 1 77  THR 77  74  74  THR THR AAA . n 
A 1 78  TYR 78  75  75  TYR TYR AAA . n 
A 1 79  SER 79  76  76  SER SER AAA . n 
A 1 80  SER 80  77  77  SER SER AAA . n 
A 1 81  LYS 81  78  78  LYS LYS AAA . n 
A 1 82  VAL 82  79  79  VAL VAL AAA . n 
A 1 83  PRO 83  80  80  PRO PRO AAA . n 
A 1 84  GLU 84  81  81  GLU GLU AAA . n 
A 1 85  SER 85  82  82  SER SER AAA . n 
A 1 86  THR 86  83  83  THR THR AAA . n 
A 1 87  GLY 87  84  84  GLY GLY AAA . n 
A 1 88  ARG 88  85  85  ARG ARG AAA . n 
A 1 89  MET 89  86  86  MET MET AAA . n 
A 1 90  PRO 90  87  87  PRO PRO AAA . n 
A 1 91  PHE 91  88  88  PHE PHE AAA . n 
A 1 92  THR 92  89  89  THR THR AAA . n 
A 1 93  LEU 93  90  90  LEU LEU AAA . n 
A 1 94  VAL 94  91  91  VAL VAL AAA . n 
A 1 95  ALA 95  92  92  ALA ALA AAA . n 
A 1 96  THR 96  93  93  THR THR AAA . n 
A 1 97  ILE 97  94  94  ILE ILE AAA . n 
A 1 98  ASP 98  95  95  ASP ASP AAA . n 
A 1 99  VAL 99  96  96  VAL VAL AAA . n 
A 1 100 GLY 100 97  97  GLY GLY AAA . n 
A 1 101 SER 101 98  98  SER SER AAA . n 
A 1 102 GLY 102 99  99  GLY GLY AAA . n 
A 1 103 VAL 103 100 100 VAL VAL AAA . n 
A 1 104 THR 104 101 101 THR THR AAA . n 
A 1 105 PHE 105 102 102 PHE PHE AAA . n 
A 1 106 VAL 106 103 103 VAL VAL AAA . n 
A 1 107 LYS 107 104 104 LYS LYS AAA . n 
A 1 108 GLY 108 105 105 GLY GLY AAA . n 
A 1 109 GLN 109 106 106 GLN GLN AAA . n 
A 1 110 TRP 110 107 107 TRP TRP AAA . n 
A 1 111 LYS 111 108 108 LYS LYS AAA . n 
A 1 112 SER 112 109 109 SER SER AAA . n 
A 1 113 VAL 113 110 110 VAL VAL AAA . n 
A 1 114 ARG 114 111 111 ARG ARG AAA . n 
A 1 115 GLY 115 112 112 GLY GLY AAA . n 
A 1 116 SER 116 113 113 SER SER AAA . n 
A 1 117 ALA 117 114 114 ALA ALA AAA . n 
A 1 118 MET 118 115 115 MET MET AAA . n 
A 1 119 HIS 119 116 116 HIS HIS AAA . n 
A 1 120 ILE 120 117 117 ILE ILE AAA . n 
A 1 121 ASP 121 118 118 ASP ASP AAA . n 
A 1 122 SER 122 119 119 SER SER AAA . n 
A 1 123 TYR 123 120 120 TYR TYR AAA . n 
A 1 124 ALA 124 121 121 ALA ALA AAA . n 
A 1 125 SER 125 122 122 SER SER AAA . n 
A 1 126 LEU 126 123 123 LEU LEU AAA . n 
A 1 127 SER 127 124 124 SER SER AAA . n 
A 1 128 ALA 128 125 125 ALA ALA AAA . n 
A 1 129 ILE 129 126 126 ILE ILE AAA . n 
A 1 130 TRP 130 127 127 TRP TRP AAA . n 
A 1 131 GLY 131 128 128 GLY GLY AAA . n 
A 1 132 THR 132 129 129 THR THR AAA . n 
A 1 133 ALA 133 130 130 ALA ALA AAA . n 
A 1 134 ALA 134 131 131 ALA ALA AAA . n 
# 
loop_
_pdbx_nonpoly_scheme.asym_id 
_pdbx_nonpoly_scheme.entity_id 
_pdbx_nonpoly_scheme.mon_id 
_pdbx_nonpoly_scheme.ndb_seq_num 
_pdbx_nonpoly_scheme.pdb_seq_num 
_pdbx_nonpoly_scheme.auth_seq_num 
_pdbx_nonpoly_scheme.pdb_mon_id 
_pdbx_nonpoly_scheme.auth_mon_id 
_pdbx_nonpoly_scheme.pdb_strand_id 
_pdbx_nonpoly_scheme.pdb_ins_code 
B 2 VJT 1  201 201 VJT LIG AAA . 
C 3 HOH 1  301 58  HOH HOH AAA . 
C 3 HOH 2  302 59  HOH HOH AAA . 
C 3 HOH 3  303 106 HOH HOH AAA . 
C 3 HOH 4  304 39  HOH HOH AAA . 
C 3 HOH 5  305 30  HOH HOH AAA . 
C 3 HOH 6  306 10  HOH HOH AAA . 
C 3 HOH 7  307 68  HOH HOH AAA . 
C 3 HOH 8  308 69  HOH HOH AAA . 
C 3 HOH 9  309 25  HOH HOH AAA . 
C 3 HOH 10 310 63  HOH HOH AAA . 
C 3 HOH 11 311 26  HOH HOH AAA . 
C 3 HOH 12 312 40  HOH HOH AAA . 
C 3 HOH 13 313 70  HOH HOH AAA . 
C 3 HOH 14 314 28  HOH HOH AAA . 
C 3 HOH 15 315 64  HOH HOH AAA . 
C 3 HOH 16 316 20  HOH HOH AAA . 
C 3 HOH 17 317 1   HOH HOH AAA . 
C 3 HOH 18 318 9   HOH HOH AAA . 
C 3 HOH 19 319 27  HOH HOH AAA . 
C 3 HOH 20 320 79  HOH HOH AAA . 
C 3 HOH 21 321 31  HOH HOH AAA . 
C 3 HOH 22 322 11  HOH HOH AAA . 
C 3 HOH 23 323 97  HOH HOH AAA . 
C 3 HOH 24 324 24  HOH HOH AAA . 
C 3 HOH 25 325 99  HOH HOH AAA . 
C 3 HOH 26 326 94  HOH HOH AAA . 
C 3 HOH 27 327 7   HOH HOH AAA . 
C 3 HOH 28 328 3   HOH HOH AAA . 
C 3 HOH 29 329 13  HOH HOH AAA . 
C 3 HOH 30 330 84  HOH HOH AAA . 
C 3 HOH 31 331 51  HOH HOH AAA . 
C 3 HOH 32 332 52  HOH HOH AAA . 
C 3 HOH 33 333 47  HOH HOH AAA . 
C 3 HOH 34 334 18  HOH HOH AAA . 
C 3 HOH 35 335 2   HOH HOH AAA . 
C 3 HOH 36 336 6   HOH HOH AAA . 
C 3 HOH 37 337 23  HOH HOH AAA . 
C 3 HOH 38 338 48  HOH HOH AAA . 
C 3 HOH 39 339 34  HOH HOH AAA . 
C 3 HOH 40 340 35  HOH HOH AAA . 
C 3 HOH 41 341 43  HOH HOH AAA . 
C 3 HOH 42 342 60  HOH HOH AAA . 
C 3 HOH 43 343 57  HOH HOH AAA . 
C 3 HOH 44 344 85  HOH HOH AAA . 
C 3 HOH 45 345 17  HOH HOH AAA . 
C 3 HOH 46 346 21  HOH HOH AAA . 
C 3 HOH 47 347 66  HOH HOH AAA . 
C 3 HOH 48 348 5   HOH HOH AAA . 
C 3 HOH 49 349 41  HOH HOH AAA . 
C 3 HOH 50 350 19  HOH HOH AAA . 
C 3 HOH 51 351 15  HOH HOH AAA . 
C 3 HOH 52 352 22  HOH HOH AAA . 
C 3 HOH 53 353 96  HOH HOH AAA . 
C 3 HOH 54 354 102 HOH HOH AAA . 
C 3 HOH 55 355 14  HOH HOH AAA . 
C 3 HOH 56 356 50  HOH HOH AAA . 
C 3 HOH 57 357 76  HOH HOH AAA . 
C 3 HOH 58 358 67  HOH HOH AAA . 
C 3 HOH 59 359 101 HOH HOH AAA . 
C 3 HOH 60 360 45  HOH HOH AAA . 
C 3 HOH 61 361 104 HOH HOH AAA . 
C 3 HOH 62 362 49  HOH HOH AAA . 
C 3 HOH 63 363 37  HOH HOH AAA . 
C 3 HOH 64 364 16  HOH HOH AAA . 
C 3 HOH 65 365 100 HOH HOH AAA . 
C 3 HOH 66 366 42  HOH HOH AAA . 
C 3 HOH 67 367 90  HOH HOH AAA . 
C 3 HOH 68 368 4   HOH HOH AAA . 
C 3 HOH 69 369 95  HOH HOH AAA . 
C 3 HOH 70 370 46  HOH HOH AAA . 
C 3 HOH 71 371 29  HOH HOH AAA . 
C 3 HOH 72 372 32  HOH HOH AAA . 
C 3 HOH 73 373 56  HOH HOH AAA . 
C 3 HOH 74 374 33  HOH HOH AAA . 
C 3 HOH 75 375 36  HOH HOH AAA . 
C 3 HOH 76 376 12  HOH HOH AAA . 
C 3 HOH 77 377 8   HOH HOH AAA . 
C 3 HOH 78 378 72  HOH HOH AAA . 
C 3 HOH 79 379 105 HOH HOH AAA . 
C 3 HOH 80 380 89  HOH HOH AAA . 
C 3 HOH 81 381 62  HOH HOH AAA . 
C 3 HOH 82 382 86  HOH HOH AAA . 
C 3 HOH 83 383 87  HOH HOH AAA . 
C 3 HOH 84 384 80  HOH HOH AAA . 
C 3 HOH 85 385 77  HOH HOH AAA . 
C 3 HOH 86 386 78  HOH HOH AAA . 
C 3 HOH 87 387 61  HOH HOH AAA . 
C 3 HOH 88 388 73  HOH HOH AAA . 
C 3 HOH 89 389 103 HOH HOH AAA . 
C 3 HOH 90 390 55  HOH HOH AAA . 
C 3 HOH 91 391 82  HOH HOH AAA . 
C 3 HOH 92 392 74  HOH HOH AAA . 
C 3 HOH 93 393 92  HOH HOH AAA . 
C 3 HOH 94 394 38  HOH HOH AAA . 
C 3 HOH 95 395 53  HOH HOH AAA . 
C 3 HOH 96 396 98  HOH HOH AAA . 
C 3 HOH 97 397 93  HOH HOH AAA . 
C 3 HOH 98 398 81  HOH HOH AAA . 
C 3 HOH 99 399 75  HOH HOH AAA . 
# 
loop_
_pdbx_unobs_or_zero_occ_atoms.id 
_pdbx_unobs_or_zero_occ_atoms.PDB_model_num 
_pdbx_unobs_or_zero_occ_atoms.polymer_flag 
_pdbx_unobs_or_zero_occ_atoms.occupancy_flag 
_pdbx_unobs_or_zero_occ_atoms.auth_asym_id 
_pdbx_unobs_or_zero_occ_atoms.auth_comp_id 
_pdbx_unobs_or_zero_occ_atoms.auth_seq_id 
_pdbx_unobs_or_zero_occ_atoms.PDB_ins_code 
_pdbx_unobs_or_zero_occ_atoms.auth_atom_id 
_pdbx_unobs_or_zero_occ_atoms.label_alt_id 
_pdbx_unobs_or_zero_occ_atoms.label_asym_id 
_pdbx_unobs_or_zero_occ_atoms.label_comp_id 
_pdbx_unobs_or_zero_occ_atoms.label_seq_id 
_pdbx_unobs_or_zero_occ_atoms.label_atom_id 
1 1 Y 1 AAA HIS -1 ? CG  ? A HIS 2 CG  
2 1 Y 1 AAA HIS -1 ? ND1 ? A HIS 2 ND1 
3 1 Y 1 AAA HIS -1 ? CD2 ? A HIS 2 CD2 
4 1 Y 1 AAA HIS -1 ? CE1 ? A HIS 2 CE1 
5 1 Y 1 AAA HIS -1 ? NE2 ? A HIS 2 NE2 
# 
loop_
_software.citation_id 
_software.classification 
_software.compiler_name 
_software.compiler_version 
_software.contact_author 
_software.contact_author_email 
_software.date 
_software.description 
_software.dependencies 
_software.hardware 
_software.language 
_software.location 
_software.mods 
_software.name 
_software.os 
_software.os_version 
_software.type 
_software.version 
_software.pdbx_ordinal 
? refinement       ? ? ? ? ? ? ? ? ? ? ? REFMAC  ? ? ? 5.8.0267 1 
? 'data reduction' ? ? ? ? ? ? ? ? ? ? ? XDS     ? ? ? .        2 
? 'data scaling'   ? ? ? ? ? ? ? ? ? ? ? Aimless ? ? ? .        3 
? phasing          ? ? ? ? ? ? ? ? ? ? ? PHASER  ? ? ? .        4 
# 
_cell.angle_alpha                  90.000 
_cell.angle_alpha_esd              ? 
_cell.angle_beta                   90.000 
_cell.angle_beta_esd               ? 
_cell.angle_gamma                  120.000 
_cell.angle_gamma_esd              ? 
_cell.entry_id                     7OLU 
_cell.details                      ? 
_cell.formula_units_Z              ? 
_cell.length_a                     43.954 
_cell.length_a_esd                 ? 
_cell.length_b                     43.954 
_cell.length_b_esd                 ? 
_cell.length_c                     94.138 
_cell.length_c_esd                 ? 
_cell.volume                       ? 
_cell.volume_esd                   ? 
_cell.Z_PDB                        6 
_cell.reciprocal_angle_alpha       ? 
_cell.reciprocal_angle_beta        ? 
_cell.reciprocal_angle_gamma       ? 
_cell.reciprocal_angle_alpha_esd   ? 
_cell.reciprocal_angle_beta_esd    ? 
_cell.reciprocal_angle_gamma_esd   ? 
_cell.reciprocal_length_a          ? 
_cell.reciprocal_length_b          ? 
_cell.reciprocal_length_c          ? 
_cell.reciprocal_length_a_esd      ? 
_cell.reciprocal_length_b_esd      ? 
_cell.reciprocal_length_c_esd      ? 
_cell.pdbx_unique_axis             ? 
# 
_symmetry.entry_id                         7OLU 
_symmetry.cell_setting                     ? 
_symmetry.Int_Tables_number                173 
_symmetry.space_group_name_Hall            ? 
_symmetry.space_group_name_H-M             'P 63' 
_symmetry.pdbx_full_space_group_name_H-M   ? 
# 
_exptl.absorpt_coefficient_mu     ? 
_exptl.absorpt_correction_T_max   ? 
_exptl.absorpt_correction_T_min   ? 
_exptl.absorpt_correction_type    ? 
_exptl.absorpt_process_details    ? 
_exptl.entry_id                   7OLU 
_exptl.crystals_number            1 
_exptl.details                    ? 
_exptl.method                     'X-RAY DIFFRACTION' 
_exptl.method_details             ? 
# 
_exptl_crystal.colour                      ? 
_exptl_crystal.density_diffrn              ? 
_exptl_crystal.density_Matthews            1.87 
_exptl_crystal.density_method              ? 
_exptl_crystal.density_percent_sol         34.35 
_exptl_crystal.description                 ? 
_exptl_crystal.F_000                       ? 
_exptl_crystal.id                          1 
_exptl_crystal.preparation                 ? 
_exptl_crystal.size_max                    ? 
_exptl_crystal.size_mid                    ? 
_exptl_crystal.size_min                    ? 
_exptl_crystal.size_rad                    ? 
_exptl_crystal.colour_lustre               ? 
_exptl_crystal.colour_modifier             ? 
_exptl_crystal.colour_primary              ? 
_exptl_crystal.density_meas                ? 
_exptl_crystal.density_meas_esd            ? 
_exptl_crystal.density_meas_gt             ? 
_exptl_crystal.density_meas_lt             ? 
_exptl_crystal.density_meas_temp           ? 
_exptl_crystal.density_meas_temp_esd       ? 
_exptl_crystal.density_meas_temp_gt        ? 
_exptl_crystal.density_meas_temp_lt        ? 
_exptl_crystal.pdbx_crystal_image_url      ? 
_exptl_crystal.pdbx_crystal_image_format   ? 
_exptl_crystal.pdbx_mosaicity              ? 
_exptl_crystal.pdbx_mosaicity_esd          ? 
# 
_exptl_crystal_grow.apparatus       ? 
_exptl_crystal_grow.atmosphere      ? 
_exptl_crystal_grow.crystal_id      1 
_exptl_crystal_grow.details         ? 
_exptl_crystal_grow.method          'VAPOR DIFFUSION, HANGING DROP' 
_exptl_crystal_grow.method_ref      ? 
_exptl_crystal_grow.pH              7.0 
_exptl_crystal_grow.pressure        ? 
_exptl_crystal_grow.pressure_esd    ? 
_exptl_crystal_grow.seeding         ? 
_exptl_crystal_grow.seeding_ref     ? 
_exptl_crystal_grow.temp            292 
_exptl_crystal_grow.temp_details    ? 
_exptl_crystal_grow.temp_esd        ? 
_exptl_crystal_grow.time            ? 
_exptl_crystal_grow.pdbx_details    'sodium citrate 1.2M' 
_exptl_crystal_grow.pdbx_pH_range   ? 
# 
_diffrn.ambient_environment              ? 
_diffrn.ambient_temp                     100 
_diffrn.ambient_temp_details             ? 
_diffrn.ambient_temp_esd                 ? 
_diffrn.crystal_id                       1 
_diffrn.crystal_support                  ? 
_diffrn.crystal_treatment                ? 
_diffrn.details                          ? 
_diffrn.id                               1 
_diffrn.ambient_pressure                 ? 
_diffrn.ambient_pressure_esd             ? 
_diffrn.ambient_pressure_gt              ? 
_diffrn.ambient_pressure_lt              ? 
_diffrn.ambient_temp_gt                  ? 
_diffrn.ambient_temp_lt                  ? 
_diffrn.pdbx_serial_crystal_experiment   N 
# 
_diffrn_detector.details                      ? 
_diffrn_detector.detector                     PIXEL 
_diffrn_detector.diffrn_id                    1 
_diffrn_detector.type                         'DECTRIS EIGER X 9M' 
_diffrn_detector.area_resol_mean              ? 
_diffrn_detector.dtime                        ? 
_diffrn_detector.pdbx_frames_total            ? 
_diffrn_detector.pdbx_collection_time_total   ? 
_diffrn_detector.pdbx_collection_date         2020-09-05 
_diffrn_detector.pdbx_frequency               ? 
# 
_diffrn_radiation.collimation                      ? 
_diffrn_radiation.diffrn_id                        1 
_diffrn_radiation.filter_edge                      ? 
_diffrn_radiation.inhomogeneity                    ? 
_diffrn_radiation.monochromator                    ? 
_diffrn_radiation.polarisn_norm                    ? 
_diffrn_radiation.polarisn_ratio                   ? 
_diffrn_radiation.probe                            ? 
_diffrn_radiation.type                             ? 
_diffrn_radiation.xray_symbol                      ? 
_diffrn_radiation.wavelength_id                    1 
_diffrn_radiation.pdbx_monochromatic_or_laue_m_l   M 
_diffrn_radiation.pdbx_wavelength_list             ? 
_diffrn_radiation.pdbx_wavelength                  ? 
_diffrn_radiation.pdbx_diffrn_protocol             'SINGLE WAVELENGTH' 
_diffrn_radiation.pdbx_analyzer                    ? 
_diffrn_radiation.pdbx_scattering_type             x-ray 
# 
_diffrn_radiation_wavelength.id           1 
_diffrn_radiation_wavelength.wavelength   0.980 
_diffrn_radiation_wavelength.wt           1.0 
# 
_diffrn_source.current                     ? 
_diffrn_source.details                     ? 
_diffrn_source.diffrn_id                   1 
_diffrn_source.power                       ? 
_diffrn_source.size                        ? 
_diffrn_source.source                      SYNCHROTRON 
_diffrn_source.target                      ? 
_diffrn_source.type                        'SOLEIL BEAMLINE PROXIMA 2' 
_diffrn_source.voltage                     ? 
_diffrn_source.take-off_angle              ? 
_diffrn_source.pdbx_wavelength_list        0.980 
_diffrn_source.pdbx_wavelength             ? 
_diffrn_source.pdbx_synchrotron_beamline   'PROXIMA 2' 
_diffrn_source.pdbx_synchrotron_site       SOLEIL 
# 
_reflns.B_iso_Wilson_estimate                          20.9 
_reflns.entry_id                                       7OLU 
_reflns.data_reduction_details                         ? 
_reflns.data_reduction_method                          ? 
_reflns.d_resolution_high                              1.79 
_reflns.d_resolution_low                               47.07 
_reflns.details                                        ? 
_reflns.limit_h_max                                    ? 
_reflns.limit_h_min                                    ? 
_reflns.limit_k_max                                    ? 
_reflns.limit_k_min                                    ? 
_reflns.limit_l_max                                    ? 
_reflns.limit_l_min                                    ? 
_reflns.number_all                                     ? 
_reflns.number_obs                                     9696 
_reflns.observed_criterion                             ? 
_reflns.observed_criterion_F_max                       ? 
_reflns.observed_criterion_F_min                       ? 
_reflns.observed_criterion_I_max                       ? 
_reflns.observed_criterion_I_min                       ? 
_reflns.observed_criterion_sigma_F                     ? 
_reflns.observed_criterion_sigma_I                     ? 
_reflns.percent_possible_obs                           99.7 
_reflns.R_free_details                                 ? 
_reflns.Rmerge_F_all                                   ? 
_reflns.Rmerge_F_obs                                   ? 
_reflns.Friedel_coverage                               ? 
_reflns.number_gt                                      ? 
_reflns.threshold_expression                           ? 
_reflns.pdbx_redundancy                                20.2 
_reflns.pdbx_Rmerge_I_obs                              0.039 
_reflns.pdbx_Rmerge_I_all                              ? 
_reflns.pdbx_Rsym_value                                ? 
_reflns.pdbx_netI_over_av_sigmaI                       ? 
_reflns.pdbx_netI_over_sigmaI                          49.1 
_reflns.pdbx_res_netI_over_av_sigmaI_2                 ? 
_reflns.pdbx_res_netI_over_sigmaI_2                    ? 
_reflns.pdbx_chi_squared                               ? 
_reflns.pdbx_scaling_rejects                           ? 
_reflns.pdbx_d_res_high_opt                            ? 
_reflns.pdbx_d_res_low_opt                             ? 
_reflns.pdbx_d_res_opt_method                          ? 
_reflns.phase_calculation_details                      ? 
_reflns.pdbx_Rrim_I_all                                0.041 
_reflns.pdbx_Rpim_I_all                                0.013 
_reflns.pdbx_d_opt                                     ? 
_reflns.pdbx_number_measured_all                       ? 
_reflns.pdbx_diffrn_id                                 1 
_reflns.pdbx_ordinal                                   1 
_reflns.pdbx_CC_half                                   1.000 
_reflns.pdbx_CC_star                                   ? 
_reflns.pdbx_R_split                                   ? 
_reflns.pdbx_aniso_diffraction_limit_axis_1_ortho[1]   ? 
_reflns.pdbx_aniso_diffraction_limit_axis_1_ortho[2]   ? 
_reflns.pdbx_aniso_diffraction_limit_axis_1_ortho[3]   ? 
_reflns.pdbx_aniso_diffraction_limit_axis_2_ortho[1]   ? 
_reflns.pdbx_aniso_diffraction_limit_axis_2_ortho[2]   ? 
_reflns.pdbx_aniso_diffraction_limit_axis_2_ortho[3]   ? 
_reflns.pdbx_aniso_diffraction_limit_axis_3_ortho[1]   ? 
_reflns.pdbx_aniso_diffraction_limit_axis_3_ortho[2]   ? 
_reflns.pdbx_aniso_diffraction_limit_axis_3_ortho[3]   ? 
_reflns.pdbx_aniso_diffraction_limit_1                 ? 
_reflns.pdbx_aniso_diffraction_limit_2                 ? 
_reflns.pdbx_aniso_diffraction_limit_3                 ? 
_reflns.pdbx_aniso_B_tensor_eigenvector_1_ortho[1]     ? 
_reflns.pdbx_aniso_B_tensor_eigenvector_1_ortho[2]     ? 
_reflns.pdbx_aniso_B_tensor_eigenvector_1_ortho[3]     ? 
_reflns.pdbx_aniso_B_tensor_eigenvector_2_ortho[1]     ? 
_reflns.pdbx_aniso_B_tensor_eigenvector_2_ortho[2]     ? 
_reflns.pdbx_aniso_B_tensor_eigenvector_2_ortho[3]     ? 
_reflns.pdbx_aniso_B_tensor_eigenvector_3_ortho[1]     ? 
_reflns.pdbx_aniso_B_tensor_eigenvector_3_ortho[2]     ? 
_reflns.pdbx_aniso_B_tensor_eigenvector_3_ortho[3]     ? 
_reflns.pdbx_aniso_B_tensor_eigenvalue_1               ? 
_reflns.pdbx_aniso_B_tensor_eigenvalue_2               ? 
_reflns.pdbx_aniso_B_tensor_eigenvalue_3               ? 
_reflns.pdbx_orthogonalization_convention              ? 
_reflns.pdbx_percent_possible_ellipsoidal              ? 
_reflns.pdbx_percent_possible_spherical                ? 
_reflns.pdbx_percent_possible_ellipsoidal_anomalous    ? 
_reflns.pdbx_percent_possible_spherical_anomalous      ? 
_reflns.pdbx_redundancy_anomalous                      ? 
_reflns.pdbx_CC_half_anomalous                         ? 
_reflns.pdbx_absDiff_over_sigma_anomalous              ? 
_reflns.pdbx_percent_possible_anomalous                ? 
_reflns.pdbx_observed_signal_threshold                 ? 
_reflns.pdbx_signal_type                               ? 
_reflns.pdbx_signal_details                            ? 
_reflns.pdbx_signal_software_id                        ? 
# 
_reflns_shell.d_res_high                                    1.79 
_reflns_shell.d_res_low                                     1.83 
_reflns_shell.meanI_over_sigI_all                           ? 
_reflns_shell.meanI_over_sigI_obs                           11.1 
_reflns_shell.number_measured_all                           ? 
_reflns_shell.number_measured_obs                           ? 
_reflns_shell.number_possible                               ? 
_reflns_shell.number_unique_all                             ? 
_reflns_shell.number_unique_obs                             563 
_reflns_shell.percent_possible_all                          95.4 
_reflns_shell.percent_possible_obs                          ? 
_reflns_shell.Rmerge_F_all                                  ? 
_reflns_shell.Rmerge_F_obs                                  ? 
_reflns_shell.Rmerge_I_all                                  ? 
_reflns_shell.Rmerge_I_obs                                  0.228 
_reflns_shell.meanI_over_sigI_gt                            ? 
_reflns_shell.meanI_over_uI_all                             ? 
_reflns_shell.meanI_over_uI_gt                              ? 
_reflns_shell.number_measured_gt                            ? 
_reflns_shell.number_unique_gt                              ? 
_reflns_shell.percent_possible_gt                           ? 
_reflns_shell.Rmerge_F_gt                                   ? 
_reflns_shell.Rmerge_I_gt                                   ? 
_reflns_shell.pdbx_redundancy                               17.2 
_reflns_shell.pdbx_Rsym_value                               ? 
_reflns_shell.pdbx_chi_squared                              ? 
_reflns_shell.pdbx_netI_over_sigmaI_all                     ? 
_reflns_shell.pdbx_netI_over_sigmaI_obs                     ? 
_reflns_shell.pdbx_Rrim_I_all                               0.241 
_reflns_shell.pdbx_Rpim_I_all                               0.077 
_reflns_shell.pdbx_rejects                                  ? 
_reflns_shell.pdbx_ordinal                                  1 
_reflns_shell.pdbx_diffrn_id                                1 
_reflns_shell.pdbx_CC_half                                  0.990 
_reflns_shell.pdbx_CC_star                                  ? 
_reflns_shell.pdbx_R_split                                  ? 
_reflns_shell.pdbx_percent_possible_ellipsoidal             ? 
_reflns_shell.pdbx_percent_possible_spherical               ? 
_reflns_shell.pdbx_percent_possible_ellipsoidal_anomalous   ? 
_reflns_shell.pdbx_percent_possible_spherical_anomalous     ? 
_reflns_shell.pdbx_redundancy_anomalous                     ? 
_reflns_shell.pdbx_CC_half_anomalous                        ? 
_reflns_shell.pdbx_absDiff_over_sigma_anomalous             ? 
_reflns_shell.pdbx_percent_possible_anomalous               ? 
# 
_refine.aniso_B[1][1]                            -5.611 
_refine.aniso_B[1][2]                            0.000 
_refine.aniso_B[1][3]                            -0.000 
_refine.aniso_B[2][2]                            -5.611 
_refine.aniso_B[2][3]                            -0.000 
_refine.aniso_B[3][3]                            11.222 
_refine.B_iso_max                                ? 
_refine.B_iso_mean                               25.797 
_refine.B_iso_min                                ? 
_refine.correlation_coeff_Fo_to_Fc               0.977 
_refine.correlation_coeff_Fo_to_Fc_free          0.961 
_refine.details                                  'Hydrogens have been added in their riding positions' 
_refine.diff_density_max                         ? 
_refine.diff_density_max_esd                     ? 
_refine.diff_density_min                         ? 
_refine.diff_density_min_esd                     ? 
_refine.diff_density_rms                         ? 
_refine.diff_density_rms_esd                     ? 
_refine.entry_id                                 7OLU 
_refine.pdbx_refine_id                           'X-RAY DIFFRACTION' 
_refine.ls_abs_structure_details                 ? 
_refine.ls_abs_structure_Flack                   ? 
_refine.ls_abs_structure_Flack_esd               ? 
_refine.ls_abs_structure_Rogers                  ? 
_refine.ls_abs_structure_Rogers_esd              ? 
_refine.ls_d_res_high                            1.793 
_refine.ls_d_res_low                             38.065 
_refine.ls_extinction_coef                       ? 
_refine.ls_extinction_coef_esd                   ? 
_refine.ls_extinction_expression                 ? 
_refine.ls_extinction_method                     ? 
_refine.ls_goodness_of_fit_all                   ? 
_refine.ls_goodness_of_fit_all_esd               ? 
_refine.ls_goodness_of_fit_obs                   ? 
_refine.ls_goodness_of_fit_obs_esd               ? 
_refine.ls_hydrogen_treatment                    ? 
_refine.ls_matrix_type                           ? 
_refine.ls_number_constraints                    ? 
_refine.ls_number_parameters                     ? 
_refine.ls_number_reflns_all                     ? 
_refine.ls_number_reflns_obs                     9670 
_refine.ls_number_reflns_R_free                  454 
_refine.ls_number_reflns_R_work                  9216 
_refine.ls_number_restraints                     ? 
_refine.ls_percent_reflns_obs                    99.660 
_refine.ls_percent_reflns_R_free                 4.695 
_refine.ls_R_factor_all                          0.142 
_refine.ls_R_factor_obs                          ? 
_refine.ls_R_factor_R_free                       0.1942 
_refine.ls_R_factor_R_free_error                 ? 
_refine.ls_R_factor_R_free_error_details         ? 
_refine.ls_R_factor_R_work                       0.1396 
_refine.ls_R_Fsqd_factor_obs                     ? 
_refine.ls_R_I_factor_obs                        ? 
_refine.ls_redundancy_reflns_all                 ? 
_refine.ls_redundancy_reflns_obs                 ? 
_refine.ls_restrained_S_all                      ? 
_refine.ls_restrained_S_obs                      ? 
_refine.ls_shift_over_esd_max                    ? 
_refine.ls_shift_over_esd_mean                   ? 
_refine.ls_structure_factor_coef                 ? 
_refine.ls_weighting_details                     ? 
_refine.ls_weighting_scheme                      ? 
_refine.ls_wR_factor_all                         ? 
_refine.ls_wR_factor_obs                         ? 
_refine.ls_wR_factor_R_free                      ? 
_refine.ls_wR_factor_R_work                      ? 
_refine.occupancy_max                            ? 
_refine.occupancy_min                            ? 
_refine.solvent_model_details                    'MASK BULK SOLVENT' 
_refine.solvent_model_param_bsol                 ? 
_refine.solvent_model_param_ksol                 ? 
_refine.pdbx_R_complete                          ? 
_refine.ls_R_factor_gt                           ? 
_refine.ls_goodness_of_fit_gt                    ? 
_refine.ls_goodness_of_fit_ref                   ? 
_refine.ls_shift_over_su_max                     ? 
_refine.ls_shift_over_su_max_lt                  ? 
_refine.ls_shift_over_su_mean                    ? 
_refine.ls_shift_over_su_mean_lt                 ? 
_refine.pdbx_ls_sigma_I                          ? 
_refine.pdbx_ls_sigma_F                          ? 
_refine.pdbx_ls_sigma_Fsqd                       ? 
_refine.pdbx_data_cutoff_high_absF               ? 
_refine.pdbx_data_cutoff_high_rms_absF           ? 
_refine.pdbx_data_cutoff_low_absF                ? 
_refine.pdbx_isotropic_thermal_model             ? 
_refine.pdbx_ls_cross_valid_method               'FREE R-VALUE' 
_refine.pdbx_method_to_determine_struct          'MOLECULAR REPLACEMENT' 
_refine.pdbx_starting_model                      2wq4 
_refine.pdbx_stereochemistry_target_values       ? 
_refine.pdbx_R_Free_selection_details            ? 
_refine.pdbx_stereochem_target_val_spec_case     ? 
_refine.pdbx_overall_ESU_R                       0.026 
_refine.pdbx_overall_ESU_R_Free                  0.026 
_refine.pdbx_solvent_vdw_probe_radii             1.200 
_refine.pdbx_solvent_ion_probe_radii             0.800 
_refine.pdbx_solvent_shrinkage_radii             0.800 
_refine.pdbx_real_space_R                        ? 
_refine.pdbx_density_correlation                 ? 
_refine.pdbx_pd_number_of_powder_patterns        ? 
_refine.pdbx_pd_number_of_points                 ? 
_refine.pdbx_pd_meas_number_of_points            ? 
_refine.pdbx_pd_proc_ls_prof_R_factor            ? 
_refine.pdbx_pd_proc_ls_prof_wR_factor           ? 
_refine.pdbx_pd_Marquardt_correlation_coeff      ? 
_refine.pdbx_pd_Fsqrd_R_factor                   ? 
_refine.pdbx_pd_ls_matrix_band_width             ? 
_refine.pdbx_overall_phase_error                 ? 
_refine.pdbx_overall_SU_R_free_Cruickshank_DPI   ? 
_refine.pdbx_overall_SU_R_free_Blow_DPI          ? 
_refine.pdbx_overall_SU_R_Blow_DPI               ? 
_refine.pdbx_TLS_residual_ADP_flag               ? 
_refine.pdbx_diffrn_id                           1 
_refine.overall_SU_B                             2.736 
_refine.overall_SU_ML                            0.085 
_refine.overall_SU_R_Cruickshank_DPI             ? 
_refine.overall_SU_R_free                        ? 
_refine.overall_FOM_free_R_set                   ? 
_refine.overall_FOM_work_R_set                   ? 
_refine.pdbx_average_fsc_overall                 ? 
_refine.pdbx_average_fsc_work                    ? 
_refine.pdbx_average_fsc_free                    ? 
# 
_refine_hist.pdbx_refine_id                   'X-RAY DIFFRACTION' 
_refine_hist.cycle_id                         LAST 
_refine_hist.pdbx_number_atoms_protein        978 
_refine_hist.pdbx_number_atoms_nucleic_acid   0 
_refine_hist.pdbx_number_atoms_ligand         23 
_refine_hist.number_atoms_solvent             99 
_refine_hist.number_atoms_total               1100 
_refine_hist.d_res_high                       1.793 
_refine_hist.d_res_low                        38.065 
# 
loop_
_refine_ls_restr.pdbx_refine_id 
_refine_ls_restr.criterion 
_refine_ls_restr.dev_ideal 
_refine_ls_restr.dev_ideal_target 
_refine_ls_restr.number 
_refine_ls_restr.rejects 
_refine_ls_restr.type 
_refine_ls_restr.weight 
_refine_ls_restr.pdbx_restraint_function 
'X-RAY DIFFRACTION' ? 0.016  0.013  1025 ? r_bond_refined_d               ? ? 
'X-RAY DIFFRACTION' ? 0.001  0.017  971  ? r_bond_other_d                 ? ? 
'X-RAY DIFFRACTION' ? 1.825  1.640  1405 ? r_angle_refined_deg            ? ? 
'X-RAY DIFFRACTION' ? 1.530  1.570  2232 ? r_angle_other_deg              ? ? 
'X-RAY DIFFRACTION' ? 8.145  5.000  132  ? r_dihedral_angle_1_deg         ? ? 
'X-RAY DIFFRACTION' ? 34.580 22.571 35   ? r_dihedral_angle_2_deg         ? ? 
'X-RAY DIFFRACTION' ? 11.879 15.000 146  ? r_dihedral_angle_3_deg         ? ? 
'X-RAY DIFFRACTION' ? 19.337 15.000 3    ? r_dihedral_angle_4_deg         ? ? 
'X-RAY DIFFRACTION' ? 0.090  0.200  146  ? r_chiral_restr                 ? ? 
'X-RAY DIFFRACTION' ? 0.012  0.020  1146 ? r_gen_planes_refined           ? ? 
'X-RAY DIFFRACTION' ? 0.001  0.020  220  ? r_gen_planes_other             ? ? 
'X-RAY DIFFRACTION' ? 0.196  0.200  139  ? r_nbd_refined                  ? ? 
'X-RAY DIFFRACTION' ? 0.202  0.200  828  ? r_symmetry_nbd_other           ? ? 
'X-RAY DIFFRACTION' ? 0.173  0.200  505  ? r_nbtor_refined                ? ? 
'X-RAY DIFFRACTION' ? 0.089  0.200  474  ? r_symmetry_nbtor_other         ? ? 
'X-RAY DIFFRACTION' ? 0.178  0.200  69   ? r_xyhbond_nbd_refined          ? ? 
'X-RAY DIFFRACTION' ? 0.151  0.200  12   ? r_symmetry_nbd_refined         ? ? 
'X-RAY DIFFRACTION' ? 0.184  0.200  72   ? r_nbd_other                    ? ? 
'X-RAY DIFFRACTION' ? 0.242  0.200  18   ? r_symmetry_xyhbond_nbd_refined ? ? 
'X-RAY DIFFRACTION' ? 2.983  2.568  531  ? r_mcbond_it                    ? ? 
'X-RAY DIFFRACTION' ? 2.972  2.566  530  ? r_mcbond_other                 ? ? 
'X-RAY DIFFRACTION' ? 4.023  3.844  662  ? r_mcangle_it                   ? ? 
'X-RAY DIFFRACTION' ? 4.021  3.847  663  ? r_mcangle_other                ? ? 
'X-RAY DIFFRACTION' ? 3.640  2.819  494  ? r_scbond_it                    ? ? 
'X-RAY DIFFRACTION' ? 3.638  2.823  495  ? r_scbond_other                 ? ? 
'X-RAY DIFFRACTION' ? 5.156  4.118  743  ? r_scangle_it                   ? ? 
'X-RAY DIFFRACTION' ? 5.152  4.122  744  ? r_scangle_other                ? ? 
'X-RAY DIFFRACTION' ? 6.578  31.345 1075 ? r_lrange_it                    ? ? 
'X-RAY DIFFRACTION' ? 6.564  31.036 1060 ? r_lrange_other                 ? ? 
# 
loop_
_refine_ls_shell.pdbx_refine_id 
_refine_ls_shell.d_res_high 
_refine_ls_shell.d_res_low 
_refine_ls_shell.number_reflns_all 
_refine_ls_shell.number_reflns_obs 
_refine_ls_shell.number_reflns_R_free 
_refine_ls_shell.number_reflns_R_work 
_refine_ls_shell.percent_reflns_obs 
_refine_ls_shell.percent_reflns_R_free 
_refine_ls_shell.R_factor_all 
_refine_ls_shell.R_factor_obs 
_refine_ls_shell.R_factor_R_free 
_refine_ls_shell.R_factor_R_free_error 
_refine_ls_shell.R_factor_R_work 
_refine_ls_shell.redundancy_reflns_all 
_refine_ls_shell.redundancy_reflns_obs 
_refine_ls_shell.wR_factor_all 
_refine_ls_shell.wR_factor_obs 
_refine_ls_shell.wR_factor_R_free 
_refine_ls_shell.wR_factor_R_work 
_refine_ls_shell.pdbx_R_complete 
_refine_ls_shell.pdbx_total_number_of_bins_used 
_refine_ls_shell.pdbx_phase_error 
_refine_ls_shell.pdbx_fsc_work 
_refine_ls_shell.pdbx_fsc_free 
'X-RAY DIFFRACTION' 1.793 1.840  . . 26 685 96.2111  . . . 0.286 . 0.207 . . . . . . . . . . . 
'X-RAY DIFFRACTION' 1.840 1.890  . . 29 647 100.0000 . . . 0.269 . 0.172 . . . . . . . . . . . 
'X-RAY DIFFRACTION' 1.890 1.945  . . 37 641 100.0000 . . . 0.251 . 0.145 . . . . . . . . . . . 
'X-RAY DIFFRACTION' 1.945 2.004  . . 41 626 100.0000 . . . 0.235 . 0.147 . . . . . . . . . . . 
'X-RAY DIFFRACTION' 2.004 2.070  . . 38 589 100.0000 . . . 0.195 . 0.155 . . . . . . . . . . . 
'X-RAY DIFFRACTION' 2.070 2.143  . . 22 582 100.0000 . . . 0.223 . 0.149 . . . . . . . . . . . 
'X-RAY DIFFRACTION' 2.143 2.223  . . 22 586 100.0000 . . . 0.277 . 0.148 . . . . . . . . . . . 
'X-RAY DIFFRACTION' 2.223 2.314  . . 36 538 100.0000 . . . 0.227 . 0.136 . . . . . . . . . . . 
'X-RAY DIFFRACTION' 2.314 2.416  . . 27 523 100.0000 . . . 0.206 . 0.141 . . . . . . . . . . . 
'X-RAY DIFFRACTION' 2.416 2.534  . . 24 497 100.0000 . . . 0.168 . 0.144 . . . . . . . . . . . 
'X-RAY DIFFRACTION' 2.534 2.671  . . 18 481 100.0000 . . . 0.215 . 0.152 . . . . . . . . . . . 
'X-RAY DIFFRACTION' 2.671 2.832  . . 18 451 99.7872  . . . 0.207 . 0.163 . . . . . . . . . . . 
'X-RAY DIFFRACTION' 2.832 3.027  . . 18 431 100.0000 . . . 0.191 . 0.146 . . . . . . . . . . . 
'X-RAY DIFFRACTION' 3.027 3.268  . . 17 386 100.0000 . . . 0.210 . 0.136 . . . . . . . . . . . 
'X-RAY DIFFRACTION' 3.268 3.579  . . 23 374 100.0000 . . . 0.178 . 0.131 . . . . . . . . . . . 
'X-RAY DIFFRACTION' 3.579 3.998  . . 15 338 100.0000 . . . 0.159 . 0.116 . . . . . . . . . . . 
'X-RAY DIFFRACTION' 3.998 4.611  . . 12 285 100.0000 . . . 0.125 . 0.102 . . . . . . . . . . . 
'X-RAY DIFFRACTION' 4.611 5.634  . . 14 248 100.0000 . . . 0.240 . 0.110 . . . . . . . . . . . 
'X-RAY DIFFRACTION' 5.634 7.911  . . 13 194 100.0000 . . . 0.141 . 0.165 . . . . . . . . . . . 
'X-RAY DIFFRACTION' 7.911 38.065 . . 4  114 96.7213  . . . 0.166 . 0.176 . . . . . . . . . . . 
# 
_struct.entry_id                     7OLU 
_struct.title                        
'Structure of the N-terminal domain of BC2L-C lectin (1-131) in complex with a synthetic beta-C-fucoside ligand' 
_struct.pdbx_model_details           ? 
_struct.pdbx_formula_weight          ? 
_struct.pdbx_formula_weight_method   ? 
_struct.pdbx_model_type_details      ? 
_struct.pdbx_CASP_flag               N 
# 
_struct_keywords.entry_id        7OLU 
_struct_keywords.text            'Bacterial lectin, Fucosides, Glycomimetic, Inhibitor, Anti-microbial, SUGAR BINDING PROTEIN' 
_struct_keywords.pdbx_keywords   'SUGAR BINDING PROTEIN' 
# 
loop_
_struct_asym.id 
_struct_asym.pdbx_blank_PDB_chainid_flag 
_struct_asym.pdbx_modified 
_struct_asym.entity_id 
_struct_asym.details 
A N N 1 ? 
B N N 2 ? 
C N N 3 ? 
# 
_struct_ref.id                         1 
_struct_ref.db_name                    UNP 
_struct_ref.db_code                    B4EH86_BURCJ 
_struct_ref.pdbx_db_accession          B4EH86 
_struct_ref.pdbx_db_isoform            ? 
_struct_ref.entity_id                  1 
_struct_ref.pdbx_seq_one_letter_code   
;MPLLSASIVSAPVVTSETYVDIPGLYLDVAKAGIRDGKLQVILNVPTPYATGNNFPGIYFAIATNQGVVADGCFTYSSKV
PESTGRMPFTLVATIDVGSGVTFVKGQWKSVRGSAMHIDSYASLSAIWGTAA
;
_struct_ref.pdbx_align_begin           1 
# 
_struct_ref_seq.align_id                      1 
_struct_ref_seq.ref_id                        1 
_struct_ref_seq.pdbx_PDB_id_code              7OLU 
_struct_ref_seq.pdbx_strand_id                AAA 
_struct_ref_seq.seq_align_beg                 3 
_struct_ref_seq.pdbx_seq_align_beg_ins_code   ? 
_struct_ref_seq.seq_align_end                 134 
_struct_ref_seq.pdbx_seq_align_end_ins_code   ? 
_struct_ref_seq.pdbx_db_accession             B4EH86 
_struct_ref_seq.db_align_beg                  1 
_struct_ref_seq.pdbx_db_align_beg_ins_code    ? 
_struct_ref_seq.db_align_end                  132 
_struct_ref_seq.pdbx_db_align_end_ins_code    ? 
_struct_ref_seq.pdbx_auth_seq_align_beg       0 
_struct_ref_seq.pdbx_auth_seq_align_end       131 
# 
loop_
_struct_ref_seq_dif.align_id 
_struct_ref_seq_dif.pdbx_pdb_id_code 
_struct_ref_seq_dif.mon_id 
_struct_ref_seq_dif.pdbx_pdb_strand_id 
_struct_ref_seq_dif.seq_num 
_struct_ref_seq_dif.pdbx_pdb_ins_code 
_struct_ref_seq_dif.pdbx_seq_db_name 
_struct_ref_seq_dif.pdbx_seq_db_accession_code 
_struct_ref_seq_dif.db_mon_id 
_struct_ref_seq_dif.pdbx_seq_db_seq_num 
_struct_ref_seq_dif.details 
_struct_ref_seq_dif.pdbx_auth_seq_num 
_struct_ref_seq_dif.pdbx_ordinal 
1 7OLU GLY AAA 1 ? UNP B4EH86 ? ? 'expression tag' -2 1 
1 7OLU HIS AAA 2 ? UNP B4EH86 ? ? 'expression tag' -1 2 
# 
_pdbx_struct_assembly.id                   1 
_pdbx_struct_assembly.details              author_and_software_defined_assembly 
_pdbx_struct_assembly.method_details       PISA 
_pdbx_struct_assembly.oligomeric_details   trimeric 
_pdbx_struct_assembly.oligomeric_count     3 
# 
loop_
_pdbx_struct_assembly_prop.biol_id 
_pdbx_struct_assembly_prop.type 
_pdbx_struct_assembly_prop.value 
_pdbx_struct_assembly_prop.details 
1 'ABSA (A^2)' 6260  ? 
1 MORE         -40   ? 
1 'SSA (A^2)'  14200 ? 
# 
_pdbx_struct_assembly_gen.assembly_id       1 
_pdbx_struct_assembly_gen.oper_expression   1,2,3 
_pdbx_struct_assembly_gen.asym_id_list      A,B,C 
# 
_pdbx_struct_assembly_auth_evidence.id                     1 
_pdbx_struct_assembly_auth_evidence.assembly_id            1 
_pdbx_struct_assembly_auth_evidence.experimental_support   'gel filtration' 
_pdbx_struct_assembly_auth_evidence.details                ? 
# 
loop_
_pdbx_struct_oper_list.id 
_pdbx_struct_oper_list.type 
_pdbx_struct_oper_list.name 
_pdbx_struct_oper_list.symmetry_operation 
_pdbx_struct_oper_list.matrix[1][1] 
_pdbx_struct_oper_list.matrix[1][2] 
_pdbx_struct_oper_list.matrix[1][3] 
_pdbx_struct_oper_list.vector[1] 
_pdbx_struct_oper_list.matrix[2][1] 
_pdbx_struct_oper_list.matrix[2][2] 
_pdbx_struct_oper_list.matrix[2][3] 
_pdbx_struct_oper_list.vector[2] 
_pdbx_struct_oper_list.matrix[3][1] 
_pdbx_struct_oper_list.matrix[3][2] 
_pdbx_struct_oper_list.matrix[3][3] 
_pdbx_struct_oper_list.vector[3] 
1 'identity operation'         1_555 x,y,z        1.0000000000 0.0000000000  0.0000000000  0.0000000000  0.0000000000  1.0000000000  0.0000000000  0.0000000000  0.0000000000  0.0000000000  1.0000000000 0.0000000000  
2 'crystal symmetry operation' 2_665 -y+1,x-y+1,z 0.0582913874 0.8556679253  -0.5142319669 -5.4036413682 -0.4663205621 -0.4321181678 -0.7718931419 20.0083701539 -0.8826931786 0.2847916621  0.3738267803 1.2574713064  
3 'crystal symmetry operation' 3_565 -x+y,-x+1,z  0.0582913874 -0.4663205621 -0.8826931786 10.7552615136 0.8556679253  -0.4321181678 0.2847916621  12.9115855061 -0.5142319669 -0.7718931419 0.3738267803 12.1955221225 
# 
loop_
_struct_sheet.id 
_struct_sheet.type 
_struct_sheet.number_strands 
_struct_sheet.details 
AA1 ? 4 ? 
AA2 ? 4 ? 
AA3 ? 2 ? 
# 
loop_
_struct_sheet_order.sheet_id 
_struct_sheet_order.range_id_1 
_struct_sheet_order.range_id_2 
_struct_sheet_order.offset 
_struct_sheet_order.sense 
AA1 1 2 ? anti-parallel 
AA1 2 3 ? anti-parallel 
AA1 3 4 ? anti-parallel 
AA2 1 2 ? anti-parallel 
AA2 2 3 ? anti-parallel 
AA2 3 4 ? anti-parallel 
AA3 1 2 ? anti-parallel 
# 
loop_
_struct_sheet_range.sheet_id 
_struct_sheet_range.id 
_struct_sheet_range.beg_label_comp_id 
_struct_sheet_range.beg_label_asym_id 
_struct_sheet_range.beg_label_seq_id 
_struct_sheet_range.pdbx_beg_PDB_ins_code 
_struct_sheet_range.end_label_comp_id 
_struct_sheet_range.end_label_asym_id 
_struct_sheet_range.end_label_seq_id 
_struct_sheet_range.pdbx_end_PDB_ins_code 
_struct_sheet_range.beg_auth_comp_id 
_struct_sheet_range.beg_auth_asym_id 
_struct_sheet_range.beg_auth_seq_id 
_struct_sheet_range.end_auth_comp_id 
_struct_sheet_range.end_auth_asym_id 
_struct_sheet_range.end_auth_seq_id 
AA1 1 LEU A 5   ? ILE A 10  ? LEU AAA 2   ILE AAA 7   
AA1 2 ALA A 124 ? GLY A 131 ? ALA AAA 121 GLY AAA 128 
AA1 3 LYS A 40  ? VAL A 47  ? LYS AAA 37  VAL AAA 44  
AA1 4 PHE A 91  ? ASP A 98  ? PHE AAA 88  ASP AAA 95  
AA2 1 VAL A 22  ? ASP A 30  ? VAL AAA 19  ASP AAA 27  
AA2 2 PHE A 105 ? VAL A 113 ? PHE AAA 102 VAL AAA 110 
AA2 3 GLY A 59  ? THR A 66  ? GLY AAA 56  THR AAA 63  
AA2 4 GLY A 69  ? THR A 77  ? GLY AAA 66  THR AAA 74  
AA3 1 TYR A 51  ? THR A 53  ? TYR AAA 48  THR AAA 50  
AA3 2 ALA A 117 ? HIS A 119 ? ALA AAA 114 HIS AAA 116 
# 
loop_
_pdbx_struct_sheet_hbond.sheet_id 
_pdbx_struct_sheet_hbond.range_id_1 
_pdbx_struct_sheet_hbond.range_id_2 
_pdbx_struct_sheet_hbond.range_1_label_atom_id 
_pdbx_struct_sheet_hbond.range_1_label_comp_id 
_pdbx_struct_sheet_hbond.range_1_label_asym_id 
_pdbx_struct_sheet_hbond.range_1_label_seq_id 
_pdbx_struct_sheet_hbond.range_1_PDB_ins_code 
_pdbx_struct_sheet_hbond.range_1_auth_atom_id 
_pdbx_struct_sheet_hbond.range_1_auth_comp_id 
_pdbx_struct_sheet_hbond.range_1_auth_asym_id 
_pdbx_struct_sheet_hbond.range_1_auth_seq_id 
_pdbx_struct_sheet_hbond.range_2_label_atom_id 
_pdbx_struct_sheet_hbond.range_2_label_comp_id 
_pdbx_struct_sheet_hbond.range_2_label_asym_id 
_pdbx_struct_sheet_hbond.range_2_label_seq_id 
_pdbx_struct_sheet_hbond.range_2_PDB_ins_code 
_pdbx_struct_sheet_hbond.range_2_auth_atom_id 
_pdbx_struct_sheet_hbond.range_2_auth_comp_id 
_pdbx_struct_sheet_hbond.range_2_auth_asym_id 
_pdbx_struct_sheet_hbond.range_2_auth_seq_id 
AA1 1 2 N LEU A 6   ? N LEU AAA 3   O ALA A 128 ? O ALA AAA 125 
AA1 2 3 O GLY A 131 ? O GLY AAA 128 N LYS A 40  ? N LYS AAA 37  
AA1 3 4 N VAL A 47  ? N VAL AAA 44  O PHE A 91  ? O PHE AAA 88  
AA2 1 2 N LEU A 29  ? N LEU AAA 26  O VAL A 106 ? O VAL AAA 103 
AA2 2 3 O LYS A 111 ? O LYS AAA 108 N TYR A 61  ? N TYR AAA 58  
AA2 3 4 N ILE A 64  ? N ILE AAA 61  O VAL A 71  ? O VAL AAA 68  
AA3 1 2 N THR A 53  ? N THR AAA 50  O ALA A 117 ? O ALA AAA 114 
# 
_pdbx_validate_close_contact.id               1 
_pdbx_validate_close_contact.PDB_model_num    1 
_pdbx_validate_close_contact.auth_atom_id_1   OG1 
_pdbx_validate_close_contact.auth_asym_id_1   AAA 
_pdbx_validate_close_contact.auth_comp_id_1   THR 
_pdbx_validate_close_contact.auth_seq_id_1    17 
_pdbx_validate_close_contact.PDB_ins_code_1   ? 
_pdbx_validate_close_contact.label_alt_id_1   ? 
_pdbx_validate_close_contact.auth_atom_id_2   O 
_pdbx_validate_close_contact.auth_asym_id_2   AAA 
_pdbx_validate_close_contact.auth_comp_id_2   HOH 
_pdbx_validate_close_contact.auth_seq_id_2    301 
_pdbx_validate_close_contact.PDB_ins_code_2   ? 
_pdbx_validate_close_contact.label_alt_id_2   ? 
_pdbx_validate_close_contact.dist             2.18 
# 
_pdbx_validate_rmsd_bond.id                        1 
_pdbx_validate_rmsd_bond.PDB_model_num             1 
_pdbx_validate_rmsd_bond.auth_atom_id_1            CD 
_pdbx_validate_rmsd_bond.auth_asym_id_1            AAA 
_pdbx_validate_rmsd_bond.auth_comp_id_1            GLU 
_pdbx_validate_rmsd_bond.auth_seq_id_1             81 
_pdbx_validate_rmsd_bond.PDB_ins_code_1            ? 
_pdbx_validate_rmsd_bond.label_alt_id_1            ? 
_pdbx_validate_rmsd_bond.auth_atom_id_2            OE1 
_pdbx_validate_rmsd_bond.auth_asym_id_2            AAA 
_pdbx_validate_rmsd_bond.auth_comp_id_2            GLU 
_pdbx_validate_rmsd_bond.auth_seq_id_2             81 
_pdbx_validate_rmsd_bond.PDB_ins_code_2            ? 
_pdbx_validate_rmsd_bond.label_alt_id_2            ? 
_pdbx_validate_rmsd_bond.bond_value                1.326 
_pdbx_validate_rmsd_bond.bond_target_value         1.252 
_pdbx_validate_rmsd_bond.bond_deviation            0.074 
_pdbx_validate_rmsd_bond.bond_standard_deviation   0.011 
_pdbx_validate_rmsd_bond.linker_flag               N 
# 
_pdbx_validate_torsion.id              1 
_pdbx_validate_torsion.PDB_model_num   1 
_pdbx_validate_torsion.auth_comp_id    PHE 
_pdbx_validate_torsion.auth_asym_id    AAA 
_pdbx_validate_torsion.auth_seq_id     54 
_pdbx_validate_torsion.PDB_ins_code    ? 
_pdbx_validate_torsion.label_alt_id    ? 
_pdbx_validate_torsion.phi             56.69 
_pdbx_validate_torsion.psi             70.03 
# 
loop_
_pdbx_struct_special_symmetry.id 
_pdbx_struct_special_symmetry.PDB_model_num 
_pdbx_struct_special_symmetry.auth_asym_id 
_pdbx_struct_special_symmetry.auth_comp_id 
_pdbx_struct_special_symmetry.auth_seq_id 
_pdbx_struct_special_symmetry.PDB_ins_code 
_pdbx_struct_special_symmetry.label_asym_id 
_pdbx_struct_special_symmetry.label_comp_id 
_pdbx_struct_special_symmetry.label_seq_id 
1 1 AAA HOH 302 ? C HOH . 
2 1 AAA HOH 340 ? C HOH . 
3 1 AAA HOH 387 ? C HOH . 
4 1 AAA HOH 399 ? C HOH . 
# 
_pdbx_entry_details.entry_id                 7OLU 
_pdbx_entry_details.has_ligand_of_interest   Y 
_pdbx_entry_details.compound_details         ? 
_pdbx_entry_details.source_details           ? 
_pdbx_entry_details.nonpolymer_details       ? 
_pdbx_entry_details.sequence_details         ? 
# 
_pdbx_unobs_or_zero_occ_residues.id               1 
_pdbx_unobs_or_zero_occ_residues.PDB_model_num    1 
_pdbx_unobs_or_zero_occ_residues.polymer_flag     Y 
_pdbx_unobs_or_zero_occ_residues.occupancy_flag   1 
_pdbx_unobs_or_zero_occ_residues.auth_asym_id     AAA 
_pdbx_unobs_or_zero_occ_residues.auth_comp_id     GLY 
_pdbx_unobs_or_zero_occ_residues.auth_seq_id      -2 
_pdbx_unobs_or_zero_occ_residues.PDB_ins_code     ? 
_pdbx_unobs_or_zero_occ_residues.label_asym_id    A 
_pdbx_unobs_or_zero_occ_residues.label_comp_id    GLY 
_pdbx_unobs_or_zero_occ_residues.label_seq_id     1 
# 
loop_
_chem_comp_atom.comp_id 
_chem_comp_atom.atom_id 
_chem_comp_atom.type_symbol 
_chem_comp_atom.pdbx_aromatic_flag 
_chem_comp_atom.pdbx_stereo_config 
_chem_comp_atom.pdbx_ordinal 
ALA N    N N N 1   
ALA CA   C N S 2   
ALA C    C N N 3   
ALA O    O N N 4   
ALA CB   C N N 5   
ALA OXT  O N N 6   
ALA H    H N N 7   
ALA H2   H N N 8   
ALA HA   H N N 9   
ALA HB1  H N N 10  
ALA HB2  H N N 11  
ALA HB3  H N N 12  
ALA HXT  H N N 13  
ARG N    N N N 14  
ARG CA   C N S 15  
ARG C    C N N 16  
ARG O    O N N 17  
ARG CB   C N N 18  
ARG CG   C N N 19  
ARG CD   C N N 20  
ARG NE   N N N 21  
ARG CZ   C N N 22  
ARG NH1  N N N 23  
ARG NH2  N N N 24  
ARG OXT  O N N 25  
ARG H    H N N 26  
ARG H2   H N N 27  
ARG HA   H N N 28  
ARG HB2  H N N 29  
ARG HB3  H N N 30  
ARG HG2  H N N 31  
ARG HG3  H N N 32  
ARG HD2  H N N 33  
ARG HD3  H N N 34  
ARG HE   H N N 35  
ARG HH11 H N N 36  
ARG HH12 H N N 37  
ARG HH21 H N N 38  
ARG HH22 H N N 39  
ARG HXT  H N N 40  
ASN N    N N N 41  
ASN CA   C N S 42  
ASN C    C N N 43  
ASN O    O N N 44  
ASN CB   C N N 45  
ASN CG   C N N 46  
ASN OD1  O N N 47  
ASN ND2  N N N 48  
ASN OXT  O N N 49  
ASN H    H N N 50  
ASN H2   H N N 51  
ASN HA   H N N 52  
ASN HB2  H N N 53  
ASN HB3  H N N 54  
ASN HD21 H N N 55  
ASN HD22 H N N 56  
ASN HXT  H N N 57  
ASP N    N N N 58  
ASP CA   C N S 59  
ASP C    C N N 60  
ASP O    O N N 61  
ASP CB   C N N 62  
ASP CG   C N N 63  
ASP OD1  O N N 64  
ASP OD2  O N N 65  
ASP OXT  O N N 66  
ASP H    H N N 67  
ASP H2   H N N 68  
ASP HA   H N N 69  
ASP HB2  H N N 70  
ASP HB3  H N N 71  
ASP HD2  H N N 72  
ASP HXT  H N N 73  
CYS N    N N N 74  
CYS CA   C N R 75  
CYS C    C N N 76  
CYS O    O N N 77  
CYS CB   C N N 78  
CYS SG   S N N 79  
CYS OXT  O N N 80  
CYS H    H N N 81  
CYS H2   H N N 82  
CYS HA   H N N 83  
CYS HB2  H N N 84  
CYS HB3  H N N 85  
CYS HG   H N N 86  
CYS HXT  H N N 87  
GLN N    N N N 88  
GLN CA   C N S 89  
GLN C    C N N 90  
GLN O    O N N 91  
GLN CB   C N N 92  
GLN CG   C N N 93  
GLN CD   C N N 94  
GLN OE1  O N N 95  
GLN NE2  N N N 96  
GLN OXT  O N N 97  
GLN H    H N N 98  
GLN H2   H N N 99  
GLN HA   H N N 100 
GLN HB2  H N N 101 
GLN HB3  H N N 102 
GLN HG2  H N N 103 
GLN HG3  H N N 104 
GLN HE21 H N N 105 
GLN HE22 H N N 106 
GLN HXT  H N N 107 
GLU N    N N N 108 
GLU CA   C N S 109 
GLU C    C N N 110 
GLU O    O N N 111 
GLU CB   C N N 112 
GLU CG   C N N 113 
GLU CD   C N N 114 
GLU OE1  O N N 115 
GLU OE2  O N N 116 
GLU OXT  O N N 117 
GLU H    H N N 118 
GLU H2   H N N 119 
GLU HA   H N N 120 
GLU HB2  H N N 121 
GLU HB3  H N N 122 
GLU HG2  H N N 123 
GLU HG3  H N N 124 
GLU HE2  H N N 125 
GLU HXT  H N N 126 
GLY N    N N N 127 
GLY CA   C N N 128 
GLY C    C N N 129 
GLY O    O N N 130 
GLY OXT  O N N 131 
GLY H    H N N 132 
GLY H2   H N N 133 
GLY HA2  H N N 134 
GLY HA3  H N N 135 
GLY HXT  H N N 136 
HIS N    N N N 137 
HIS CA   C N S 138 
HIS C    C N N 139 
HIS O    O N N 140 
HIS CB   C N N 141 
HIS CG   C Y N 142 
HIS ND1  N Y N 143 
HIS CD2  C Y N 144 
HIS CE1  C Y N 145 
HIS NE2  N Y N 146 
HIS OXT  O N N 147 
HIS H    H N N 148 
HIS H2   H N N 149 
HIS HA   H N N 150 
HIS HB2  H N N 151 
HIS HB3  H N N 152 
HIS HD1  H N N 153 
HIS HD2  H N N 154 
HIS HE1  H N N 155 
HIS HE2  H N N 156 
HIS HXT  H N N 157 
HOH O    O N N 158 
HOH H1   H N N 159 
HOH H2   H N N 160 
ILE N    N N N 161 
ILE CA   C N S 162 
ILE C    C N N 163 
ILE O    O N N 164 
ILE CB   C N S 165 
ILE CG1  C N N 166 
ILE CG2  C N N 167 
ILE CD1  C N N 168 
ILE OXT  O N N 169 
ILE H    H N N 170 
ILE H2   H N N 171 
ILE HA   H N N 172 
ILE HB   H N N 173 
ILE HG12 H N N 174 
ILE HG13 H N N 175 
ILE HG21 H N N 176 
ILE HG22 H N N 177 
ILE HG23 H N N 178 
ILE HD11 H N N 179 
ILE HD12 H N N 180 
ILE HD13 H N N 181 
ILE HXT  H N N 182 
LEU N    N N N 183 
LEU CA   C N S 184 
LEU C    C N N 185 
LEU O    O N N 186 
LEU CB   C N N 187 
LEU CG   C N N 188 
LEU CD1  C N N 189 
LEU CD2  C N N 190 
LEU OXT  O N N 191 
LEU H    H N N 192 
LEU H2   H N N 193 
LEU HA   H N N 194 
LEU HB2  H N N 195 
LEU HB3  H N N 196 
LEU HG   H N N 197 
LEU HD11 H N N 198 
LEU HD12 H N N 199 
LEU HD13 H N N 200 
LEU HD21 H N N 201 
LEU HD22 H N N 202 
LEU HD23 H N N 203 
LEU HXT  H N N 204 
LYS N    N N N 205 
LYS CA   C N S 206 
LYS C    C N N 207 
LYS O    O N N 208 
LYS CB   C N N 209 
LYS CG   C N N 210 
LYS CD   C N N 211 
LYS CE   C N N 212 
LYS NZ   N N N 213 
LYS OXT  O N N 214 
LYS H    H N N 215 
LYS H2   H N N 216 
LYS HA   H N N 217 
LYS HB2  H N N 218 
LYS HB3  H N N 219 
LYS HG2  H N N 220 
LYS HG3  H N N 221 
LYS HD2  H N N 222 
LYS HD3  H N N 223 
LYS HE2  H N N 224 
LYS HE3  H N N 225 
LYS HZ1  H N N 226 
LYS HZ2  H N N 227 
LYS HZ3  H N N 228 
LYS HXT  H N N 229 
MET N    N N N 230 
MET CA   C N S 231 
MET C    C N N 232 
MET O    O N N 233 
MET CB   C N N 234 
MET CG   C N N 235 
MET SD   S N N 236 
MET CE   C N N 237 
MET OXT  O N N 238 
MET H    H N N 239 
MET H2   H N N 240 
MET HA   H N N 241 
MET HB2  H N N 242 
MET HB3  H N N 243 
MET HG2  H N N 244 
MET HG3  H N N 245 
MET HE1  H N N 246 
MET HE2  H N N 247 
MET HE3  H N N 248 
MET HXT  H N N 249 
PHE N    N N N 250 
PHE CA   C N S 251 
PHE C    C N N 252 
PHE O    O N N 253 
PHE CB   C N N 254 
PHE CG   C Y N 255 
PHE CD1  C Y N 256 
PHE CD2  C Y N 257 
PHE CE1  C Y N 258 
PHE CE2  C Y N 259 
PHE CZ   C Y N 260 
PHE OXT  O N N 261 
PHE H    H N N 262 
PHE H2   H N N 263 
PHE HA   H N N 264 
PHE HB2  H N N 265 
PHE HB3  H N N 266 
PHE HD1  H N N 267 
PHE HD2  H N N 268 
PHE HE1  H N N 269 
PHE HE2  H N N 270 
PHE HZ   H N N 271 
PHE HXT  H N N 272 
PRO N    N N N 273 
PRO CA   C N S 274 
PRO C    C N N 275 
PRO O    O N N 276 
PRO CB   C N N 277 
PRO CG   C N N 278 
PRO CD   C N N 279 
PRO OXT  O N N 280 
PRO H    H N N 281 
PRO HA   H N N 282 
PRO HB2  H N N 283 
PRO HB3  H N N 284 
PRO HG2  H N N 285 
PRO HG3  H N N 286 
PRO HD2  H N N 287 
PRO HD3  H N N 288 
PRO HXT  H N N 289 
SER N    N N N 290 
SER CA   C N S 291 
SER C    C N N 292 
SER O    O N N 293 
SER CB   C N N 294 
SER OG   O N N 295 
SER OXT  O N N 296 
SER H    H N N 297 
SER H2   H N N 298 
SER HA   H N N 299 
SER HB2  H N N 300 
SER HB3  H N N 301 
SER HG   H N N 302 
SER HXT  H N N 303 
THR N    N N N 304 
THR CA   C N S 305 
THR C    C N N 306 
THR O    O N N 307 
THR CB   C N R 308 
THR OG1  O N N 309 
THR CG2  C N N 310 
THR OXT  O N N 311 
THR H    H N N 312 
THR H2   H N N 313 
THR HA   H N N 314 
THR HB   H N N 315 
THR HG1  H N N 316 
THR HG21 H N N 317 
THR HG22 H N N 318 
THR HG23 H N N 319 
THR HXT  H N N 320 
TRP N    N N N 321 
TRP CA   C N S 322 
TRP C    C N N 323 
TRP O    O N N 324 
TRP CB   C N N 325 
TRP CG   C Y N 326 
TRP CD1  C Y N 327 
TRP CD2  C Y N 328 
TRP NE1  N Y N 329 
TRP CE2  C Y N 330 
TRP CE3  C Y N 331 
TRP CZ2  C Y N 332 
TRP CZ3  C Y N 333 
TRP CH2  C Y N 334 
TRP OXT  O N N 335 
TRP H    H N N 336 
TRP H2   H N N 337 
TRP HA   H N N 338 
TRP HB2  H N N 339 
TRP HB3  H N N 340 
TRP HD1  H N N 341 
TRP HE1  H N N 342 
TRP HE3  H N N 343 
TRP HZ2  H N N 344 
TRP HZ3  H N N 345 
TRP HH2  H N N 346 
TRP HXT  H N N 347 
TYR N    N N N 348 
TYR CA   C N S 349 
TYR C    C N N 350 
TYR O    O N N 351 
TYR CB   C N N 352 
TYR CG   C Y N 353 
TYR CD1  C Y N 354 
TYR CD2  C Y N 355 
TYR CE1  C Y N 356 
TYR CE2  C Y N 357 
TYR CZ   C Y N 358 
TYR OH   O N N 359 
TYR OXT  O N N 360 
TYR H    H N N 361 
TYR H2   H N N 362 
TYR HA   H N N 363 
TYR HB2  H N N 364 
TYR HB3  H N N 365 
TYR HD1  H N N 366 
TYR HD2  H N N 367 
TYR HE1  H N N 368 
TYR HE2  H N N 369 
TYR HH   H N N 370 
TYR HXT  H N N 371 
VAL N    N N N 372 
VAL CA   C N S 373 
VAL C    C N N 374 
VAL O    O N N 375 
VAL CB   C N N 376 
VAL CG1  C N N 377 
VAL CG2  C N N 378 
VAL OXT  O N N 379 
VAL H    H N N 380 
VAL H2   H N N 381 
VAL HA   H N N 382 
VAL HB   H N N 383 
VAL HG11 H N N 384 
VAL HG12 H N N 385 
VAL HG13 H N N 386 
VAL HG21 H N N 387 
VAL HG22 H N N 388 
VAL HG23 H N N 389 
VAL HXT  H N N 390 
VJT N1   N N N 391 
VJT C4   C N S 392 
VJT C5   C N S 393 
VJT C6   C N N 394 
VJT C7   C N N 395 
VJT C8   C N N 396 
VJT C10  C Y N 397 
VJT C13  C Y N 398 
VJT C15  C N N 399 
VJT C17  C N N 400 
VJT O5   O N N 401 
VJT C3   C N R 402 
VJT C2   C N S 403 
VJT C1   C N R 404 
VJT O2   O N N 405 
VJT O3   O N N 406 
VJT O4   O N N 407 
VJT C9   C Y N 408 
VJT C11  C Y N 409 
VJT C12  C Y N 410 
VJT C14  C Y N 411 
VJT C18  C N N 412 
VJT C16  C N N 413 
VJT H1   H N N 414 
VJT H2   H N N 415 
VJT H4   H N N 416 
VJT H5   H N N 417 
VJT H6   H N N 418 
VJT H7   H N N 419 
VJT H8   H N N 420 
VJT H9   H N N 421 
VJT H10  H N N 422 
VJT H11  H N N 423 
VJT H12  H N N 424 
VJT H13  H N N 425 
VJT H14  H N N 426 
VJT H15  H N N 427 
VJT H16  H N N 428 
VJT H17  H N N 429 
VJT H18  H N N 430 
VJT H19  H N N 431 
VJT H20  H N N 432 
VJT H21  H N N 433 
VJT H22  H N N 434 
VJT H23  H N N 435 
VJT H24  H N N 436 
VJT H25  H N N 437 
VJT H26  H N N 438 
# 
loop_
_chem_comp_bond.comp_id 
_chem_comp_bond.atom_id_1 
_chem_comp_bond.atom_id_2 
_chem_comp_bond.value_order 
_chem_comp_bond.pdbx_aromatic_flag 
_chem_comp_bond.pdbx_stereo_config 
_chem_comp_bond.pdbx_ordinal 
ALA N   CA   sing N N 1   
ALA N   H    sing N N 2   
ALA N   H2   sing N N 3   
ALA CA  C    sing N N 4   
ALA CA  CB   sing N N 5   
ALA CA  HA   sing N N 6   
ALA C   O    doub N N 7   
ALA C   OXT  sing N N 8   
ALA CB  HB1  sing N N 9   
ALA CB  HB2  sing N N 10  
ALA CB  HB3  sing N N 11  
ALA OXT HXT  sing N N 12  
ARG N   CA   sing N N 13  
ARG N   H    sing N N 14  
ARG N   H2   sing N N 15  
ARG CA  C    sing N N 16  
ARG CA  CB   sing N N 17  
ARG CA  HA   sing N N 18  
ARG C   O    doub N N 19  
ARG C   OXT  sing N N 20  
ARG CB  CG   sing N N 21  
ARG CB  HB2  sing N N 22  
ARG CB  HB3  sing N N 23  
ARG CG  CD   sing N N 24  
ARG CG  HG2  sing N N 25  
ARG CG  HG3  sing N N 26  
ARG CD  NE   sing N N 27  
ARG CD  HD2  sing N N 28  
ARG CD  HD3  sing N N 29  
ARG NE  CZ   sing N N 30  
ARG NE  HE   sing N N 31  
ARG CZ  NH1  sing N N 32  
ARG CZ  NH2  doub N N 33  
ARG NH1 HH11 sing N N 34  
ARG NH1 HH12 sing N N 35  
ARG NH2 HH21 sing N N 36  
ARG NH2 HH22 sing N N 37  
ARG OXT HXT  sing N N 38  
ASN N   CA   sing N N 39  
ASN N   H    sing N N 40  
ASN N   H2   sing N N 41  
ASN CA  C    sing N N 42  
ASN CA  CB   sing N N 43  
ASN CA  HA   sing N N 44  
ASN C   O    doub N N 45  
ASN C   OXT  sing N N 46  
ASN CB  CG   sing N N 47  
ASN CB  HB2  sing N N 48  
ASN CB  HB3  sing N N 49  
ASN CG  OD1  doub N N 50  
ASN CG  ND2  sing N N 51  
ASN ND2 HD21 sing N N 52  
ASN ND2 HD22 sing N N 53  
ASN OXT HXT  sing N N 54  
ASP N   CA   sing N N 55  
ASP N   H    sing N N 56  
ASP N   H2   sing N N 57  
ASP CA  C    sing N N 58  
ASP CA  CB   sing N N 59  
ASP CA  HA   sing N N 60  
ASP C   O    doub N N 61  
ASP C   OXT  sing N N 62  
ASP CB  CG   sing N N 63  
ASP CB  HB2  sing N N 64  
ASP CB  HB3  sing N N 65  
ASP CG  OD1  doub N N 66  
ASP CG  OD2  sing N N 67  
ASP OD2 HD2  sing N N 68  
ASP OXT HXT  sing N N 69  
CYS N   CA   sing N N 70  
CYS N   H    sing N N 71  
CYS N   H2   sing N N 72  
CYS CA  C    sing N N 73  
CYS CA  CB   sing N N 74  
CYS CA  HA   sing N N 75  
CYS C   O    doub N N 76  
CYS C   OXT  sing N N 77  
CYS CB  SG   sing N N 78  
CYS CB  HB2  sing N N 79  
CYS CB  HB3  sing N N 80  
CYS SG  HG   sing N N 81  
CYS OXT HXT  sing N N 82  
GLN N   CA   sing N N 83  
GLN N   H    sing N N 84  
GLN N   H2   sing N N 85  
GLN CA  C    sing N N 86  
GLN CA  CB   sing N N 87  
GLN CA  HA   sing N N 88  
GLN C   O    doub N N 89  
GLN C   OXT  sing N N 90  
GLN CB  CG   sing N N 91  
GLN CB  HB2  sing N N 92  
GLN CB  HB3  sing N N 93  
GLN CG  CD   sing N N 94  
GLN CG  HG2  sing N N 95  
GLN CG  HG3  sing N N 96  
GLN CD  OE1  doub N N 97  
GLN CD  NE2  sing N N 98  
GLN NE2 HE21 sing N N 99  
GLN NE2 HE22 sing N N 100 
GLN OXT HXT  sing N N 101 
GLU N   CA   sing N N 102 
GLU N   H    sing N N 103 
GLU N   H2   sing N N 104 
GLU CA  C    sing N N 105 
GLU CA  CB   sing N N 106 
GLU CA  HA   sing N N 107 
GLU C   O    doub N N 108 
GLU C   OXT  sing N N 109 
GLU CB  CG   sing N N 110 
GLU CB  HB2  sing N N 111 
GLU CB  HB3  sing N N 112 
GLU CG  CD   sing N N 113 
GLU CG  HG2  sing N N 114 
GLU CG  HG3  sing N N 115 
GLU CD  OE1  doub N N 116 
GLU CD  OE2  sing N N 117 
GLU OE2 HE2  sing N N 118 
GLU OXT HXT  sing N N 119 
GLY N   CA   sing N N 120 
GLY N   H    sing N N 121 
GLY N   H2   sing N N 122 
GLY CA  C    sing N N 123 
GLY CA  HA2  sing N N 124 
GLY CA  HA3  sing N N 125 
GLY C   O    doub N N 126 
GLY C   OXT  sing N N 127 
GLY OXT HXT  sing N N 128 
HIS N   CA   sing N N 129 
HIS N   H    sing N N 130 
HIS N   H2   sing N N 131 
HIS CA  C    sing N N 132 
HIS CA  CB   sing N N 133 
HIS CA  HA   sing N N 134 
HIS C   O    doub N N 135 
HIS C   OXT  sing N N 136 
HIS CB  CG   sing N N 137 
HIS CB  HB2  sing N N 138 
HIS CB  HB3  sing N N 139 
HIS CG  ND1  sing Y N 140 
HIS CG  CD2  doub Y N 141 
HIS ND1 CE1  doub Y N 142 
HIS ND1 HD1  sing N N 143 
HIS CD2 NE2  sing Y N 144 
HIS CD2 HD2  sing N N 145 
HIS CE1 NE2  sing Y N 146 
HIS CE1 HE1  sing N N 147 
HIS NE2 HE2  sing N N 148 
HIS OXT HXT  sing N N 149 
HOH O   H1   sing N N 150 
HOH O   H2   sing N N 151 
ILE N   CA   sing N N 152 
ILE N   H    sing N N 153 
ILE N   H2   sing N N 154 
ILE CA  C    sing N N 155 
ILE CA  CB   sing N N 156 
ILE CA  HA   sing N N 157 
ILE C   O    doub N N 158 
ILE C   OXT  sing N N 159 
ILE CB  CG1  sing N N 160 
ILE CB  CG2  sing N N 161 
ILE CB  HB   sing N N 162 
ILE CG1 CD1  sing N N 163 
ILE CG1 HG12 sing N N 164 
ILE CG1 HG13 sing N N 165 
ILE CG2 HG21 sing N N 166 
ILE CG2 HG22 sing N N 167 
ILE CG2 HG23 sing N N 168 
ILE CD1 HD11 sing N N 169 
ILE CD1 HD12 sing N N 170 
ILE CD1 HD13 sing N N 171 
ILE OXT HXT  sing N N 172 
LEU N   CA   sing N N 173 
LEU N   H    sing N N 174 
LEU N   H2   sing N N 175 
LEU CA  C    sing N N 176 
LEU CA  CB   sing N N 177 
LEU CA  HA   sing N N 178 
LEU C   O    doub N N 179 
LEU C   OXT  sing N N 180 
LEU CB  CG   sing N N 181 
LEU CB  HB2  sing N N 182 
LEU CB  HB3  sing N N 183 
LEU CG  CD1  sing N N 184 
LEU CG  CD2  sing N N 185 
LEU CG  HG   sing N N 186 
LEU CD1 HD11 sing N N 187 
LEU CD1 HD12 sing N N 188 
LEU CD1 HD13 sing N N 189 
LEU CD2 HD21 sing N N 190 
LEU CD2 HD22 sing N N 191 
LEU CD2 HD23 sing N N 192 
LEU OXT HXT  sing N N 193 
LYS N   CA   sing N N 194 
LYS N   H    sing N N 195 
LYS N   H2   sing N N 196 
LYS CA  C    sing N N 197 
LYS CA  CB   sing N N 198 
LYS CA  HA   sing N N 199 
LYS C   O    doub N N 200 
LYS C   OXT  sing N N 201 
LYS CB  CG   sing N N 202 
LYS CB  HB2  sing N N 203 
LYS CB  HB3  sing N N 204 
LYS CG  CD   sing N N 205 
LYS CG  HG2  sing N N 206 
LYS CG  HG3  sing N N 207 
LYS CD  CE   sing N N 208 
LYS CD  HD2  sing N N 209 
LYS CD  HD3  sing N N 210 
LYS CE  NZ   sing N N 211 
LYS CE  HE2  sing N N 212 
LYS CE  HE3  sing N N 213 
LYS NZ  HZ1  sing N N 214 
LYS NZ  HZ2  sing N N 215 
LYS NZ  HZ3  sing N N 216 
LYS OXT HXT  sing N N 217 
MET N   CA   sing N N 218 
MET N   H    sing N N 219 
MET N   H2   sing N N 220 
MET CA  C    sing N N 221 
MET CA  CB   sing N N 222 
MET CA  HA   sing N N 223 
MET C   O    doub N N 224 
MET C   OXT  sing N N 225 
MET CB  CG   sing N N 226 
MET CB  HB2  sing N N 227 
MET CB  HB3  sing N N 228 
MET CG  SD   sing N N 229 
MET CG  HG2  sing N N 230 
MET CG  HG3  sing N N 231 
MET SD  CE   sing N N 232 
MET CE  HE1  sing N N 233 
MET CE  HE2  sing N N 234 
MET CE  HE3  sing N N 235 
MET OXT HXT  sing N N 236 
PHE N   CA   sing N N 237 
PHE N   H    sing N N 238 
PHE N   H2   sing N N 239 
PHE CA  C    sing N N 240 
PHE CA  CB   sing N N 241 
PHE CA  HA   sing N N 242 
PHE C   O    doub N N 243 
PHE C   OXT  sing N N 244 
PHE CB  CG   sing N N 245 
PHE CB  HB2  sing N N 246 
PHE CB  HB3  sing N N 247 
PHE CG  CD1  doub Y N 248 
PHE CG  CD2  sing Y N 249 
PHE CD1 CE1  sing Y N 250 
PHE CD1 HD1  sing N N 251 
PHE CD2 CE2  doub Y N 252 
PHE CD2 HD2  sing N N 253 
PHE CE1 CZ   doub Y N 254 
PHE CE1 HE1  sing N N 255 
PHE CE2 CZ   sing Y N 256 
PHE CE2 HE2  sing N N 257 
PHE CZ  HZ   sing N N 258 
PHE OXT HXT  sing N N 259 
PRO N   CA   sing N N 260 
PRO N   CD   sing N N 261 
PRO N   H    sing N N 262 
PRO CA  C    sing N N 263 
PRO CA  CB   sing N N 264 
PRO CA  HA   sing N N 265 
PRO C   O    doub N N 266 
PRO C   OXT  sing N N 267 
PRO CB  CG   sing N N 268 
PRO CB  HB2  sing N N 269 
PRO CB  HB3  sing N N 270 
PRO CG  CD   sing N N 271 
PRO CG  HG2  sing N N 272 
PRO CG  HG3  sing N N 273 
PRO CD  HD2  sing N N 274 
PRO CD  HD3  sing N N 275 
PRO OXT HXT  sing N N 276 
SER N   CA   sing N N 277 
SER N   H    sing N N 278 
SER N   H2   sing N N 279 
SER CA  C    sing N N 280 
SER CA  CB   sing N N 281 
SER CA  HA   sing N N 282 
SER C   O    doub N N 283 
SER C   OXT  sing N N 284 
SER CB  OG   sing N N 285 
SER CB  HB2  sing N N 286 
SER CB  HB3  sing N N 287 
SER OG  HG   sing N N 288 
SER OXT HXT  sing N N 289 
THR N   CA   sing N N 290 
THR N   H    sing N N 291 
THR N   H2   sing N N 292 
THR CA  C    sing N N 293 
THR CA  CB   sing N N 294 
THR CA  HA   sing N N 295 
THR C   O    doub N N 296 
THR C   OXT  sing N N 297 
THR CB  OG1  sing N N 298 
THR CB  CG2  sing N N 299 
THR CB  HB   sing N N 300 
THR OG1 HG1  sing N N 301 
THR CG2 HG21 sing N N 302 
THR CG2 HG22 sing N N 303 
THR CG2 HG23 sing N N 304 
THR OXT HXT  sing N N 305 
TRP N   CA   sing N N 306 
TRP N   H    sing N N 307 
TRP N   H2   sing N N 308 
TRP CA  C    sing N N 309 
TRP CA  CB   sing N N 310 
TRP CA  HA   sing N N 311 
TRP C   O    doub N N 312 
TRP C   OXT  sing N N 313 
TRP CB  CG   sing N N 314 
TRP CB  HB2  sing N N 315 
TRP CB  HB3  sing N N 316 
TRP CG  CD1  doub Y N 317 
TRP CG  CD2  sing Y N 318 
TRP CD1 NE1  sing Y N 319 
TRP CD1 HD1  sing N N 320 
TRP CD2 CE2  doub Y N 321 
TRP CD2 CE3  sing Y N 322 
TRP NE1 CE2  sing Y N 323 
TRP NE1 HE1  sing N N 324 
TRP CE2 CZ2  sing Y N 325 
TRP CE3 CZ3  doub Y N 326 
TRP CE3 HE3  sing N N 327 
TRP CZ2 CH2  doub Y N 328 
TRP CZ2 HZ2  sing N N 329 
TRP CZ3 CH2  sing Y N 330 
TRP CZ3 HZ3  sing N N 331 
TRP CH2 HH2  sing N N 332 
TRP OXT HXT  sing N N 333 
TYR N   CA   sing N N 334 
TYR N   H    sing N N 335 
TYR N   H2   sing N N 336 
TYR CA  C    sing N N 337 
TYR CA  CB   sing N N 338 
TYR CA  HA   sing N N 339 
TYR C   O    doub N N 340 
TYR C   OXT  sing N N 341 
TYR CB  CG   sing N N 342 
TYR CB  HB2  sing N N 343 
TYR CB  HB3  sing N N 344 
TYR CG  CD1  doub Y N 345 
TYR CG  CD2  sing Y N 346 
TYR CD1 CE1  sing Y N 347 
TYR CD1 HD1  sing N N 348 
TYR CD2 CE2  doub Y N 349 
TYR CD2 HD2  sing N N 350 
TYR CE1 CZ   doub Y N 351 
TYR CE1 HE1  sing N N 352 
TYR CE2 CZ   sing Y N 353 
TYR CE2 HE2  sing N N 354 
TYR CZ  OH   sing N N 355 
TYR OH  HH   sing N N 356 
TYR OXT HXT  sing N N 357 
VAL N   CA   sing N N 358 
VAL N   H    sing N N 359 
VAL N   H2   sing N N 360 
VAL CA  C    sing N N 361 
VAL CA  CB   sing N N 362 
VAL CA  HA   sing N N 363 
VAL C   O    doub N N 364 
VAL C   OXT  sing N N 365 
VAL CB  CG1  sing N N 366 
VAL CB  CG2  sing N N 367 
VAL CB  HB   sing N N 368 
VAL CG1 HG11 sing N N 369 
VAL CG1 HG12 sing N N 370 
VAL CG1 HG13 sing N N 371 
VAL CG2 HG21 sing N N 372 
VAL CG2 HG22 sing N N 373 
VAL CG2 HG23 sing N N 374 
VAL OXT HXT  sing N N 375 
VJT C17 C15  sing N N 376 
VJT C18 N1   sing N N 377 
VJT C18 C15  sing N N 378 
VJT C16 C15  sing N N 379 
VJT C15 C12  sing N N 380 
VJT C12 C13  doub Y N 381 
VJT C12 C11  sing Y N 382 
VJT C13 C14  sing Y N 383 
VJT C11 C10  doub Y N 384 
VJT C14 C9   doub Y N 385 
VJT C10 C9   sing Y N 386 
VJT C9  C8   sing N N 387 
VJT C8  C7   trip N N 388 
VJT C7  C1   sing N N 389 
VJT C1  O5   sing N N 390 
VJT C1  C2   sing N N 391 
VJT O5  C5   sing N N 392 
VJT C2  O2   sing N N 393 
VJT C2  C3   sing N N 394 
VJT O4  C4   sing N N 395 
VJT C6  C5   sing N N 396 
VJT C5  C4   sing N N 397 
VJT C3  C4   sing N N 398 
VJT C3  O3   sing N N 399 
VJT N1  H1   sing N N 400 
VJT N1  H2   sing N N 401 
VJT C4  H4   sing N N 402 
VJT C5  H5   sing N N 403 
VJT C6  H6   sing N N 404 
VJT C6  H7   sing N N 405 
VJT C6  H8   sing N N 406 
VJT C10 H9   sing N N 407 
VJT C13 H10  sing N N 408 
VJT C17 H11  sing N N 409 
VJT C17 H12  sing N N 410 
VJT C17 H13  sing N N 411 
VJT C3  H14  sing N N 412 
VJT C2  H15  sing N N 413 
VJT C1  H16  sing N N 414 
VJT O2  H17  sing N N 415 
VJT O3  H18  sing N N 416 
VJT O4  H19  sing N N 417 
VJT C11 H20  sing N N 418 
VJT C14 H21  sing N N 419 
VJT C18 H22  sing N N 420 
VJT C18 H23  sing N N 421 
VJT C16 H24  sing N N 422 
VJT C16 H25  sing N N 423 
VJT C16 H26  sing N N 424 
# 
_pdbx_audit_support.funding_organization   'H2020 Marie Curie Actions of the European Commission' 
_pdbx_audit_support.country                France 
_pdbx_audit_support.grant_number           765581 
_pdbx_audit_support.ordinal                1 
# 
_pdbx_entity_instance_feature.ordinal        1 
_pdbx_entity_instance_feature.comp_id        VJT 
_pdbx_entity_instance_feature.asym_id        ? 
_pdbx_entity_instance_feature.seq_num        ? 
_pdbx_entity_instance_feature.auth_comp_id   VJT 
_pdbx_entity_instance_feature.auth_asym_id   ? 
_pdbx_entity_instance_feature.auth_seq_num   ? 
_pdbx_entity_instance_feature.feature_type   'SUBJECT OF INVESTIGATION' 
_pdbx_entity_instance_feature.details        ? 
# 
_pdbx_initial_refinement_model.id               1 
_pdbx_initial_refinement_model.entity_id_list   ? 
_pdbx_initial_refinement_model.type             'experimental model' 
_pdbx_initial_refinement_model.source_name      PDB 
_pdbx_initial_refinement_model.accession_code   2WQ4 
_pdbx_initial_refinement_model.details          ? 
# 
_atom_sites.entry_id                    7OLU 
_atom_sites.Cartn_transf_matrix[1][1]   ? 
_atom_sites.Cartn_transf_matrix[1][2]   ? 
_atom_sites.Cartn_transf_matrix[1][3]   ? 
_atom_sites.Cartn_transf_matrix[2][1]   ? 
_atom_sites.Cartn_transf_matrix[2][2]   ? 
_atom_sites.Cartn_transf_matrix[2][3]   ? 
_atom_sites.Cartn_transf_matrix[3][1]   ? 
_atom_sites.Cartn_transf_matrix[3][2]   ? 
_atom_sites.Cartn_transf_matrix[3][3]   ? 
_atom_sites.Cartn_transf_vector[1]      ? 
_atom_sites.Cartn_transf_vector[2]      ? 
_atom_sites.Cartn_transf_vector[3]      ? 
_atom_sites.fract_transf_matrix[1][1]   -0.00778980 
_atom_sites.fract_transf_matrix[1][2]   0.02507734 
_atom_sites.fract_transf_matrix[1][3]   0.00076299 
_atom_sites.fract_transf_matrix[2][1]   0.01282208 
_atom_sites.fract_transf_matrix[2][2]   0.01728474 
_atom_sites.fract_transf_matrix[2][3]   0.01506643 
_atom_sites.fract_transf_matrix[3][1]   0.00648085 
_atom_sites.fract_transf_matrix[3][2]   0.00225984 
_atom_sites.fract_transf_matrix[3][3]   -0.00810801 
_atom_sites.fract_transf_vector[1]      0.068618 
_atom_sites.fract_transf_vector[2]      0.386568 
_atom_sites.fract_transf_vector[3]      -0.058986 
_atom_sites.solution_primary            ? 
_atom_sites.solution_secondary          ? 
_atom_sites.solution_hydrogens          ? 
_atom_sites.special_details             ? 
# 
loop_
_atom_type.symbol 
_atom_type.pdbx_scat_Z 
_atom_type.pdbx_N_electrons 
_atom_type.scat_Cromer_Mann_a1 
_atom_type.scat_Cromer_Mann_b1 
_atom_type.scat_Cromer_Mann_a2 
_atom_type.scat_Cromer_Mann_b2 
_atom_type.scat_Cromer_Mann_a3 
_atom_type.scat_Cromer_Mann_b3 
_atom_type.scat_Cromer_Mann_a4 
_atom_type.scat_Cromer_Mann_b4 
_atom_type.scat_Cromer_Mann_c 
C 6  6  2.310  20.844 1.020 10.208 1.589 0.569  0.865 51.651 0.216   
H 1  1  0.493  10.511 0.323 26.126 0.140 3.142  0.041 57.800 0.003   
N 7  7  12.222 0.006  3.135 9.893  2.014 28.997 1.167 0.583  -11.538 
O 8  8  3.049  13.277 2.287 5.701  1.546 0.324  0.867 32.909 0.251   
S 16 16 6.905  1.468  5.203 22.215 1.438 0.254  1.586 56.172 1.050   
# 
loop_
_atom_site.group_PDB 
_atom_site.id 
_atom_site.type_symbol 
_atom_site.label_atom_id 
_atom_site.label_alt_id 
_atom_site.label_comp_id 
_atom_site.label_asym_id 
_atom_site.label_entity_id 
_atom_site.label_seq_id 
_atom_site.pdbx_PDB_ins_code 
_atom_site.Cartn_x 
_atom_site.Cartn_y 
_atom_site.Cartn_z 
_atom_site.occupancy 
_atom_site.B_iso_or_equiv 
_atom_site.pdbx_formal_charge 
_atom_site.auth_seq_id 
_atom_site.auth_comp_id 
_atom_site.auth_asym_id 
_atom_site.auth_atom_id 
_atom_site.pdbx_PDB_model_num 
_atom_site.calc_flag 
ATOM   1    N N   . HIS A 1 2   ? -11.798 -3.538  21.680  1.000 44.493 0 -1  HIS AAA N   1 ? 
ATOM   2    C CA  . HIS A 1 2   ? -10.488 -4.031  21.081  1.000 43.216 0 -1  HIS AAA CA  1 ? 
ATOM   3    C C   . HIS A 1 2   ? -9.518  -2.822  21.014  1.000 45.845 0 -1  HIS AAA C   1 ? 
ATOM   4    O O   . HIS A 1 2   ? -9.984  -1.589  21.042  1.000 41.983 0 -1  HIS AAA O   1 ? 
ATOM   5    C CB  . HIS A 1 2   ? -10.753 -4.763  19.734  1.000 43.733 0 -1  HIS AAA CB  1 ? 
ATOM   6    N N   . MET A 1 3   ? -8.212  -3.099  21.030  1.000 56.097 0 0   MET AAA N   1 ? 
ATOM   7    C CA  . MET A 1 3   ? -7.198  -2.088  20.627  1.000 54.063 0 0   MET AAA CA  1 ? 
ATOM   8    C C   . MET A 1 3   ? -7.723  -1.417  19.336  1.000 49.378 0 0   MET AAA C   1 ? 
ATOM   9    O O   . MET A 1 3   ? -8.025  -2.098  18.357  1.000 49.050 0 0   MET AAA O   1 ? 
ATOM   10   C CB  . MET A 1 3   ? -5.844  -2.797  20.438  1.000 52.754 0 0   MET AAA CB  1 ? 
ATOM   11   C CG  . MET A 1 3   ? -4.749  -1.904  19.882  1.000 49.989 0 0   MET AAA CG  1 ? 
ATOM   12   S SD  . MET A 1 3   ? -4.662  -0.367  20.799  1.000 45.155 0 0   MET AAA SD  1 ? 
ATOM   13   C CE  . MET A 1 3   ? -3.706  -0.887  22.221  1.000 50.148 0 0   MET AAA CE  1 ? 
ATOM   14   N N   . PRO A 1 4   ? -7.916  -0.078  19.267  1.000 37.918 0 1   PRO AAA N   1 ? 
ATOM   15   C CA  . PRO A 1 4   ? -8.413  0.553   18.047  1.000 35.051 0 1   PRO AAA CA  1 ? 
ATOM   16   C C   . PRO A 1 4   ? -7.281  0.826   17.030  1.000 31.347 0 1   PRO AAA C   1 ? 
ATOM   17   O O   . PRO A 1 4   ? -7.603  1.219   15.974  1.000 33.603 0 1   PRO AAA O   1 ? 
ATOM   18   C CB  . PRO A 1 4   ? -8.943  1.881   18.604  1.000 39.258 0 1   PRO AAA CB  1 ? 
ATOM   19   C CG  . PRO A 1 4   ? -7.892  2.264   19.627  1.000 35.011 0 1   PRO AAA CG  1 ? 
ATOM   20   C CD  . PRO A 1 4   ? -7.602  0.930   20.296  1.000 43.849 0 1   PRO AAA CD  1 ? 
ATOM   21   N N   . LEU A 1 5   ? -6.014  0.574   17.378  1.000 30.590 0 2   LEU AAA N   1 ? 
ATOM   22   C CA  . LEU A 1 5   ? -4.844  0.784   16.448  1.000 29.195 0 2   LEU AAA CA  1 ? 
ATOM   23   C C   . LEU A 1 5   ? -4.384  -0.558  15.886  1.000 30.047 0 2   LEU AAA C   1 ? 
ATOM   24   O O   . LEU A 1 5   ? -3.980  -1.424  16.690  1.000 35.284 0 2   LEU AAA O   1 ? 
ATOM   25   C CB  . LEU A 1 5   ? -3.682  1.465   17.195  1.000 25.896 0 2   LEU AAA CB  1 ? 
ATOM   26   C CG  . LEU A 1 5   ? -3.980  2.829   17.817  1.000 34.219 0 2   LEU AAA CG  1 ? 
ATOM   27   C CD1 . LEU A 1 5   ? -2.732  3.457   18.383  1.000 33.607 0 2   LEU AAA CD1 1 ? 
ATOM   28   C CD2 . LEU A 1 5   ? -4.671  3.762   16.847  1.000 40.147 0 2   LEU AAA CD2 1 ? 
ATOM   29   N N   . LEU A 1 6   ? -4.335  -0.703  14.560  1.000 25.816 0 3   LEU AAA N   1 ? 
ATOM   30   C CA  . LEU A 1 6   ? -3.801  -1.882  13.885  1.000 26.787 0 3   LEU AAA CA  1 ? 
ATOM   31   C C   . LEU A 1 6   ? -2.552  -1.458  13.115  1.000 29.057 0 3   LEU AAA C   1 ? 
ATOM   32   O O   . LEU A 1 6   ? -2.549  -0.351  12.618  1.000 25.546 0 3   LEU AAA O   1 ? 
ATOM   33   C CB  . LEU A 1 6   ? -4.833  -2.473  12.921  1.000 28.924 0 3   LEU AAA CB  1 ? 
ATOM   34   C CG  . LEU A 1 6   ? -6.141  -2.954  13.552  1.000 35.113 0 3   LEU AAA CG  1 ? 
ATOM   35   C CD1 . LEU A 1 6   ? -6.991  -1.780  13.998  1.000 38.290 0 3   LEU AAA CD1 1 ? 
ATOM   36   C CD2 . LEU A 1 6   ? -6.916  -3.763  12.547  1.000 32.749 0 3   LEU AAA CD2 1 ? 
ATOM   37   N N   . SER A 1 7   ? -1.614  -2.380  12.952  1.000 23.743 0 4   SER AAA N   1 ? 
ATOM   38   C CA  . SER A 1 7   ? -0.339  -2.038  12.263  1.000 26.393 0 4   SER AAA CA  1 ? 
ATOM   39   C C   . SER A 1 7   ? 0.387   -3.271  11.761  1.000 27.373 0 4   SER AAA C   1 ? 
ATOM   40   O O   . SER A 1 7   ? 0.456   -4.280  12.461  1.000 24.761 0 4   SER AAA O   1 ? 
ATOM   41   C CB  . SER A 1 7   ? 0.580   -1.213  13.208  1.000 26.174 0 4   SER AAA CB  1 ? 
ATOM   42   O OG  . SER A 1 7   ? 1.898   -1.093  12.646  1.000 35.552 0 4   SER AAA OG  1 ? 
ATOM   43   N N   . ALA A 1 8   ? 0.962   -3.176  10.596  1.000 18.687 0 5   ALA AAA N   1 ? 
ATOM   44   C CA  . ALA A 1 8   ? 1.855   -4.177  10.022  1.000 22.463 0 5   ALA AAA CA  1 ? 
ATOM   45   C C   . ALA A 1 8   ? 3.001   -3.420  9.383   1.000 24.896 0 5   ALA AAA C   1 ? 
ATOM   46   O O   . ALA A 1 8   ? 2.723   -2.382  8.798   1.000 24.008 0 5   ALA AAA O   1 ? 
ATOM   47   C CB  . ALA A 1 8   ? 1.117   -5.001  9.007   1.000 24.283 0 5   ALA AAA CB  1 ? 
ATOM   48   N N   . SER A 1 9   ? 4.230   -3.870  9.589   1.000 22.367 0 6   SER AAA N   1 ? 
ATOM   49   C CA  . SER A 1 9   ? 5.374   -3.185  8.975   1.000 22.172 0 6   SER AAA CA  1 ? 
ATOM   50   C C   . SER A 1 9   ? 6.332   -4.211  8.436   1.000 25.333 0 6   SER AAA C   1 ? 
ATOM   51   O O   . SER A 1 9   ? 6.252   -5.367  8.884   1.000 23.792 0 6   SER AAA O   1 ? 
ATOM   52   C CB  . SER A 1 9   ? 6.043   -2.217  9.941   1.000 24.421 0 6   SER AAA CB  1 ? 
ATOM   53   O OG  . SER A 1 9   ? 6.607   -2.911  11.018  1.000 24.191 0 6   SER AAA OG  1 ? 
ATOM   54   N N   . ILE A 1 10  ? 7.183   -3.819  7.492   1.000 20.733 0 7   ILE AAA N   1 ? 
ATOM   55   C CA  . ILE A 1 10  ? 8.196   -4.642  6.839   1.000 19.644 0 7   ILE AAA CA  1 ? 
ATOM   56   C C   . ILE A 1 10  ? 9.518   -3.884  6.721   1.000 22.991 0 7   ILE AAA C   1 ? 
ATOM   57   O O   . ILE A 1 10  ? 9.561   -2.661  6.821   1.000 24.864 0 7   ILE AAA O   1 ? 
ATOM   58   C CB  . ILE A 1 10  ? 7.683   -5.091  5.443   1.000 22.462 0 7   ILE AAA CB  1 ? 
ATOM   59   C CG1 . ILE A 1 10  ? 7.451   -3.862  4.561   1.000 21.940 0 7   ILE AAA CG1 1 ? 
ATOM   60   C CG2 . ILE A 1 10  ? 6.418   -5.927  5.562   1.000 21.111 0 7   ILE AAA CG2 1 ? 
ATOM   61   C CD1 . ILE A 1 10  ? 7.235   -4.201  3.115   1.000 23.931 0 7   ILE AAA CD1 1 ? 
ATOM   62   N N   . VAL A 1 11  ? 10.625  -4.588  6.550   1.000 25.931 0 8   VAL AAA N   1 ? 
ATOM   63   C CA  . VAL A 1 11  ? 11.922  -3.904  6.276   1.000 22.895 0 8   VAL AAA CA  1 ? 
ATOM   64   C C   . VAL A 1 11  ? 12.360  -4.185  4.881   1.000 23.694 0 8   VAL AAA C   1 ? 
ATOM   65   O O   . VAL A 1 11  ? 13.505  -3.700  4.464   1.000 24.888 0 8   VAL AAA O   1 ? 
ATOM   66   C CB  . VAL A 1 11  ? 13.050  -4.281  7.264   1.000 30.288 0 8   VAL AAA CB  1 ? 
ATOM   67   C CG1 . VAL A 1 11  ? 12.766  -3.671  8.629   1.000 32.448 0 8   VAL AAA CG1 1 ? 
ATOM   68   C CG2 . VAL A 1 11  ? 13.242  -5.770  7.292   1.000 26.317 0 8   VAL AAA CG2 1 ? 
ATOM   69   N N   . SER A 1 12  ? 11.543  -4.917  4.130   1.000 22.462 0 9   SER AAA N   1 ? 
ATOM   70   C CA  . SER A 1 12  ? 11.873  -5.109  2.706   1.000 25.214 0 9   SER AAA CA  1 ? 
ATOM   71   C C   . SER A 1 12  ? 10.761  -5.915  2.043   1.000 23.125 0 9   SER AAA C   1 ? 
ATOM   72   O O   . SER A 1 12  ? 9.911   -6.473  2.748   1.000 23.193 0 9   SER AAA O   1 ? 
ATOM   73   C CB  . SER A 1 12  ? 13.207  -5.808  2.466   1.000 32.851 0 9   SER AAA CB  1 ? 
ATOM   74   O OG  . SER A 1 12  ? 13.180  -7.084  3.037   1.000 33.913 0 9   SER AAA OG  1 ? 
ATOM   75   N N   . ALA A 1 13  ? 10.821  -5.900  0.764   1.000 23.161 0 10  ALA AAA N   1 ? 
ATOM   76   C CA  . ALA A 1 13  ? 9.899   -6.678  -0.089  1.000 22.033 0 10  ALA AAA CA  1 ? 
ATOM   77   C C   . ALA A 1 13  ? 10.758  -7.220  -1.186  1.000 21.945 0 10  ALA AAA C   1 ? 
ATOM   78   O O   . ALA A 1 13  ? 11.717  -6.575  -1.652  1.000 25.621 0 10  ALA AAA O   1 ? 
ATOM   79   C CB  . ALA A 1 13  ? 8.769   -5.795  -0.573  1.000 22.173 0 10  ALA AAA CB  1 ? 
ATOM   80   N N   . PRO A 1 14  ? 10.284  -8.270  -1.880  1.000 22.578 0 11  PRO AAA N   1 ? 
ATOM   81   C CA  . PRO A 1 14  ? 10.881  -8.599  -3.161  1.000 23.012 0 11  PRO AAA CA  1 ? 
ATOM   82   C C   . PRO A 1 14  ? 10.857  -7.480  -4.194  1.000 20.908 0 11  PRO AAA C   1 ? 
ATOM   83   O O   . PRO A 1 14  ? 9.946   -6.691  -4.172  1.000 20.800 0 11  PRO AAA O   1 ? 
ATOM   84   C CB  . PRO A 1 14  ? 10.100  -9.823  -3.647  1.000 27.655 0 11  PRO AAA CB  1 ? 
ATOM   85   C CG  . PRO A 1 14  ? 8.927   -9.960  -2.736  1.000 33.746 0 11  PRO AAA CG  1 ? 
ATOM   86   C CD  . PRO A 1 14  ? 9.133   -9.092  -1.516  1.000 27.966 0 11  PRO AAA CD  1 ? 
ATOM   87   N N   . VAL A 1 15  ? 11.837  -7.512  -5.113  1.000 22.901 0 12  VAL AAA N   1 ? 
ATOM   88   C CA  . VAL A 1 15  ? 11.878  -6.649  -6.311  1.000 24.278 0 12  VAL AAA CA  1 ? 
ATOM   89   C C   . VAL A 1 15  ? 10.857  -7.210  -7.313  1.000 30.114 0 12  VAL AAA C   1 ? 
ATOM   90   O O   . VAL A 1 15  ? 11.004  -8.310  -7.726  1.000 27.603 0 12  VAL AAA O   1 ? 
ATOM   91   C CB  . VAL A 1 15  ? 13.279  -6.487  -6.906  1.000 25.763 0 12  VAL AAA CB  1 ? 
ATOM   92   C CG1 . VAL A 1 15  ? 13.194  -5.587  -8.112  1.000 27.066 0 12  VAL AAA CG1 1 ? 
ATOM   93   C CG2 . VAL A 1 15  ? 14.256  -5.909  -5.886  1.000 26.375 0 12  VAL AAA CG2 1 ? 
ATOM   94   N N   . VAL A 1 16  ? 9.828   -6.435  -7.646  1.000 24.347 0 13  VAL AAA N   1 ? 
ATOM   95   C CA  . VAL A 1 16  ? 8.664   -6.949  -8.419  1.000 23.104 0 13  VAL AAA CA  1 ? 
ATOM   96   C C   . VAL A 1 16  ? 8.514   -6.110  -9.688  1.000 23.529 0 13  VAL AAA C   1 ? 
ATOM   97   O O   . VAL A 1 16  ? 8.570   -4.852  -9.637  1.000 20.779 0 13  VAL AAA O   1 ? 
ATOM   98   C CB  . VAL A 1 16  ? 7.389   -6.912  -7.580  1.000 24.449 0 13  VAL AAA CB  1 ? 
ATOM   99   C CG1 . VAL A 1 16  ? 6.145   -7.172  -8.433  1.000 25.456 0 13  VAL AAA CG1 1 ? 
ATOM   100  C CG2 . VAL A 1 16  ? 7.479   -7.839  -6.380  1.000 25.738 0 13  VAL AAA CG2 1 ? 
ATOM   101  N N   . THR A 1 17  ? 8.229   -6.771  -10.809 1.000 21.140 0 14  THR AAA N   1 ? 
ATOM   102  C CA  . THR A 1 17  ? 7.734   -6.115  -12.045 1.000 25.799 0 14  THR AAA CA  1 ? 
ATOM   103  C C   . THR A 1 17  ? 6.339   -6.676  -12.307 1.000 27.253 0 14  THR AAA C   1 ? 
ATOM   104  O O   . THR A 1 17  ? 6.173   -7.905  -12.358 1.000 27.801 0 14  THR AAA O   1 ? 
ATOM   105  C CB  . THR A 1 17  ? 8.695   -6.312  -13.212 1.000 28.565 0 14  THR AAA CB  1 ? 
ATOM   106  O OG1 . THR A 1 17  ? 9.954   -5.812  -12.759 1.000 29.554 0 14  THR AAA OG1 1 ? 
ATOM   107  C CG2 . THR A 1 17  ? 8.270   -5.540  -14.430 1.000 26.572 0 14  THR AAA CG2 1 ? 
ATOM   108  N N   . SER A 1 18  ? 5.305   -5.860  -12.372 1.000 24.753 0 15  SER AAA N   1 ? 
ATOM   109  C CA  . SER A 1 18  ? 3.941   -6.414  -12.514 1.000 27.020 0 15  SER AAA CA  1 ? 
ATOM   110  C C   . SER A 1 18  ? 3.031   -5.445  -13.269 1.000 31.095 0 15  SER AAA C   1 ? 
ATOM   111  O O   . SER A 1 18  ? 3.017   -4.261  -12.937 1.000 26.262 0 15  SER AAA O   1 ? 
ATOM   112  C CB  . SER A 1 18  ? 3.415   -6.834  -11.203 1.000 25.256 0 15  SER AAA CB  1 ? 
ATOM   113  O OG  . SER A 1 18  ? 2.138   -7.395  -11.308 1.000 27.943 0 15  SER AAA OG  1 ? 
ATOM   114  N N   . GLU A 1 19  ? 2.269   -5.964  -14.239 1.000 26.015 0 16  GLU AAA N   1 ? 
ATOM   115  C CA  . GLU A 1 19  ? 1.287   -5.106  -14.984 1.000 29.970 0 16  GLU AAA CA  1 ? 
ATOM   116  C C   . GLU A 1 19  ? -0.006  -4.998  -14.181 1.000 26.977 0 16  GLU AAA C   1 ? 
ATOM   117  O O   . GLU A 1 19  ? -0.819  -4.189  -14.555 1.000 29.732 0 16  GLU AAA O   1 ? 
ATOM   118  C CB  . GLU A 1 19  ? 0.970   -5.646  -16.391 1.000 30.804 0 16  GLU AAA CB  1 ? 
ATOM   119  C CG  . GLU A 1 19  ? 2.091   -5.478  -17.388 1.000 36.902 0 16  GLU AAA CG  1 ? 
ATOM   120  C CD  . GLU A 1 19  ? 1.687   -5.623  -18.865 1.000 42.789 0 16  GLU AAA CD  1 ? 
ATOM   121  O OE1 . GLU A 1 19  ? 2.493   -5.216  -19.731 0.300 38.623 0 16  GLU AAA OE1 1 ? 
ATOM   122  O OE2 . GLU A 1 19  ? 0.551   -6.077  -19.142 0.300 34.169 0 16  GLU AAA OE2 1 ? 
ATOM   123  N N   . THR A 1 20  ? -0.208  -5.809  -13.144 1.000 23.893 0 17  THR AAA N   1 ? 
ATOM   124  C CA  . THR A 1 20  ? -1.444  -5.871  -12.330 1.000 25.926 0 17  THR AAA CA  1 ? 
ATOM   125  C C   . THR A 1 20  ? -1.120  -5.632  -10.868 1.000 24.201 0 17  THR AAA C   1 ? 
ATOM   126  O O   . THR A 1 20  ? 0.034   -5.875  -10.456 1.000 22.918 0 17  THR AAA O   1 ? 
ATOM   127  C CB  . THR A 1 20  ? -2.169  -7.207  -12.528 1.000 31.280 0 17  THR AAA CB  1 ? 
ATOM   128  O OG1 . THR A 1 20  ? -1.285  -8.254  -12.087 1.000 34.153 0 17  THR AAA OG1 1 ? 
ATOM   129  C CG2 . THR A 1 20  ? -2.544  -7.387  -13.973 1.000 35.742 0 17  THR AAA CG2 1 ? 
ATOM   130  N N   . TYR A 1 21  ? -2.106  -5.200  -10.086 1.000 22.361 0 18  TYR AAA N   1 ? 
ATOM   131  C CA  . TYR A 1 21  ? -1.854  -4.985  -8.645  1.000 20.983 0 18  TYR AAA CA  1 ? 
ATOM   132  C C   . TYR A 1 21  ? -1.494  -6.329  -8.027  1.000 22.528 0 18  TYR AAA C   1 ? 
ATOM   133  O O   . TYR A 1 21  ? -2.217  -7.291  -8.221  1.000 23.378 0 18  TYR AAA O   1 ? 
ATOM   134  C CB  . TYR A 1 21  ? -3.036  -4.328  -7.922  1.000 20.791 0 18  TYR AAA CB  1 ? 
ATOM   135  C CG  . TYR A 1 21  ? -3.050  -2.834  -8.104  1.000 23.570 0 18  TYR AAA CG  1 ? 
ATOM   136  C CD1 . TYR A 1 21  ? -1.983  -2.053  -7.636  1.000 20.403 0 18  TYR AAA CD1 1 ? 
ATOM   137  C CD2 . TYR A 1 21  ? -4.083  -2.196  -8.764  1.000 23.147 0 18  TYR AAA CD2 1 ? 
ATOM   138  C CE1 . TYR A 1 21  ? -1.951  -0.671  -7.803  1.000 19.173 0 18  TYR AAA CE1 1 ? 
ATOM   139  C CE2 . TYR A 1 21  ? -4.070  -0.808  -8.915  1.000 23.733 0 18  TYR AAA CE2 1 ? 
ATOM   140  C CZ  . TYR A 1 21  ? -2.990  -0.044  -8.458  1.000 21.173 0 18  TYR AAA CZ  1 ? 
ATOM   141  O OH  . TYR A 1 21  ? -3.036  1.339   -8.631  1.000 22.779 0 18  TYR AAA OH  1 ? 
ATOM   142  N N   . VAL A 1 22  ? -0.399  -6.383  -7.277  1.000 22.682 0 19  VAL AAA N   1 ? 
ATOM   143  C CA  . VAL A 1 22  ? -0.056  -7.596  -6.494  1.000 23.381 0 19  VAL AAA CA  1 ? 
ATOM   144  C C   . VAL A 1 22  ? 0.279   -7.198  -5.057  1.000 22.999 0 19  VAL AAA C   1 ? 
ATOM   145  O O   . VAL A 1 22  ? 0.681   -6.053  -4.826  1.000 20.180 0 19  VAL AAA O   1 ? 
ATOM   146  C CB  . VAL A 1 22  ? 1.117   -8.371  -7.118  1.000 27.795 0 19  VAL AAA CB  1 ? 
ATOM   147  C CG1 . VAL A 1 22  ? 0.757   -8.989  -8.455  1.000 32.457 0 19  VAL AAA CG1 1 ? 
ATOM   148  C CG2 . VAL A 1 22  ? 2.375   -7.521  -7.301  1.000 26.058 0 19  VAL AAA CG2 1 ? 
ATOM   149  N N   . ASP A 1 23  ? -0.006  -8.116  -4.141  1.000 23.314 0 20  ASP AAA N   1 ? 
ATOM   150  C CA  . ASP A 1 23  ? 0.196   -7.898  -2.681  1.000 24.411 0 20  ASP AAA CA  1 ? 
ATOM   151  C C   . ASP A 1 23  ? 1.650   -7.614  -2.381  1.000 24.380 0 20  ASP AAA C   1 ? 
ATOM   152  O O   . ASP A 1 23  ? 2.536   -8.283  -2.890  1.000 24.529 0 20  ASP AAA O   1 ? 
ATOM   153  C CB  . ASP A 1 23  ? -0.179  -9.121  -1.849  1.000 27.992 0 20  ASP AAA CB  1 ? 
ATOM   154  C CG  . ASP A 1 23  ? -1.606  -9.534  -2.030  1.000 31.725 0 20  ASP AAA CG  1 ? 
ATOM   155  O OD1 . ASP A 1 23  ? -2.393  -8.688  -2.577  1.000 29.547 0 20  ASP AAA OD1 1 ? 
ATOM   156  O OD2 . ASP A 1 23  ? -1.939  -10.636 -1.553  1.000 32.607 0 20  ASP AAA OD2 1 ? 
ATOM   157  N N   . ILE A 1 24  ? 1.868   -6.582  -1.559  1.000 22.894 0 21  ILE AAA N   1 ? 
ATOM   158  C CA  . ILE A 1 24  ? 3.200   -6.332  -0.935  1.000 21.628 0 21  ILE AAA CA  1 ? 
ATOM   159  C C   . ILE A 1 24  ? 3.232   -7.243  0.268   1.000 20.283 0 21  ILE AAA C   1 ? 
ATOM   160  O O   . ILE A 1 24  ? 2.487   -7.039  1.203   1.000 22.002 0 21  ILE AAA O   1 ? 
ATOM   161  C CB  . ILE A 1 24  ? 3.427   -4.849  -0.577  1.000 21.227 0 21  ILE AAA CB  1 ? 
ATOM   162  C CG1 . ILE A 1 24  ? 3.194   -3.941  -1.793  1.000 22.872 0 21  ILE AAA CG1 1 ? 
ATOM   163  C CG2 . ILE A 1 24  ? 4.845   -4.686  -0.068  1.000 22.128 0 21  ILE AAA CG2 1 ? 
ATOM   164  C CD1 . ILE A 1 24  ? 3.005   -2.471  -1.400  1.000 24.297 0 21  ILE AAA CD1 1 ? 
ATOM   165  N N   . PRO A 1 25  ? 4.079   -8.312  0.256   1.000 23.260 0 22  PRO AAA N   1 ? 
ATOM   166  C CA  . PRO A 1 25  ? 4.048   -9.264  1.361   1.000 25.549 0 22  PRO AAA CA  1 ? 
ATOM   167  C C   . PRO A 1 25  ? 4.288   -8.545  2.700   1.000 21.633 0 22  PRO AAA C   1 ? 
ATOM   168  O O   . PRO A 1 25  ? 5.186   -7.716  2.814   1.000 22.214 0 22  PRO AAA O   1 ? 
ATOM   169  C CB  . PRO A 1 25  ? 5.165   -10.270 1.008   1.000 23.617 0 22  PRO AAA CB  1 ? 
ATOM   170  C CG  . PRO A 1 25  ? 5.445   -10.048 -0.472  1.000 26.438 0 22  PRO AAA CG  1 ? 
ATOM   171  C CD  . PRO A 1 25  ? 5.082   -8.617  -0.753  1.000 25.319 0 22  PRO AAA CD  1 ? 
ATOM   172  N N   . GLY A 1 26  ? 3.472   -8.849  3.700   1.000 20.443 0 23  GLY AAA N   1 ? 
ATOM   173  C CA  . GLY A 1 26  ? 3.670   -8.328  5.045   1.000 19.781 0 23  GLY AAA CA  1 ? 
ATOM   174  C C   . GLY A 1 26  ? 2.844   -7.123  5.304   1.000 21.296 0 23  GLY AAA C   1 ? 
ATOM   175  O O   . GLY A 1 26  ? 2.580   -6.861  6.490   1.000 22.693 0 23  GLY AAA O   1 ? 
ATOM   176  N N   . LEU A 1 27  ? 2.355   -6.434  4.275   1.000 20.542 0 24  LEU AAA N   1 ? 
ATOM   177  C CA  . LEU A 1 27  ? 1.484   -5.255  4.514   1.000 20.198 0 24  LEU AAA CA  1 ? 
ATOM   178  C C   . LEU A 1 27  ? 0.029   -5.662  4.426   1.000 19.818 0 24  LEU AAA C   1 ? 
ATOM   179  O O   . LEU A 1 27  ? -0.616  -5.539  3.329   1.000 21.604 0 24  LEU AAA O   1 ? 
ATOM   180  C CB  . LEU A 1 27  ? 1.846   -4.146  3.513   1.000 21.199 0 24  LEU AAA CB  1 ? 
ATOM   181  C CG  . LEU A 1 27  ? 3.259   -3.590  3.621   1.000 20.466 0 24  LEU AAA CG  1 ? 
ATOM   182  C CD1 . LEU A 1 27  ? 3.424   -2.409  2.684   1.000 21.510 0 24  LEU AAA CD1 1 ? 
ATOM   183  C CD2 . LEU A 1 27  ? 3.552   -3.194  5.059   1.000 22.495 0 24  LEU AAA CD2 1 ? 
ATOM   184  N N   . TYR A 1 28  ? -0.452  -6.217  5.507   1.000 19.347 0 25  TYR AAA N   1 ? 
ATOM   185  C CA  . TYR A 1 28  ? -1.727  -6.957  5.561   1.000 22.412 0 25  TYR AAA CA  1 ? 
ATOM   186  C C   . TYR A 1 28  ? -2.264  -6.788  6.961   1.000 21.726 0 25  TYR AAA C   1 ? 
ATOM   187  O O   . TYR A 1 28  ? -1.418  -6.970  7.894   1.000 21.872 0 25  TYR AAA O   1 ? 
ATOM   188  C CB  . TYR A 1 28  ? -1.485  -8.439  5.286   1.000 28.992 0 25  TYR AAA CB  1 ? 
ATOM   189  C CG  . TYR A 1 28  ? -2.730  -9.284  5.294   1.000 31.772 0 25  TYR AAA CG  1 ? 
ATOM   190  C CD1 . TYR A 1 28  ? -3.152  -9.897  6.452   1.000 36.523 0 25  TYR AAA CD1 1 ? 
ATOM   191  C CD2 . TYR A 1 28  ? -3.461  -9.484  4.123   1.000 34.635 0 25  TYR AAA CD2 1 ? 
ATOM   192  C CE1 . TYR A 1 28  ? -4.266  -10.721 6.445   1.000 39.408 0 25  TYR AAA CE1 1 ? 
ATOM   193  C CE2 . TYR A 1 28  ? -4.569  -10.308 4.102   1.000 36.650 0 25  TYR AAA CE2 1 ? 
ATOM   194  C CZ  . TYR A 1 28  ? -4.992  -10.892 5.281   1.000 38.453 0 25  TYR AAA CZ  1 ? 
ATOM   195  O OH  . TYR A 1 28  ? -6.099  -11.699 5.264   1.000 48.435 0 25  TYR AAA OH  1 ? 
ATOM   196  N N   . LEU A 1 29  ? -3.500  -6.370  7.105   1.000 19.221 0 26  LEU AAA N   1 ? 
ATOM   197  C CA  . LEU A 1 29  ? -4.178  -6.274  8.432   1.000 22.230 0 26  LEU AAA CA  1 ? 
ATOM   198  C C   . LEU A 1 29  ? -5.343  -7.253  8.369   1.000 23.062 0 26  LEU AAA C   1 ? 
ATOM   199  O O   . LEU A 1 29  ? -6.206  -7.104  7.515   1.000 23.511 0 26  LEU AAA O   1 ? 
ATOM   200  C CB  . LEU A 1 29  ? -4.628  -4.856  8.702   1.000 24.354 0 26  LEU AAA CB  1 ? 
ATOM   201  C CG  . LEU A 1 29  ? -3.532  -3.788  8.646   1.000 28.881 0 26  LEU AAA CG  1 ? 
ATOM   202  C CD1 . LEU A 1 29  ? -4.151  -2.402  8.725   1.000 34.191 0 26  LEU AAA CD1 1 ? 
ATOM   203  C CD2 . LEU A 1 29  ? -2.506  -4.062  9.746   1.000 29.413 0 26  LEU AAA CD2 1 ? 
ATOM   204  N N   . ASP A 1 30  ? -5.395  -8.203  9.292   1.000 26.511 0 27  ASP AAA N   1 ? 
ATOM   205  C CA  . ASP A 1 30  ? -6.576  -9.118  9.340   1.000 25.555 0 27  ASP AAA CA  1 ? 
ATOM   206  C C   . ASP A 1 30  ? -7.604  -8.507  10.287  1.000 25.244 0 27  ASP AAA C   1 ? 
ATOM   207  O O   . ASP A 1 30  ? -7.424  -8.681  11.522  1.000 29.357 0 27  ASP AAA O   1 ? 
ATOM   208  C CB  . ASP A 1 30  ? -6.168  -10.536 9.730   1.000 28.114 0 27  ASP AAA CB  1 ? 
ATOM   209  C CG  . ASP A 1 30  ? -7.302  -11.549 9.527   1.000 30.623 0 27  ASP AAA CG  1 ? 
ATOM   210  O OD1 . ASP A 1 30  ? -8.537  -11.169 9.587   1.000 30.564 0 27  ASP AAA OD1 1 ? 
ATOM   211  O OD2 . ASP A 1 30  ? -6.972  -12.640 9.164   1.000 41.383 0 27  ASP AAA OD2 1 ? 
ATOM   212  N N   . VAL A 1 31  ? -8.648  -7.868  9.738   1.000 24.427 0 28  VAL AAA N   1 ? 
ATOM   213  C CA  . VAL A 1 31  ? -9.689  -7.115  10.468  1.000 27.057 0 28  VAL AAA CA  1 ? 
ATOM   214  C C   . VAL A 1 31  ? -10.641 -8.109  11.149  1.000 25.530 0 28  VAL AAA C   1 ? 
ATOM   215  O O   . VAL A 1 31  ? -10.980 -7.900  12.388  1.000 31.195 0 28  VAL AAA O   1 ? 
ATOM   216  C CB  . VAL A 1 31  ? -10.412 -6.170  9.488   1.000 29.484 0 28  VAL AAA CB  1 ? 
ATOM   217  C CG1 . VAL A 1 31  ? -11.473 -5.388  10.214  1.000 32.688 0 28  VAL AAA CG1 1 ? 
ATOM   218  C CG2 . VAL A 1 31  ? -9.411  -5.209  8.814   1.000 30.376 0 28  VAL AAA CG2 1 ? 
ATOM   219  N N   . ALA A 1 32  ? -10.981 -9.163  10.400  1.000 30.707 0 29  ALA AAA N   1 ? 
ATOM   220  C CA  . ALA A 1 32  ? -11.948 -10.198 10.876  1.000 33.626 0 29  ALA AAA CA  1 ? 
ATOM   221  C C   . ALA A 1 32  ? -11.365 -10.910 12.106  1.000 33.219 0 29  ALA AAA C   1 ? 
ATOM   222  O O   . ALA A 1 32  ? -12.157 -11.079 13.088  1.000 31.403 0 29  ALA AAA O   1 ? 
ATOM   223  C CB  . ALA A 1 32  ? -12.291 -11.138 9.753   1.000 30.583 0 29  ALA AAA CB  1 ? 
ATOM   224  N N   . LYS A 1 33  ? -10.066 -11.230 12.087  1.000 31.915 0 30  LYS AAA N   1 ? 
ATOM   225  C CA  . LYS A 1 33  ? -9.298  -11.942 13.148  1.000 32.788 0 30  LYS AAA CA  1 ? 
ATOM   226  C C   . LYS A 1 33  ? -9.290  -11.101 14.412  1.000 33.874 0 30  LYS AAA C   1 ? 
ATOM   227  O O   . LYS A 1 33  ? -9.167  -11.704 15.499  1.000 37.401 0 30  LYS AAA O   1 ? 
ATOM   228  C CB  . LYS A 1 33  ? -7.868  -12.279 12.724  0.500 29.596 0 30  LYS AAA CB  1 ? 
ATOM   229  C CG  . LYS A 1 33  ? -6.909  -12.588 13.849  0.500 33.614 0 30  LYS AAA CG  1 ? 
ATOM   230  C CD  . LYS A 1 33  ? -5.477  -12.181 13.576  0.500 33.620 0 30  LYS AAA CD  1 ? 
ATOM   231  C CE  . LYS A 1 33  ? -4.514  -13.004 14.408  0.500 34.603 0 30  LYS AAA CE  1 ? 
ATOM   232  N NZ  . LYS A 1 33  ? -3.161  -12.418 14.402  0.500 36.991 0 30  LYS AAA NZ  1 ? 
ATOM   233  N N   . ALA A 1 34  ? -9.464  -9.786  14.314  1.000 37.177 0 31  ALA AAA N   1 ? 
ATOM   234  C CA  . ALA A 1 34  ? -9.405  -8.848  15.458  1.000 40.469 0 31  ALA AAA CA  1 ? 
ATOM   235  C C   . ALA A 1 34  ? -10.812 -8.673  16.034  1.000 38.029 0 31  ALA AAA C   1 ? 
ATOM   236  O O   . ALA A 1 34  ? -10.961 -7.929  17.015  1.000 45.034 0 31  ALA AAA O   1 ? 
ATOM   237  C CB  . ALA A 1 34  ? -8.796  -7.535  15.024  1.000 40.488 0 31  ALA AAA CB  1 ? 
ATOM   238  N N   . GLY A 1 35  ? -11.801 -9.319  15.413  1.000 40.419 0 32  GLY AAA N   1 ? 
ATOM   239  C CA  . GLY A 1 35  ? -13.211 -9.281  15.823  1.000 42.710 0 32  GLY AAA CA  1 ? 
ATOM   240  C C   . GLY A 1 35  ? -13.931 -8.027  15.351  1.000 47.962 0 32  GLY AAA C   1 ? 
ATOM   241  O O   . GLY A 1 35  ? -15.084 -7.784  15.781  1.000 54.099 0 32  GLY AAA O   1 ? 
ATOM   242  N N   . ILE A 1 36  ? -13.300 -7.236  14.489  1.000 38.015 0 33  ILE AAA N   1 ? 
ATOM   243  C CA  . ILE A 1 36  ? -13.884 -5.968  13.967  1.000 36.151 0 33  ILE AAA CA  1 ? 
ATOM   244  C C   . ILE A 1 36  ? -14.786 -6.306  12.767  1.000 39.676 0 33  ILE AAA C   1 ? 
ATOM   245  O O   . ILE A 1 36  ? -14.280 -6.772  11.711  1.000 39.911 0 33  ILE AAA O   1 ? 
ATOM   246  C CB  . ILE A 1 36  ? -12.737 -4.988  13.652  1.000 36.129 0 33  ILE AAA CB  1 ? 
ATOM   247  C CG1 . ILE A 1 36  ? -12.016 -4.593  14.948  1.000 36.517 0 33  ILE AAA CG1 1 ? 
ATOM   248  C CG2 . ILE A 1 36  ? -13.243 -3.789  12.852  1.000 37.505 0 33  ILE AAA CG2 1 ? 
ATOM   249  C CD1 . ILE A 1 36  ? -10.671 -3.922  14.712  1.000 41.590 0 33  ILE AAA CD1 1 ? 
ATOM   250  N N   . ARG A 1 37  ? -16.104 -6.184  12.946  1.000 46.071 0 34  ARG AAA N   1 ? 
ATOM   251  C CA  . ARG A 1 37  ? -17.102 -6.653  11.943  1.000 47.479 0 34  ARG AAA CA  1 ? 
ATOM   252  C C   . ARG A 1 37  ? -17.892 -5.418  11.502  1.000 42.407 0 34  ARG AAA C   1 ? 
ATOM   253  O O   . ARG A 1 37  ? -18.612 -5.508  10.496  1.000 50.599 0 34  ARG AAA O   1 ? 
ATOM   254  C CB  . ARG A 1 37  ? -17.920 -7.858  12.481  1.000 40.741 0 34  ARG AAA CB  1 ? 
ATOM   255  C CG  . ARG A 1 37  ? -17.134 -8.801  13.391  0.500 38.239 0 34  ARG AAA CG  1 ? 
ATOM   256  C CD  . ARG A 1 37  ? -17.823 -10.043 13.948  0.500 37.498 0 34  ARG AAA CD  1 ? 
ATOM   257  N NE  . ARG A 1 37  ? -18.597 -9.858  15.183  0.500 36.462 0 34  ARG AAA NE  1 ? 
ATOM   258  C CZ  . ARG A 1 37  ? -18.333 -10.375 16.396  0.500 39.613 0 34  ARG AAA CZ  1 ? 
ATOM   259  N NH1 . ARG A 1 37  ? -17.237 -11.076 16.651  0.500 36.421 0 34  ARG AAA NH1 1 ? 
ATOM   260  N NH2 . ARG A 1 37  ? -19.195 -10.185 17.381  0.500 37.389 0 34  ARG AAA NH2 1 ? 
ATOM   261  N N   . ASP A 1 38  ? -17.730 -4.264  12.154  1.000 45.900 0 35  ASP AAA N   1 ? 
ATOM   262  C CA  . ASP A 1 38  ? -18.354 -3.030  11.602  1.000 51.131 0 35  ASP AAA CA  1 ? 
ATOM   263  C C   . ASP A 1 38  ? -17.626 -1.747  12.041  1.000 49.156 0 35  ASP AAA C   1 ? 
ATOM   264  O O   . ASP A 1 38  ? -16.623 -1.835  12.793  1.000 49.042 0 35  ASP AAA O   1 ? 
ATOM   265  C CB  . ASP A 1 38  ? -19.834 -3.000  11.985  1.000 54.300 0 35  ASP AAA CB  1 ? 
ATOM   266  C CG  . ASP A 1 38  ? -20.059 -2.621  13.432  1.000 58.715 0 35  ASP AAA CG  1 ? 
ATOM   267  O OD1 . ASP A 1 38  ? -19.096 -2.762  14.278  1.000 54.439 0 35  ASP AAA OD1 1 ? 
ATOM   268  O OD2 . ASP A 1 38  ? -21.199 -2.145  13.687  1.000 67.020 0 35  ASP AAA OD2 1 ? 
ATOM   269  N N   . GLY A 1 39  ? -18.177 -0.601  11.631  1.000 40.757 0 36  GLY AAA N   1 ? 
ATOM   270  C CA  . GLY A 1 39  ? -17.595 0.710   11.914  1.000 42.034 0 36  GLY AAA CA  1 ? 
ATOM   271  C C   . GLY A 1 39  ? -16.740 1.117   10.742  1.000 34.521 0 36  GLY AAA C   1 ? 
ATOM   272  O O   . GLY A 1 39  ? -17.002 0.617   9.607   1.000 31.141 0 36  GLY AAA O   1 ? 
ATOM   273  N N   . LYS A 1 40  ? -15.770 2.017   10.992  1.000 35.948 0 37  LYS AAA N   1 ? 
ATOM   274  C CA  . LYS A 1 40  ? -14.866 2.551   9.933   1.000 37.751 0 37  LYS AAA CA  1 ? 
ATOM   275  C C   . LYS A 1 40  ? -13.401 2.367   10.357  1.000 26.880 0 37  LYS AAA C   1 ? 
ATOM   276  O O   . LYS A 1 40  ? -13.130 2.295   11.513  1.000 28.239 0 37  LYS AAA O   1 ? 
ATOM   277  C CB  . LYS A 1 40  ? -15.222 3.997   9.613   1.000 42.048 0 37  LYS AAA CB  1 ? 
ATOM   278  C CG  . LYS A 1 40  ? -16.576 4.122   8.939   1.000 45.624 0 37  LYS AAA CG  1 ? 
ATOM   279  C CD  . LYS A 1 40  ? -16.807 5.410   8.241   1.000 48.761 0 37  LYS AAA CD  1 ? 
ATOM   280  C CE  . LYS A 1 40  ? -18.100 5.334   7.442   1.000 51.559 0 37  LYS AAA CE  1 ? 
ATOM   281  N NZ  . LYS A 1 40  ? -18.644 6.690   7.217   1.000 48.712 0 37  LYS AAA NZ  1 ? 
ATOM   282  N N   . LEU A 1 41  ? -12.534 2.203   9.362   1.000 31.197 0 38  LEU AAA N   1 ? 
ATOM   283  C CA  . LEU A 1 41  ? -11.077 2.113   9.538   1.000 25.971 0 38  LEU AAA CA  1 ? 
ATOM   284  C C   . LEU A 1 41  ? -10.481 3.274   8.720   1.000 23.026 0 38  LEU AAA C   1 ? 
ATOM   285  O O   . LEU A 1 41  ? -10.801 3.334   7.531   1.000 25.376 0 38  LEU AAA O   1 ? 
ATOM   286  C CB  . LEU A 1 41  ? -10.629 0.774   8.949   1.000 26.511 0 38  LEU AAA CB  1 ? 
ATOM   287  C CG  . LEU A 1 41  ? -10.747 -0.453  9.828   1.000 28.196 0 38  LEU AAA CG  1 ? 
ATOM   288  C CD1 . LEU A 1 41  ? -10.288 -1.615  8.995   1.000 30.294 0 38  LEU AAA CD1 1 ? 
ATOM   289  C CD2 . LEU A 1 41  ? -10.002 -0.350  11.140  1.000 27.607 0 38  LEU AAA CD2 1 ? 
ATOM   290  N N   . GLN A 1 42  ? -9.733  4.180   9.356   1.000 22.464 0 39  GLN AAA N   1 ? 
ATOM   291  C CA  . GLN A 1 42  ? -8.814  5.080   8.644   1.000 23.491 0 39  GLN AAA CA  1 ? 
ATOM   292  C C   . GLN A 1 42  ? -7.547  4.244   8.418   1.000 20.814 0 39  GLN AAA C   1 ? 
ATOM   293  O O   . GLN A 1 42  ? -6.846  3.944   9.400   1.000 21.503 0 39  GLN AAA O   1 ? 
ATOM   294  C CB  . GLN A 1 42  ? -8.558  6.374   9.424   1.000 24.806 0 39  GLN AAA CB  1 ? 
ATOM   295  C CG  . GLN A 1 42  ? -7.773  7.399   8.586   1.000 27.197 0 39  GLN AAA CG  1 ? 
ATOM   296  C CD  . GLN A 1 42  ? -7.211  8.477   9.449   1.000 28.797 0 39  GLN AAA CD  1 ? 
ATOM   297  O OE1 . GLN A 1 42  ? -7.810  9.543   9.569   1.000 34.487 0 39  GLN AAA OE1 1 ? 
ATOM   298  N NE2 . GLN A 1 42  ? -6.136  8.118   10.145  1.000 32.941 0 39  GLN AAA NE2 1 ? 
ATOM   299  N N   . VAL A 1 43  ? -7.196  4.071   7.159   1.000 20.826 0 40  VAL AAA N   1 ? 
ATOM   300  C CA  . VAL A 1 43  ? -6.059  3.242   6.724   1.000 22.472 0 40  VAL AAA CA  1 ? 
ATOM   301  C C   . VAL A 1 43  ? -5.018  4.139   6.058   1.000 21.500 0 40  VAL AAA C   1 ? 
ATOM   302  O O   . VAL A 1 43  ? -5.355  4.944   5.215   1.000 18.885 0 40  VAL AAA O   1 ? 
ATOM   303  C CB  . VAL A 1 43  ? -6.483  2.112   5.766   1.000 21.725 0 40  VAL AAA CB  1 ? 
ATOM   304  C CG1 . VAL A 1 43  ? -5.273  1.279   5.424   1.000 20.871 0 40  VAL AAA CG1 1 ? 
ATOM   305  C CG2 . VAL A 1 43  ? -7.568  1.228   6.373   1.000 25.116 0 40  VAL AAA CG2 1 ? 
ATOM   306  N N   . ILE A 1 44  ? -3.805  3.989   6.516   1.000 20.338 0 41  ILE AAA N   1 ? 
ATOM   307  C CA  . ILE A 1 44  ? -2.622  4.684   5.965   1.000 19.236 0 41  ILE AAA CA  1 ? 
ATOM   308  C C   . ILE A 1 44  ? -1.686  3.630   5.459   1.000 16.173 0 41  ILE AAA C   1 ? 
ATOM   309  O O   . ILE A 1 44  ? -1.156  2.774   6.276   1.000 17.620 0 41  ILE AAA O   1 ? 
ATOM   310  C CB  . ILE A 1 44  ? -1.927  5.587   7.003   1.000 19.361 0 41  ILE AAA CB  1 ? 
ATOM   311  C CG1 . ILE A 1 44  ? -2.958  6.503   7.684   1.000 21.186 0 41  ILE AAA CG1 1 ? 
ATOM   312  C CG2 . ILE A 1 44  ? -0.743  6.310   6.375   1.000 21.125 0 41  ILE AAA CG2 1 ? 
ATOM   313  C CD1 . ILE A 1 44  ? -2.339  7.335   8.787   1.000 22.330 0 41  ILE AAA CD1 1 ? 
ATOM   314  N N   . LEU A 1 45  ? -1.344  3.739   4.167   1.000 16.561 0 42  LEU AAA N   1 ? 
ATOM   315  C CA  . LEU A 1 45  ? -0.218  2.991   3.555   1.000 17.646 0 42  LEU AAA CA  1 ? 
ATOM   316  C C   . LEU A 1 45  ? 0.955   3.972   3.419   1.000 17.585 0 42  LEU AAA C   1 ? 
ATOM   317  O O   . LEU A 1 45  ? 0.783   5.011   2.839   1.000 16.351 0 42  LEU AAA O   1 ? 
ATOM   318  C CB  . LEU A 1 45  ? -0.646  2.438   2.194   1.000 16.805 0 42  LEU AAA CB  1 ? 
ATOM   319  C CG  . LEU A 1 45  ? 0.432   1.839   1.302   1.000 15.528 0 42  LEU AAA CG  1 ? 
ATOM   320  C CD1 . LEU A 1 45  ? 1.068   0.602   1.955   1.000 18.679 0 42  LEU AAA CD1 1 ? 
ATOM   321  C CD2 . LEU A 1 45  ? -0.164  1.471   -0.051  1.000 19.581 0 42  LEU AAA CD2 1 ? 
ATOM   322  N N   . ASN A 1 46  ? 2.030   3.670   4.126   1.000 17.429 0 43  ASN AAA N   1 ? 
ATOM   323  C CA  . ASN A 1 46  ? 3.201   4.559   4.290   1.000 16.957 0 43  ASN AAA CA  1 ? 
ATOM   324  C C   . ASN A 1 46  ? 4.387   3.802   3.719   1.000 16.842 0 43  ASN AAA C   1 ? 
ATOM   325  O O   . ASN A 1 46  ? 4.839   2.811   4.309   1.000 16.355 0 43  ASN AAA O   1 ? 
ATOM   326  C CB  . ASN A 1 46  ? 3.428   5.032   5.717   1.000 18.444 0 43  ASN AAA CB  1 ? 
ATOM   327  C CG  . ASN A 1 46  ? 4.673   5.901   5.803   1.000 17.480 0 43  ASN AAA CG  1 ? 
ATOM   328  O OD1 . ASN A 1 46  ? 5.591   5.570   6.559   1.000 16.707 0 43  ASN AAA OD1 1 ? 
ATOM   329  N ND2 . ASN A 1 46  ? 4.689   6.996   5.075   1.000 18.993 0 43  ASN AAA ND2 1 ? 
ATOM   330  N N   . VAL A 1 47  ? 4.831   4.230   2.536   1.000 18.496 0 44  VAL AAA N   1 ? 
ATOM   331  C CA  . VAL A 1 47  ? 6.043   3.683   1.899   1.000 18.550 0 44  VAL AAA CA  1 ? 
ATOM   332  C C   . VAL A 1 47  ? 7.028   4.831   1.758   1.000 16.797 0 44  VAL AAA C   1 ? 
ATOM   333  O O   . VAL A 1 47  ? 7.036   5.522   0.727   1.000 17.107 0 44  VAL AAA O   1 ? 
ATOM   334  C CB  . VAL A 1 47  ? 5.740   3.007   0.548   1.000 18.489 0 44  VAL AAA CB  1 ? 
ATOM   335  C CG1 . VAL A 1 47  ? 6.971   2.360   0.001   1.000 17.547 0 44  VAL AAA CG1 1 ? 
ATOM   336  C CG2 . VAL A 1 47  ? 4.601   2.029   0.672   1.000 20.859 0 44  VAL AAA CG2 1 ? 
ATOM   337  N N   . PRO A 1 48  ? 7.794   5.138   2.826   1.000 18.242 0 45  PRO AAA N   1 ? 
ATOM   338  C CA  . PRO A 1 48  ? 8.564   6.377   2.849   1.000 18.483 0 45  PRO AAA CA  1 ? 
ATOM   339  C C   . PRO A 1 48  ? 9.781   6.429   1.904   1.000 21.264 0 45  PRO AAA C   1 ? 
ATOM   340  O O   . PRO A 1 48  ? 10.286  7.510   1.665   1.000 20.371 0 45  PRO AAA O   1 ? 
ATOM   341  C CB  . PRO A 1 48  ? 9.019   6.438   4.316   1.000 17.843 0 45  PRO AAA CB  1 ? 
ATOM   342  C CG  . PRO A 1 48  ? 9.063   4.967   4.764   1.000 17.573 0 45  PRO AAA CG  1 ? 
ATOM   343  C CD  . PRO A 1 48  ? 7.860   4.372   4.104   1.000 17.914 0 45  PRO AAA CD  1 ? 
ATOM   344  N N   . THR A 1 49  ? 10.322  5.266   1.482   1.000 19.682 0 46  THR AAA N   1 ? 
ATOM   345  C CA  . THR A 1 49  ? 11.658  5.223   0.809   1.000 17.385 0 46  THR AAA CA  1 ? 
ATOM   346  C C   . THR A 1 49  ? 11.633  4.293   -0.396  1.000 18.513 0 46  THR AAA C   1 ? 
ATOM   347  O O   . THR A 1 49  ? 12.536  3.520   -0.615  1.000 20.234 0 46  THR AAA O   1 ? 
ATOM   348  C CB  . THR A 1 49  ? 12.772  4.796   1.810   1.000 20.529 0 46  THR AAA CB  1 ? 
ATOM   349  O OG1 . THR A 1 49  ? 12.460  5.395   3.081   1.000 19.000 0 46  THR AAA OG1 1 ? 
ATOM   350  C CG2 . THR A 1 49  ? 14.165  5.182   1.338   1.000 18.631 0 46  THR AAA CG2 1 ? 
ATOM   351  N N   . PRO A 1 50  ? 10.595  4.283   -1.254  1.000 19.707 0 47  PRO AAA N   1 ? 
ATOM   352  C CA  . PRO A 1 50  ? 10.619  3.401   -2.413  1.000 19.115 0 47  PRO AAA CA  1 ? 
ATOM   353  C C   . PRO A 1 50  ? 11.477  3.996   -3.544  1.000 17.952 0 47  PRO AAA C   1 ? 
ATOM   354  O O   . PRO A 1 50  ? 11.774  5.217   -3.567  1.000 17.309 0 47  PRO AAA O   1 ? 
ATOM   355  C CB  . PRO A 1 50  ? 9.167   3.387   -2.872  1.000 18.841 0 47  PRO AAA CB  1 ? 
ATOM   356  C CG  . PRO A 1 50  ? 8.679   4.784   -2.516  1.000 19.028 0 47  PRO AAA CG  1 ? 
ATOM   357  C CD  . PRO A 1 50  ? 9.464   5.245   -1.300  1.000 17.387 0 47  PRO AAA CD  1 ? 
ATOM   358  N N   . TYR A 1 51  ? 11.832  3.129   -4.496  1.000 19.195 0 48  TYR AAA N   1 ? 
ATOM   359  C CA  . TYR A 1 51  ? 12.307  3.618   -5.811  1.000 18.571 0 48  TYR AAA CA  1 ? 
ATOM   360  C C   . TYR A 1 51  ? 11.855  2.674   -6.899  1.000 19.907 0 48  TYR AAA C   1 ? 
ATOM   361  O O   . TYR A 1 51  ? 11.422  1.606   -6.603  1.000 18.469 0 48  TYR AAA O   1 ? 
ATOM   362  C CB  . TYR A 1 51  ? 13.783  3.910   -5.795  1.000 20.001 0 48  TYR AAA CB  1 ? 
ATOM   363  C CG  . TYR A 1 51  ? 14.675  2.699   -5.741  1.000 20.783 0 48  TYR AAA CG  1 ? 
ATOM   364  C CD1 . TYR A 1 51  ? 15.014  2.105   -4.545  1.000 21.066 0 48  TYR AAA CD1 1 ? 
ATOM   365  C CD2 . TYR A 1 51  ? 15.283  2.224   -6.887  1.000 21.082 0 48  TYR AAA CD2 1 ? 
ATOM   366  C CE1 . TYR A 1 51  ? 15.896  1.043   -4.476  1.000 23.607 0 48  TYR AAA CE1 1 ? 
ATOM   367  C CE2 . TYR A 1 51  ? 16.198  1.179   -6.822  1.000 23.643 0 48  TYR AAA CE2 1 ? 
ATOM   368  C CZ  . TYR A 1 51  ? 16.504  0.573   -5.608  1.000 23.666 0 48  TYR AAA CZ  1 ? 
ATOM   369  O OH  . TYR A 1 51  ? 17.424  -0.469  -5.536  1.000 24.974 0 48  TYR AAA OH  1 ? 
ATOM   370  N N   . ALA A 1 52  ? 11.952  3.136   -8.142  1.000 18.710 0 49  ALA AAA N   1 ? 
ATOM   371  C CA  . ALA A 1 52  ? 11.564  2.320   -9.296  1.000 19.636 0 49  ALA AAA CA  1 ? 
ATOM   372  C C   . ALA A 1 52  ? 12.684  2.419   -10.315 1.000 20.582 0 49  ALA AAA C   1 ? 
ATOM   373  O O   . ALA A 1 52  ? 13.363  3.460   -10.360 1.000 20.894 0 49  ALA AAA O   1 ? 
ATOM   374  C CB  . ALA A 1 52  ? 10.257  2.797   -9.841  1.000 19.119 0 49  ALA AAA CB  1 ? 
ATOM   375  N N   . THR A 1 53  ? 12.995  1.320   -10.970 1.000 21.137 0 50  THR AAA N   1 ? 
ATOM   376  C CA  . THR A 1 53  ? 14.026  1.410   -12.023 1.000 24.216 0 50  THR AAA CA  1 ? 
ATOM   377  C C   . THR A 1 53  ? 13.319  1.033   -13.333 1.000 24.092 0 50  THR AAA C   1 ? 
ATOM   378  O O   . THR A 1 53  ? 12.494  0.070   -13.365 1.000 26.432 0 50  THR AAA O   1 ? 
ATOM   379  C CB  . THR A 1 53  ? 15.203  0.505   -11.681 1.000 25.568 0 50  THR AAA CB  1 ? 
ATOM   380  O OG1 . THR A 1 53  ? 14.701  -0.817  -11.524 1.000 27.854 0 50  THR AAA OG1 1 ? 
ATOM   381  C CG2 . THR A 1 53  ? 15.902  0.901   -10.405 1.000 25.543 0 50  THR AAA CG2 1 ? 
ATOM   382  N N   . GLY A 1 54  ? 13.740  1.655   -14.381 1.000 22.862 0 51  GLY AAA N   1 ? 
ATOM   383  C CA  . GLY A 1 54  ? 13.190  1.366   -15.715 1.000 28.025 0 51  GLY AAA CA  1 ? 
ATOM   384  C C   . GLY A 1 54  ? 13.726  2.295   -16.775 1.000 28.283 0 51  GLY AAA C   1 ? 
ATOM   385  O O   . GLY A 1 54  ? 14.569  3.140   -16.482 1.000 28.399 0 51  GLY AAA O   1 ? 
ATOM   386  N N   . ASN A 1 55  ? 13.180  2.103   -17.978 1.000 32.483 0 52  ASN AAA N   1 ? 
ATOM   387  C CA  . ASN A 1 55  ? 13.673  2.735   -19.213 1.000 35.784 0 52  ASN AAA CA  1 ? 
ATOM   388  C C   . ASN A 1 55  ? 12.688  3.838   -19.621 1.000 30.260 0 52  ASN AAA C   1 ? 
ATOM   389  O O   . ASN A 1 55  ? 13.018  4.563   -20.569 1.000 28.839 0 52  ASN AAA O   1 ? 
ATOM   390  C CB  . ASN A 1 55  ? 13.890  1.659   -20.302 1.000 33.863 0 52  ASN AAA CB  1 ? 
ATOM   391  C CG  . ASN A 1 55  ? 14.837  0.534   -19.914 1.000 34.729 0 52  ASN AAA CG  1 ? 
ATOM   392  O OD1 . ASN A 1 55  ? 15.988  0.738   -19.563 1.000 39.093 0 52  ASN AAA OD1 1 ? 
ATOM   393  N ND2 . ASN A 1 55  ? 14.387  -0.695  -19.993 1.000 44.128 0 52  ASN AAA ND2 1 ? 
ATOM   394  N N   . ASN A 1 56  ? 11.500  3.983   -19.003 1.000 27.961 0 53  ASN AAA N   1 ? 
ATOM   395  C CA  . ASN A 1 56  ? 10.480  4.912   -19.579 1.000 30.649 0 53  ASN AAA CA  1 ? 
ATOM   396  C C   . ASN A 1 56  ? 9.689   5.637   -18.477 1.000 26.581 0 53  ASN AAA C   1 ? 
ATOM   397  O O   . ASN A 1 56  ? 8.508   5.323   -18.286 1.000 25.172 0 53  ASN AAA O   1 ? 
ATOM   398  C CB  . ASN A 1 56  ? 9.576   4.163   -20.556 1.000 36.004 0 53  ASN AAA CB  1 ? 
ATOM   399  C CG  . ASN A 1 56  ? 8.857   5.128   -21.481 1.000 44.937 0 53  ASN AAA CG  1 ? 
ATOM   400  O OD1 . ASN A 1 56  ? 9.372   6.198   -21.852 1.000 46.300 0 53  ASN AAA OD1 1 ? 
ATOM   401  N ND2 . ASN A 1 56  ? 7.639   4.759   -21.842 1.000 52.665 0 53  ASN AAA ND2 1 ? 
ATOM   402  N N   . PHE A 1 57  ? 10.337  6.626   -17.848 1.000 25.335 0 54  PHE AAA N   1 ? 
ATOM   403  C CA  . PHE A 1 57  ? 9.737   7.525   -16.820 1.000 26.944 0 54  PHE AAA CA  1 ? 
ATOM   404  C C   . PHE A 1 57  ? 9.208   6.621   -15.730 1.000 20.374 0 54  PHE AAA C   1 ? 
ATOM   405  O O   . PHE A 1 57  ? 7.995   6.425   -15.617 1.000 23.855 0 54  PHE AAA O   1 ? 
ATOM   406  C CB  . PHE A 1 57  ? 8.622   8.403   -17.375 1.000 28.843 0 54  PHE AAA CB  1 ? 
ATOM   407  C CG  . PHE A 1 57  ? 9.114   9.371   -18.423 1.000 28.509 0 54  PHE AAA CG  1 ? 
ATOM   408  C CD1 . PHE A 1 57  ? 9.596   10.612  -18.053 1.000 30.531 0 54  PHE AAA CD1 1 ? 
ATOM   409  C CD2 . PHE A 1 57  ? 9.059   9.038   -19.771 1.000 34.952 0 54  PHE AAA CD2 1 ? 
ATOM   410  C CE1 . PHE A 1 57  ? 10.056  11.516  -19.005 1.000 32.981 0 54  PHE AAA CE1 1 ? 
ATOM   411  C CE2 . PHE A 1 57  ? 9.551   9.932   -20.708 1.000 31.611 0 54  PHE AAA CE2 1 ? 
ATOM   412  C CZ  . PHE A 1 57  ? 10.011  11.167  -20.324 1.000 33.190 0 54  PHE AAA CZ  1 ? 
ATOM   413  N N   . PRO A 1 58  ? 10.109  5.977   -14.959 1.000 22.446 0 55  PRO AAA N   1 ? 
ATOM   414  C CA  . PRO A 1 58  ? 9.683   4.913   -14.049 1.000 20.178 0 55  PRO AAA CA  1 ? 
ATOM   415  C C   . PRO A 1 58  ? 8.848   5.444   -12.871 1.000 20.105 0 55  PRO AAA C   1 ? 
ATOM   416  O O   . PRO A 1 58  ? 8.821   6.620   -12.587 1.000 20.159 0 55  PRO AAA O   1 ? 
ATOM   417  C CB  . PRO A 1 58  ? 10.998  4.283   -13.528 1.000 22.922 0 55  PRO AAA CB  1 ? 
ATOM   418  C CG  . PRO A 1 58  ? 12.073  4.872   -14.378 1.000 24.836 0 55  PRO AAA CG  1 ? 
ATOM   419  C CD  . PRO A 1 58  ? 11.558  6.193   -14.924 1.000 23.277 0 55  PRO AAA CD  1 ? 
ATOM   420  N N   . GLY A 1 59  ? 8.185   4.512   -12.231 1.000 19.259 0 56  GLY AAA N   1 ? 
ATOM   421  C CA  . GLY A 1 59  ? 7.330   4.816   -11.074 1.000 17.708 0 56  GLY AAA CA  1 ? 
ATOM   422  C C   . GLY A 1 59  ? 6.661   3.584   -10.548 1.000 18.097 0 56  GLY AAA C   1 ? 
ATOM   423  O O   . GLY A 1 59  ? 6.850   2.495   -11.121 1.000 18.668 0 56  GLY AAA O   1 ? 
ATOM   424  N N   . ILE A 1 60  ? 5.830   3.759   -9.503  1.000 18.667 0 57  ILE AAA N   1 ? 
ATOM   425  C CA  . ILE A 1 60  ? 5.094   2.665   -8.861  1.000 18.785 0 57  ILE AAA CA  1 ? 
ATOM   426  C C   . ILE A 1 60  ? 3.711   3.192   -8.612  1.000 20.947 0 57  ILE AAA C   1 ? 
ATOM   427  O O   . ILE A 1 60  ? 3.629   4.303   -8.080  1.000 19.356 0 57  ILE AAA O   1 ? 
ATOM   428  C CB  . ILE A 1 60  ? 5.728   2.277   -7.512  1.000 19.458 0 57  ILE AAA CB  1 ? 
ATOM   429  C CG1 . ILE A 1 60  ? 7.216   1.959   -7.676  1.000 18.866 0 57  ILE AAA CG1 1 ? 
ATOM   430  C CG2 . ILE A 1 60  ? 4.960   1.147   -6.829  1.000 20.542 0 57  ILE AAA CG2 1 ? 
ATOM   431  C CD1 . ILE A 1 60  ? 7.914   1.534   -6.386  1.000 18.173 0 57  ILE AAA CD1 1 ? 
ATOM   432  N N   . TYR A 1 61  ? 2.695   2.396   -8.958  1.000 16.778 0 58  TYR AAA N   1 ? 
ATOM   433  C CA  . TYR A 1 61  ? 1.302   2.535   -8.460  1.000 17.204 0 58  TYR AAA CA  1 ? 
ATOM   434  C C   . TYR A 1 61  ? 1.218   1.774   -7.134  1.000 19.809 0 58  TYR AAA C   1 ? 
ATOM   435  O O   . TYR A 1 61  ? 1.655   0.575   -7.031  1.000 19.882 0 58  TYR AAA O   1 ? 
ATOM   436  C CB  . TYR A 1 61  ? 0.293   1.897   -9.402  1.000 18.759 0 58  TYR AAA CB  1 ? 
ATOM   437  C CG  . TYR A 1 61  ? 0.275   2.501   -10.761 1.000 20.627 0 58  TYR AAA CG  1 ? 
ATOM   438  C CD1 . TYR A 1 61  ? -0.257  3.764   -10.934 1.000 23.010 0 58  TYR AAA CD1 1 ? 
ATOM   439  C CD2 . TYR A 1 61  ? 0.776   1.841   -11.867 1.000 23.950 0 58  TYR AAA CD2 1 ? 
ATOM   440  C CE1 . TYR A 1 61  ? -0.277  4.348   -12.208 1.000 25.962 0 58  TYR AAA CE1 1 ? 
ATOM   441  C CE2 . TYR A 1 61  ? 0.786   2.411   -13.133 1.000 26.398 0 58  TYR AAA CE2 1 ? 
ATOM   442  C CZ  . TYR A 1 61  ? 0.206   3.661   -13.305 1.000 26.203 0 58  TYR AAA CZ  1 ? 
ATOM   443  O OH  . TYR A 1 61  ? 0.255   4.207   -14.541 1.000 33.143 0 58  TYR AAA OH  1 ? 
ATOM   444  N N   . PHE A 1 62  ? 0.627   2.398   -6.130  1.000 18.152 0 59  PHE AAA N   1 ? 
ATOM   445  C CA  . PHE A 1 62  ? 0.319   1.761   -4.833  1.000 18.185 0 59  PHE AAA CA  1 ? 
ATOM   446  C C   . PHE A 1 62  ? -1.191  1.791   -4.617  1.000 17.011 0 59  PHE AAA C   1 ? 
ATOM   447  O O   . PHE A 1 62  ? -1.831  2.839   -4.913  1.000 18.271 0 59  PHE AAA O   1 ? 
ATOM   448  C CB  . PHE A 1 62  ? 0.960   2.490   -3.654  1.000 16.080 0 59  PHE AAA CB  1 ? 
ATOM   449  C CG  . PHE A 1 62  ? 2.462   2.401   -3.583  1.000 18.559 0 59  PHE AAA CG  1 ? 
ATOM   450  C CD1 . PHE A 1 62  ? 3.019   1.211   -3.147  1.000 19.827 0 59  PHE AAA CD1 1 ? 
ATOM   451  C CD2 . PHE A 1 62  ? 3.291   3.425   -4.058  1.000 18.238 0 59  PHE AAA CD2 1 ? 
ATOM   452  C CE1 . PHE A 1 62  ? 4.399   1.101   -3.085  1.000 21.500 0 59  PHE AAA CE1 1 ? 
ATOM   453  C CE2 . PHE A 1 62  ? 4.672   3.283   -3.998  1.000 20.681 0 59  PHE AAA CE2 1 ? 
ATOM   454  C CZ  . PHE A 1 62  ? 5.213   2.115   -3.509  1.000 19.927 0 59  PHE AAA CZ  1 ? 
ATOM   455  N N   . ALA A 1 63  ? -1.727  0.771   -3.983  1.000 17.756 0 60  ALA AAA N   1 ? 
ATOM   456  C CA  . ALA A 1 63  ? -3.161  0.723   -3.632  1.000 17.609 0 60  ALA AAA CA  1 ? 
ATOM   457  C C   . ALA A 1 63  ? -3.343  0.226   -2.210  1.000 18.823 0 60  ALA AAA C   1 ? 
ATOM   458  O O   . ALA A 1 63  ? -2.560  -0.585  -1.743  1.000 17.808 0 60  ALA AAA O   1 ? 
ATOM   459  C CB  . ALA A 1 63  ? -3.880  -0.119  -4.644  1.000 20.144 0 60  ALA AAA CB  1 ? 
ATOM   460  N N   . ILE A 1 64  ? -4.426  0.673   -1.622  1.000 17.674 0 61  ILE AAA N   1 ? 
ATOM   461  C CA  . ILE A 1 64  ? -5.095  0.017   -0.457  1.000 17.569 0 61  ILE AAA CA  1 ? 
ATOM   462  C C   . ILE A 1 64  ? -6.209  -0.843  -1.057  1.000 19.469 0 61  ILE AAA C   1 ? 
ATOM   463  O O   . ILE A 1 64  ? -7.075  -0.290  -1.759  1.000 20.110 0 61  ILE AAA O   1 ? 
ATOM   464  C CB  . ILE A 1 64  ? -5.612  1.056   0.548   1.000 19.050 0 61  ILE AAA CB  1 ? 
ATOM   465  C CG1 . ILE A 1 64  ? -4.421  1.816   1.160   1.000 18.462 0 61  ILE AAA CG1 1 ? 
ATOM   466  C CG2 . ILE A 1 64  ? -6.439  0.408   1.642   1.000 20.811 0 61  ILE AAA CG2 1 ? 
ATOM   467  C CD1 . ILE A 1 64  ? -4.832  3.100   1.923   1.000 19.470 0 61  ILE AAA CD1 1 ? 
ATOM   468  N N   . ALA A 1 65  ? -6.200  -2.121  -0.703  1.000 20.093 0 62  ALA AAA N   1 ? 
ATOM   469  C CA  . ALA A 1 65  ? -7.228  -3.088  -1.158  1.000 21.873 0 62  ALA AAA CA  1 ? 
ATOM   470  C C   . ALA A 1 65  ? -7.840  -3.799  0.066   1.000 24.215 0 62  ALA AAA C   1 ? 
ATOM   471  O O   . ALA A 1 65  ? -7.213  -3.921  1.150   1.000 23.096 0 62  ALA AAA O   1 ? 
ATOM   472  C CB  . ALA A 1 65  ? -6.584  -4.023  -2.168  1.000 21.966 0 62  ALA AAA CB  1 ? 
ATOM   473  N N   . THR A 1 66  ? -9.100  -4.179  -0.044  1.000 22.738 0 63  THR AAA N   1 ? 
ATOM   474  C CA  . THR A 1 66  ? -9.759  -5.127  0.874   1.000 23.691 0 63  THR AAA CA  1 ? 
ATOM   475  C C   . THR A 1 66  ? -9.982  -6.445  0.106   1.000 24.077 0 63  THR AAA C   1 ? 
ATOM   476  O O   . THR A 1 66  ? -9.591  -6.607  -1.077  1.000 23.366 0 63  THR AAA O   1 ? 
ATOM   477  C CB  . THR A 1 66  ? -11.043 -4.507  1.417   1.000 23.874 0 63  THR AAA CB  1 ? 
ATOM   478  O OG1 . THR A 1 66  ? -11.923 -4.410  0.291   1.000 23.072 0 63  THR AAA OG1 1 ? 
ATOM   479  C CG2 . THR A 1 66  ? -10.917 -3.123  2.009   1.000 26.266 0 63  THR AAA CG2 1 ? 
ATOM   480  N N   . ASN A 1 67  ? -10.678 -7.363  0.762   1.000 23.564 0 64  ASN AAA N   1 ? 
ATOM   481  C CA  . ASN A 1 67  ? -11.171 -8.562  0.084   1.000 24.193 0 64  ASN AAA CA  1 ? 
ATOM   482  C C   . ASN A 1 67  ? -12.096 -8.189  -1.092  1.000 25.603 0 64  ASN AAA C   1 ? 
ATOM   483  O O   . ASN A 1 67  ? -12.321 -9.048  -1.932  1.000 26.962 0 64  ASN AAA O   1 ? 
ATOM   484  C CB  . ASN A 1 67  ? -11.811 -9.480  1.127   1.000 28.519 0 64  ASN AAA CB  1 ? 
ATOM   485  C CG  . ASN A 1 67  ? -12.773 -8.731  2.010   1.000 29.962 0 64  ASN AAA CG  1 ? 
ATOM   486  O OD1 . ASN A 1 67  ? -12.357 -7.843  2.781   1.000 32.450 0 64  ASN AAA OD1 1 ? 
ATOM   487  N ND2 . ASN A 1 67  ? -14.049 -9.110  1.955   1.000 31.455 0 64  ASN AAA ND2 1 ? 
ATOM   488  N N   . GLN A 1 68  ? -12.601 -6.968  -1.166  1.000 28.280 0 65  GLN AAA N   1 ? 
ATOM   489  C CA  . GLN A 1 68  ? -13.594 -6.564  -2.235  1.000 27.073 0 65  GLN AAA CA  1 ? 
ATOM   490  C C   . GLN A 1 68  ? -12.897 -5.868  -3.383  1.000 28.364 0 65  GLN AAA C   1 ? 
ATOM   491  O O   . GLN A 1 68  ? -13.486 -5.800  -4.428  1.000 32.585 0 65  GLN AAA O   1 ? 
ATOM   492  C CB  . GLN A 1 68  ? -14.665 -5.657  -1.665  1.000 29.168 0 65  GLN AAA CB  1 ? 
ATOM   493  C CG  . GLN A 1 68  ? -15.225 -6.114  -0.356  1.000 36.691 0 65  GLN AAA CG  1 ? 
ATOM   494  C CD  . GLN A 1 68  ? -16.426 -5.327  0.054   1.000 45.551 0 65  GLN AAA CD  1 ? 
ATOM   495  O OE1 . GLN A 1 68  ? -16.377 -4.119  0.273   1.000 43.561 0 65  GLN AAA OE1 1 ? 
ATOM   496  N NE2 . GLN A 1 68  ? -17.530 -6.026  0.178   1.000 56.001 0 65  GLN AAA NE2 1 ? 
ATOM   497  N N   . GLY A 1 69  ? -11.619 -5.533  -3.227  1.000 30.555 0 66  GLY AAA N   1 ? 
ATOM   498  C CA  . GLY A 1 69  ? -10.695 -4.984  -4.242  1.000 34.756 0 66  GLY AAA CA  1 ? 
ATOM   499  C C   . GLY A 1 69  ? -10.144 -3.623  -3.818  1.000 24.786 0 66  GLY AAA C   1 ? 
ATOM   500  O O   . GLY A 1 69  ? -10.226 -3.232  -2.622  1.000 23.313 0 66  GLY AAA O   1 ? 
ATOM   501  N N   . VAL A 1 70  ? -9.653  -2.884  -4.793  1.000 25.079 0 67  VAL AAA N   1 ? 
ATOM   502  C CA  . VAL A 1 70  ? -8.914  -1.627  -4.524  1.000 22.480 0 67  VAL AAA CA  1 ? 
ATOM   503  C C   . VAL A 1 70  ? -9.919  -0.574  -4.054  1.000 23.839 0 67  VAL AAA C   1 ? 
ATOM   504  O O   . VAL A 1 70  ? -10.937 -0.318  -4.727  1.000 24.675 0 67  VAL AAA O   1 ? 
ATOM   505  C CB  . VAL A 1 70  ? -8.131  -1.208  -5.789  1.000 24.600 0 67  VAL AAA CB  1 ? 
ATOM   506  C CG1 . VAL A 1 70  ? -7.645  0.224   -5.688  1.000 22.930 0 67  VAL AAA CG1 1 ? 
ATOM   507  C CG2 . VAL A 1 70  ? -7.006  -2.141  -6.140  1.000 26.360 0 67  VAL AAA CG2 1 ? 
ATOM   508  N N   . VAL A 1 71  ? -9.610  0.114   -2.970  1.000 22.875 0 68  VAL AAA N   1 ? 
ATOM   509  C CA  . VAL A 1 71  ? -10.464 1.209   -2.460  1.000 24.967 0 68  VAL AAA CA  1 ? 
ATOM   510  C C   . VAL A 1 71  ? -9.801  2.539   -2.763  1.000 25.790 0 68  VAL AAA C   1 ? 
ATOM   511  O O   . VAL A 1 71  ? -10.473 3.536   -2.773  1.000 23.568 0 68  VAL AAA O   1 ? 
ATOM   512  C CB  . VAL A 1 71  ? -10.841 1.060   -0.981  1.000 28.243 0 68  VAL AAA CB  1 ? 
ATOM   513  C CG1 . VAL A 1 71  ? -11.689 -0.208  -0.816  1.000 32.953 0 68  VAL AAA CG1 1 ? 
ATOM   514  C CG2 . VAL A 1 71  ? -9.634  1.004   -0.045  1.000 27.172 0 68  VAL AAA CG2 1 ? 
ATOM   515  N N   . ALA A 1 72  ? -8.495  2.583   -2.908  1.000 22.455 0 69  ALA AAA N   1 ? 
ATOM   516  C CA  . ALA A 1 72  ? -7.829  3.871   -3.188  1.000 18.195 0 69  ALA AAA CA  1 ? 
ATOM   517  C C   . ALA A 1 72  ? -6.521  3.514   -3.855  1.000 19.159 0 69  ALA AAA C   1 ? 
ATOM   518  O O   . ALA A 1 72  ? -5.896  2.521   -3.450  1.000 19.489 0 69  ALA AAA O   1 ? 
ATOM   519  C CB  . ALA A 1 72  ? -7.662  4.648   -1.904  1.000 21.452 0 69  ALA AAA CB  1 ? 
ATOM   520  N N   . ASP A 1 73  ? -6.049  4.399   -4.724  1.000 19.734 0 70  ASP AAA N   1 ? 
ATOM   521  C CA  . ASP A 1 73  ? -4.704  4.212   -5.313  1.000 19.360 0 70  ASP AAA CA  1 ? 
ATOM   522  C C   . ASP A 1 73  ? -4.083  5.521   -5.778  1.000 18.932 0 70  ASP AAA C   1 ? 
ATOM   523  O O   . ASP A 1 73  ? -4.746  6.575   -5.802  1.000 19.987 0 70  ASP AAA O   1 ? 
ATOM   524  C CB  . ASP A 1 73  ? -4.683  3.163   -6.438  1.000 20.421 0 70  ASP AAA CB  1 ? 
ATOM   525  C CG  . ASP A 1 73  ? -5.583  3.377   -7.642  1.000 24.360 0 70  ASP AAA CG  1 ? 
ATOM   526  O OD1 . ASP A 1 73  ? -6.370  4.354   -7.629  1.000 25.782 0 70  ASP AAA OD1 1 ? 
ATOM   527  O OD2 . ASP A 1 73  ? -5.463  2.501   -8.646  1.000 31.978 0 70  ASP AAA OD2 1 ? 
ATOM   528  N N   . GLY A 1 74  ? -2.787  5.438   -6.018  1.000 18.212 0 71  GLY AAA N   1 ? 
ATOM   529  C CA  . GLY A 1 74  ? -1.999  6.613   -6.488  1.000 16.660 0 71  GLY AAA CA  1 ? 
ATOM   530  C C   . GLY A 1 74  ? -0.665  6.179   -6.972  1.000 17.183 0 71  GLY AAA C   1 ? 
ATOM   531  O O   . GLY A 1 74  ? -0.409  4.966   -7.049  1.000 18.827 0 71  GLY AAA O   1 ? 
ATOM   532  N N   . CYS A 1 75  ? 0.163   7.116   -7.365  1.000 17.339 0 72  CYS AAA N   1 ? 
ATOM   533  C CA  . CYS A 1 75  ? 1.522   6.746   -7.814  1.000 17.871 0 72  CYS AAA CA  1 ? 
ATOM   534  C C   . CYS A 1 75  ? 2.500   7.889   -7.623  1.000 17.476 0 72  CYS AAA C   1 ? 
ATOM   535  O O   . CYS A 1 75  ? 2.048   9.041   -7.464  1.000 18.032 0 72  CYS AAA O   1 ? 
ATOM   536  C CB  . CYS A 1 75  ? 1.556   6.248   -9.240  1.000 19.872 0 72  CYS AAA CB  1 ? 
ATOM   537  S SG  . CYS A 1 75  ? 1.388   7.541   -10.494 1.000 23.379 0 72  CYS AAA SG  1 ? 
ATOM   538  N N   . PHE A 1 76  ? 3.789   7.556   -7.589  1.000 17.362 0 73  PHE AAA N   1 ? 
ATOM   539  C CA  . PHE A 1 76  ? 4.854   8.553   -7.879  1.000 17.289 0 73  PHE AAA CA  1 ? 
ATOM   540  C C   . PHE A 1 76  ? 5.476   8.145   -9.224  1.000 19.089 0 73  PHE AAA C   1 ? 
ATOM   541  O O   . PHE A 1 76  ? 5.478   6.948   -9.597  1.000 17.030 0 73  PHE AAA O   1 ? 
ATOM   542  C CB  . PHE A 1 76  ? 5.929   8.646   -6.793  1.000 19.024 0 73  PHE AAA CB  1 ? 
ATOM   543  C CG  . PHE A 1 76  ? 6.918   7.502   -6.800  1.000 17.716 0 73  PHE AAA CG  1 ? 
ATOM   544  C CD1 . PHE A 1 76  ? 8.017   7.501   -7.662  1.000 18.454 0 73  PHE AAA CD1 1 ? 
ATOM   545  C CD2 . PHE A 1 76  ? 6.745   6.408   -5.946  1.000 18.387 0 73  PHE AAA CD2 1 ? 
ATOM   546  C CE1 . PHE A 1 76  ? 8.870   6.408   -7.707  1.000 17.806 0 73  PHE AAA CE1 1 ? 
ATOM   547  C CE2 . PHE A 1 76  ? 7.614   5.317   -6.002  1.000 19.861 0 73  PHE AAA CE2 1 ? 
ATOM   548  C CZ  . PHE A 1 76  ? 8.723   5.342   -6.835  1.000 17.697 0 73  PHE AAA CZ  1 ? 
ATOM   549  N N   . THR A 1 77  ? 5.957   9.151   -9.951  1.000 19.956 0 74  THR AAA N   1 ? 
ATOM   550  C CA  . THR A 1 77  ? 6.759   8.935   -11.202 1.000 20.232 0 74  THR AAA CA  1 ? 
ATOM   551  C C   . THR A 1 77  ? 7.917   9.928   -11.218 1.000 20.756 0 74  THR AAA C   1 ? 
ATOM   552  O O   . THR A 1 77  ? 7.790   11.033  -10.624 1.000 18.907 0 74  THR AAA O   1 ? 
ATOM   553  C CB  . THR A 1 77  ? 5.932   9.073   -12.483 1.000 17.999 0 74  THR AAA CB  1 ? 
ATOM   554  O OG1 . THR A 1 77  ? 5.288   10.333  -12.546 1.000 19.652 0 74  THR AAA OG1 1 ? 
ATOM   555  C CG2 . THR A 1 77  ? 4.878   8.003   -12.590 1.000 21.836 0 74  THR AAA CG2 1 ? 
ATOM   556  N N   . TYR A 1 78  ? 9.013   9.548   -11.860 1.000 19.217 0 75  TYR AAA N   1 ? 
ATOM   557  C CA  . TYR A 1 78  ? 10.160  10.446  -12.060 1.000 20.824 0 75  TYR AAA CA  1 ? 
ATOM   558  C C   . TYR A 1 78  ? 9.821   11.391  -13.205 1.000 22.402 0 75  TYR AAA C   1 ? 
ATOM   559  O O   . TYR A 1 78  ? 8.883   11.106  -13.937 1.000 22.553 0 75  TYR AAA O   1 ? 
ATOM   560  C CB  . TYR A 1 78  ? 11.434  9.654   -12.294 1.000 20.025 0 75  TYR AAA CB  1 ? 
ATOM   561  C CG  . TYR A 1 78  ? 11.825  8.786   -11.125 1.000 19.815 0 75  TYR AAA CG  1 ? 
ATOM   562  C CD1 . TYR A 1 78  ? 12.393  9.351   -9.986  1.000 22.442 0 75  TYR AAA CD1 1 ? 
ATOM   563  C CD2 . TYR A 1 78  ? 11.736  7.417   -11.197 1.000 20.180 0 75  TYR AAA CD2 1 ? 
ATOM   564  C CE1 . TYR A 1 78  ? 12.769  8.549   -8.915  1.000 20.243 0 75  TYR AAA CE1 1 ? 
ATOM   565  C CE2 . TYR A 1 78  ? 12.123  6.599   -10.149 1.000 20.235 0 75  TYR AAA CE2 1 ? 
ATOM   566  C CZ  . TYR A 1 78  ? 12.667  7.174   -9.015  1.000 21.371 0 75  TYR AAA CZ  1 ? 
ATOM   567  O OH  . TYR A 1 78  ? 12.962  6.377   -7.942  1.000 21.639 0 75  TYR AAA OH  1 ? 
ATOM   568  N N   . SER A 1 79  ? 10.555  12.499  -13.295 1.000 22.233 0 76  SER AAA N   1 ? 
ATOM   569  C CA  . SER A 1 79  ? 10.334  13.564  -14.308 1.000 23.272 0 76  SER AAA CA  1 ? 
ATOM   570  C C   . SER A 1 79  ? 11.383  13.463  -15.437 1.000 25.011 0 76  SER AAA C   1 ? 
ATOM   571  O O   . SER A 1 79  ? 11.455  14.395  -16.233 1.000 25.070 0 76  SER AAA O   1 ? 
ATOM   572  C CB  . SER A 1 79  ? 10.394  14.902  -13.624 1.000 24.520 0 76  SER AAA CB  1 ? 
ATOM   573  O OG  . SER A 1 79  ? 9.372   14.987  -12.644 1.000 23.276 0 76  SER AAA OG  1 ? 
ATOM   574  N N   . SER A 1 80  ? 12.077  12.335  -15.534 1.000 25.775 0 77  SER AAA N   1 ? 
ATOM   575  C CA  . SER A 1 80  ? 13.051  12.043  -16.618 1.000 30.572 0 77  SER AAA CA  1 ? 
ATOM   576  C C   . SER A 1 80  ? 12.771  10.678  -17.171 1.000 27.287 0 77  SER AAA C   1 ? 
ATOM   577  O O   . SER A 1 80  ? 12.301  9.808   -16.417 1.000 25.609 0 77  SER AAA O   1 ? 
ATOM   578  C CB  . SER A 1 80  ? 14.510  12.122  -16.129 1.000 32.793 0 77  SER AAA CB  1 ? 
ATOM   579  O OG  . SER A 1 80  ? 14.820  13.481  -16.049 1.000 39.487 0 77  SER AAA OG  1 ? 
ATOM   580  N N   . LYS A 1 81  ? 13.107  10.466  -18.460 1.000 26.397 0 78  LYS AAA N   1 ? 
ATOM   581  C CA  . LYS A 1 81  ? 12.834  9.149   -19.088 1.000 25.980 0 78  LYS AAA CA  1 ? 
ATOM   582  C C   . LYS A 1 81  ? 13.674  8.069   -18.386 1.000 27.832 0 78  LYS AAA C   1 ? 
ATOM   583  O O   . LYS A 1 81  ? 13.145  6.970   -18.130 1.000 28.515 0 78  LYS AAA O   1 ? 
ATOM   584  C CB  . LYS A 1 81  ? 13.145  9.224   -20.611 1.000 29.853 0 78  LYS AAA CB  1 ? 
ATOM   585  C CG  . LYS A 1 81  ? 12.606  8.048   -21.402 1.000 34.858 0 78  LYS AAA CG  1 ? 
ATOM   586  C CD  . LYS A 1 81  ? 13.175  8.012   -22.855 1.000 37.770 0 78  LYS AAA CD  1 ? 
ATOM   587  C CE  . LYS A 1 81  ? 12.489  7.012   -23.733 1.000 40.892 0 78  LYS AAA CE  1 ? 
ATOM   588  N NZ  . LYS A 1 81  ? 12.620  5.640   -23.222 1.000 42.557 0 78  LYS AAA NZ  1 ? 
ATOM   589  N N   . VAL A 1 82  ? 14.965  8.333   -18.188 1.000 25.968 0 79  VAL AAA N   1 ? 
ATOM   590  C CA  . VAL A 1 82  ? 15.923  7.428   -17.507 1.000 30.857 0 79  VAL AAA CA  1 ? 
ATOM   591  C C   . VAL A 1 82  ? 16.681  8.324   -16.539 1.000 34.819 0 79  VAL AAA C   1 ? 
ATOM   592  O O   . VAL A 1 82  ? 17.608  9.036   -16.907 1.000 30.584 0 79  VAL AAA O   1 ? 
ATOM   593  C CB  . VAL A 1 82  ? 16.851  6.635   -18.461 1.000 38.318 0 79  VAL AAA CB  1 ? 
ATOM   594  C CG1 . VAL A 1 82  ? 17.457  5.433   -17.732 1.000 38.996 0 79  VAL AAA CG1 1 ? 
ATOM   595  C CG2 . VAL A 1 82  ? 16.136  6.171   -19.737 1.000 35.766 0 79  VAL AAA CG2 1 ? 
ATOM   596  N N   . PRO A 1 83  ? 16.206  8.422   -15.273 1.000 29.059 0 80  PRO AAA N   1 ? 
ATOM   597  C CA  . PRO A 1 83  ? 16.836  9.299   -14.280 1.000 25.843 0 80  PRO AAA CA  1 ? 
ATOM   598  C C   . PRO A 1 83  ? 18.326  8.949   -14.145 1.000 26.835 0 80  PRO AAA C   1 ? 
ATOM   599  O O   . PRO A 1 83  ? 18.603  7.760   -14.289 1.000 26.223 0 80  PRO AAA O   1 ? 
ATOM   600  C CB  . PRO A 1 83  ? 16.087  8.905   -12.983 1.000 27.158 0 80  PRO AAA CB  1 ? 
ATOM   601  C CG  . PRO A 1 83  ? 14.758  8.469   -13.463 1.000 29.475 0 80  PRO AAA CG  1 ? 
ATOM   602  C CD  . PRO A 1 83  ? 15.056  7.669   -14.719 1.000 31.658 0 80  PRO AAA CD  1 ? 
ATOM   603  N N   . GLU A 1 84  ? 19.181  9.931   -13.856 1.000 28.547 0 81  GLU AAA N   1 ? 
ATOM   604  C CA  . GLU A 1 84  ? 20.630  9.694   -13.614 1.000 31.987 0 81  GLU AAA CA  1 ? 
ATOM   605  C C   . GLU A 1 84  ? 20.770  8.662   -12.516 1.000 33.857 0 81  GLU AAA C   1 ? 
ATOM   606  O O   . GLU A 1 84  ? 21.473  7.725   -12.712 1.000 31.812 0 81  GLU AAA O   1 ? 
ATOM   607  C CB  . GLU A 1 84  ? 21.366  10.911  -13.110 1.000 40.829 0 81  GLU AAA CB  1 ? 
ATOM   608  C CG  . GLU A 1 84  ? 21.776  11.927  -14.141 1.000 50.718 0 81  GLU AAA CG  1 ? 
ATOM   609  C CD  . GLU A 1 84  ? 22.388  13.195  -13.497 1.000 57.286 0 81  GLU AAA CD  1 ? 
ATOM   610  O OE1 . GLU A 1 84  ? 23.007  13.115  -12.327 1.000 41.383 0 81  GLU AAA OE1 1 ? 
ATOM   611  O OE2 . GLU A 1 84  ? 22.253  14.285  -14.138 1.000 62.952 0 81  GLU AAA OE2 1 ? 
ATOM   612  N N   . SER A 1 85  ? 20.045  8.860   -11.405 1.000 27.845 0 82  SER AAA N   1 ? 
ATOM   613  C CA  . SER A 1 85  ? 19.988  7.934   -10.273 1.000 30.521 0 82  SER AAA CA  1 ? 
ATOM   614  C C   . SER A 1 85  ? 18.514  7.917   -9.799  1.000 25.514 0 82  SER AAA C   1 ? 
ATOM   615  O O   . SER A 1 85  ? 17.915  8.895   -9.762  1.000 26.718 0 82  SER AAA O   1 ? 
ATOM   616  C CB  . SER A 1 85  ? 20.933  8.369   -9.168  1.000 36.149 0 82  SER AAA CB  1 ? 
ATOM   617  O OG  . SER A 1 85  ? 20.604  7.706   -7.956  1.000 42.519 0 82  SER AAA OG  1 ? 
ATOM   618  N N   . THR A 1 86  ? 17.932  6.767   -9.642  1.000 25.522 0 83  THR AAA N   1 ? 
ATOM   619  C CA  . THR A 1 86  ? 16.506  6.665   -9.221  1.000 23.530 0 83  THR AAA CA  1 ? 
ATOM   620  C C   . THR A 1 86  ? 16.444  7.015   -7.721  1.000 24.832 0 83  THR AAA C   1 ? 
ATOM   621  O O   . THR A 1 86  ? 16.643  6.117   -6.867  1.000 23.472 0 83  THR AAA O   1 ? 
ATOM   622  C CB  . THR A 1 86  ? 15.968  5.299   -9.618  1.000 24.788 0 83  THR AAA CB  1 ? 
ATOM   623  O OG1 . THR A 1 86  ? 16.782  4.309   -9.024  1.000 25.344 0 83  THR AAA OG1 1 ? 
ATOM   624  C CG2 . THR A 1 86  ? 15.892  5.094   -11.113 1.000 28.016 0 83  THR AAA CG2 1 ? 
ATOM   625  N N   . GLY A 1 87  ? 16.033  8.232   -7.426  1.000 22.475 0 84  GLY AAA N   1 ? 
ATOM   626  C CA  . GLY A 1 87  ? 16.015  8.687   -6.029  1.000 20.112 0 84  GLY AAA CA  1 ? 
ATOM   627  C C   . GLY A 1 87  ? 14.836  8.150   -5.267  1.000 19.156 0 84  GLY AAA C   1 ? 
ATOM   628  O O   . GLY A 1 87  ? 13.876  7.629   -5.878  1.000 19.237 0 84  GLY AAA O   1 ? 
ATOM   629  N N   . ARG A 1 88  ? 14.920  8.212   -3.945  1.000 17.880 0 85  ARG AAA N   1 ? 
ATOM   630  C CA  . ARG A 1 88  ? 13.852  7.723   -3.052  1.000 18.193 0 85  ARG AAA CA  1 ? 
ATOM   631  C C   . ARG A 1 88  ? 12.682  8.713   -3.069  1.000 18.330 0 85  ARG AAA C   1 ? 
ATOM   632  O O   . ARG A 1 88  ? 12.900  9.897   -2.803  1.000 17.572 0 85  ARG AAA O   1 ? 
ATOM   633  C CB  . ARG A 1 88  ? 14.393  7.412   -1.665  1.000 17.243 0 85  ARG AAA CB  1 ? 
ATOM   634  C CG  . ARG A 1 88  ? 15.545  6.417   -1.679  1.000 18.101 0 85  ARG AAA CG  1 ? 
ATOM   635  C CD  . ARG A 1 88  ? 15.242  5.155   -2.428  1.000 19.404 0 85  ARG AAA CD  1 ? 
ATOM   636  N NE  . ARG A 1 88  ? 16.336  4.204   -2.279  1.000 21.149 0 85  ARG AAA NE  1 ? 
ATOM   637  C CZ  . ARG A 1 88  ? 16.324  3.061   -1.665  1.000 22.050 0 85  ARG AAA CZ  1 ? 
ATOM   638  N NH1 . ARG A 1 88  ? 15.241  2.600   -1.075  1.000 21.887 0 85  ARG AAA NH1 1 ? 
ATOM   639  N NH2 . ARG A 1 88  ? 17.433  2.306   -1.698  1.000 23.241 0 85  ARG AAA NH2 1 ? 
ATOM   640  N N   . MET A 1 89  ? 11.487  8.222   -3.314  1.000 19.672 0 86  MET AAA N   1 ? 
ATOM   641  C CA  . MET A 1 89  ? 10.286  9.011   -3.549  1.000 18.933 0 86  MET AAA CA  1 ? 
ATOM   642  C C   . MET A 1 89  ? 9.231   8.663   -2.510  1.000 20.285 0 86  MET AAA C   1 ? 
ATOM   643  O O   . MET A 1 89  ? 8.393   7.834   -2.771  1.000 18.801 0 86  MET AAA O   1 ? 
ATOM   644  C CB  . MET A 1 89  ? 9.741   8.732   -4.948  1.000 20.304 0 86  MET AAA CB  1 ? 
ATOM   645  C CG  . MET A 1 89  ? 10.747  9.146   -6.009  1.000 20.300 0 86  MET AAA CG  1 ? 
ATOM   646  S SD  . MET A 1 89  ? 10.918  10.913  -6.145  1.000 26.199 0 86  MET AAA SD  1 ? 
ATOM   647  C CE  . MET A 1 89  ? 9.648   11.129  -7.386  1.000 30.198 0 86  MET AAA CE  1 ? 
ATOM   648  N N   . PRO A 1 90  ? 9.214   9.345   -1.334  1.000 19.595 0 87  PRO AAA N   1 ? 
ATOM   649  C CA  . PRO A 1 90  ? 8.246   8.988   -0.297  1.000 18.704 0 87  PRO AAA CA  1 ? 
ATOM   650  C C   . PRO A 1 90  ? 6.810   8.980   -0.820  1.000 19.669 0 87  PRO AAA C   1 ? 
ATOM   651  O O   . PRO A 1 90  ? 6.379   9.933   -1.507  1.000 20.957 0 87  PRO AAA O   1 ? 
ATOM   652  C CB  . PRO A 1 90  ? 8.450   10.058  0.780   1.000 21.155 0 87  PRO AAA CB  1 ? 
ATOM   653  C CG  . PRO A 1 90  ? 9.895   10.513  0.607   1.000 21.134 0 87  PRO AAA CG  1 ? 
ATOM   654  C CD  . PRO A 1 90  ? 10.160  10.378  -0.899  1.000 22.089 0 87  PRO AAA CD  1 ? 
ATOM   655  N N   . PHE A 1 91  ? 6.010   8.072   -0.310  1.000 15.076 0 88  PHE AAA N   1 ? 
ATOM   656  C CA  . PHE A 1 91  ? 4.647   7.855   -0.792  1.000 14.449 0 88  PHE AAA CA  1 ? 
ATOM   657  C C   . PHE A 1 91  ? 3.759   7.530   0.423   1.000 17.551 0 88  PHE AAA C   1 ? 
ATOM   658  O O   . PHE A 1 91  ? 4.090   6.596   1.189   1.000 17.210 0 88  PHE AAA O   1 ? 
ATOM   659  C CB  . PHE A 1 91  ? 4.578   6.725   -1.822  1.000 15.517 0 88  PHE AAA CB  1 ? 
ATOM   660  C CG  . PHE A 1 91  ? 3.192   6.482   -2.346  1.000 16.009 0 88  PHE AAA CG  1 ? 
ATOM   661  C CD1 . PHE A 1 91  ? 2.674   7.242   -3.385  1.000 16.058 0 88  PHE AAA CD1 1 ? 
ATOM   662  C CD2 . PHE A 1 91  ? 2.317   5.618   -1.678  1.000 18.361 0 88  PHE AAA CD2 1 ? 
ATOM   663  C CE1 . PHE A 1 91  ? 1.400   7.058   -3.873  1.000 16.296 0 88  PHE AAA CE1 1 ? 
ATOM   664  C CE2 . PHE A 1 91  ? 1.026   5.457   -2.163  1.000 16.683 0 88  PHE AAA CE2 1 ? 
ATOM   665  C CZ  . PHE A 1 91  ? 0.551   6.220   -3.200  1.000 19.369 0 88  PHE AAA CZ  1 ? 
ATOM   666  N N   . THR A 1 92  ? 2.644   8.223   0.545   1.000 16.136 0 89  THR AAA N   1 ? 
ATOM   667  C CA  . THR A 1 92  ? 1.647   7.900   1.571   1.000 16.074 0 89  THR AAA CA  1 ? 
ATOM   668  C C   . THR A 1 92  ? 0.269   7.926   0.914   1.000 18.283 0 89  THR AAA C   1 ? 
ATOM   669  O O   . THR A 1 92  ? 0.035   8.853   0.116   1.000 16.540 0 89  THR AAA O   1 ? 
ATOM   670  C CB  . THR A 1 92  ? 1.733   8.853   2.770   1.000 19.761 0 89  THR AAA CB  1 ? 
ATOM   671  O OG1 . THR A 1 92  ? 3.035   8.709   3.343   1.000 19.544 0 89  THR AAA OG1 1 ? 
ATOM   672  C CG2 . THR A 1 92  ? 0.669   8.607   3.830   1.000 19.563 0 89  THR AAA CG2 1 ? 
ATOM   673  N N   . LEU A 1 93  ? -0.608  7.023   1.329   1.000 16.707 0 90  LEU AAA N   1 ? 
ATOM   674  C CA  . LEU A 1 93  ? -1.978  6.925   0.817   1.000 16.243 0 90  LEU AAA CA  1 ? 
ATOM   675  C C   . LEU A 1 93  ? -2.883  6.733   2.033   1.000 17.066 0 90  LEU AAA C   1 ? 
ATOM   676  O O   . LEU A 1 93  ? -2.545  5.899   2.852   1.000 15.112 0 90  LEU AAA O   1 ? 
ATOM   677  C CB  . LEU A 1 93  ? -2.042  5.743   -0.133  1.000 17.474 0 90  LEU AAA CB  1 ? 
ATOM   678  C CG  . LEU A 1 93  ? -3.381  5.557   -0.847  1.000 19.683 0 90  LEU AAA CG  1 ? 
ATOM   679  C CD1 . LEU A 1 93  ? -3.722  6.720   -1.743  1.000 21.846 0 90  LEU AAA CD1 1 ? 
ATOM   680  C CD2 . LEU A 1 93  ? -3.347  4.298   -1.646  1.000 19.150 0 90  LEU AAA CD2 1 ? 
ATOM   681  N N   . VAL A 1 94  ? -3.943  7.499   2.094   1.000 18.387 0 91  VAL AAA N   1 ? 
ATOM   682  C CA  . VAL A 1 94  ? -4.920  7.531   3.226   1.000 17.247 0 91  VAL AAA CA  1 ? 
ATOM   683  C C   . VAL A 1 94  ? -6.329  7.298   2.685   1.000 19.633 0 91  VAL AAA C   1 ? 
ATOM   684  O O   . VAL A 1 94  ? -6.772  8.066   1.778   1.000 21.043 0 91  VAL AAA O   1 ? 
ATOM   685  C CB  . VAL A 1 94  ? -4.798  8.849   4.022   1.000 17.754 0 91  VAL AAA CB  1 ? 
ATOM   686  C CG1 . VAL A 1 94  ? -5.712  8.781   5.247   1.000 19.912 0 91  VAL AAA CG1 1 ? 
ATOM   687  C CG2 . VAL A 1 94  ? -3.358  9.106   4.433   1.000 17.482 0 91  VAL AAA CG2 1 ? 
ATOM   688  N N   . ALA A 1 95  ? -7.066  6.342   3.256   1.000 20.867 0 92  ALA AAA N   1 ? 
ATOM   689  C CA  . ALA A 1 95  ? -8.466  6.053   2.842   1.000 22.227 0 92  ALA AAA CA  1 ? 
ATOM   690  C C   . ALA A 1 95  ? -9.256  5.648   4.081   1.000 23.180 0 92  ALA AAA C   1 ? 
ATOM   691  O O   . ALA A 1 95  ? -8.702  5.016   4.954   1.000 26.437 0 92  ALA AAA O   1 ? 
ATOM   692  C CB  . ALA A 1 95  ? -8.527  4.958   1.796   1.000 23.507 0 92  ALA AAA CB  1 ? 
ATOM   693  N N   . THR A 1 96  ? -10.534 5.930   4.088   1.000 20.497 0 93  THR AAA N   1 ? 
ATOM   694  C CA  . THR A 1 96  ? -11.374 5.491   5.208   1.000 21.999 0 93  THR AAA CA  1 ? 
ATOM   695  C C   . THR A 1 96  ? -12.340 4.487   4.591   1.000 25.309 0 93  THR AAA C   1 ? 
ATOM   696  O O   . THR A 1 96  ? -12.948 4.779   3.596   1.000 27.240 0 93  THR AAA O   1 ? 
ATOM   697  C CB  . THR A 1 96  ? -11.952 6.700   5.945   1.000 26.506 0 93  THR AAA CB  1 ? 
ATOM   698  O OG1 . THR A 1 96  ? -10.877 7.426   6.575   1.000 27.595 0 93  THR AAA OG1 1 ? 
ATOM   699  C CG2 . THR A 1 96  ? -12.948 6.278   7.009   1.000 26.613 0 93  THR AAA CG2 1 ? 
ATOM   700  N N   . ILE A 1 97  ? -12.562 3.395   5.253   1.000 28.958 0 94  ILE AAA N   1 ? 
ATOM   701  C CA  . ILE A 1 97  ? -13.285 2.196   4.728   1.000 32.842 0 94  ILE AAA CA  1 ? 
ATOM   702  C C   . ILE A 1 97  ? -14.417 1.860   5.700   1.000 29.987 0 94  ILE AAA C   1 ? 
ATOM   703  O O   . ILE A 1 97  ? -14.139 1.809   6.909   1.000 30.274 0 94  ILE AAA O   1 ? 
ATOM   704  C CB  . ILE A 1 97  ? -12.282 1.034   4.651   1.000 34.977 0 94  ILE AAA CB  1 ? 
ATOM   705  C CG1 . ILE A 1 97  ? -11.247 1.264   3.559   1.000 37.341 0 94  ILE AAA CG1 1 ? 
ATOM   706  C CG2 . ILE A 1 97  ? -12.969 -0.305  4.474   1.000 49.260 0 94  ILE AAA CG2 1 ? 
ATOM   707  C CD1 . ILE A 1 97  ? -10.156 0.246   3.667   1.000 41.073 0 94  ILE AAA CD1 1 ? 
ATOM   708  N N   . ASP A 1 98  ? -15.632 1.592   5.192   1.000 35.981 0 95  ASP AAA N   1 ? 
ATOM   709  C CA  . ASP A 1 98  ? -16.734 1.064   6.050   1.000 38.232 0 95  ASP AAA CA  1 ? 
ATOM   710  C C   . ASP A 1 98  ? -16.522 -0.444  6.236   1.000 33.623 0 95  ASP AAA C   1 ? 
ATOM   711  O O   . ASP A 1 98  ? -16.622 -1.163  5.203   1.000 39.322 0 95  ASP AAA O   1 ? 
ATOM   712  C CB  . ASP A 1 98  ? -18.098 1.242   5.383   1.000 43.361 0 95  ASP AAA CB  1 ? 
ATOM   713  C CG  . ASP A 1 98  ? -19.208 1.252   6.406   1.000 54.421 0 95  ASP AAA CG  1 ? 
ATOM   714  O OD1 . ASP A 1 98  ? -19.346 0.290   7.161   1.000 56.153 0 95  ASP AAA OD1 1 ? 
ATOM   715  O OD2 . ASP A 1 98  ? -19.873 2.268   6.481   1.000 64.595 0 95  ASP AAA OD2 1 ? 
ATOM   716  N N   . VAL A 1 99  ? -16.317 -0.919  7.454   1.000 37.785 0 96  VAL AAA N   1 ? 
ATOM   717  C CA  . VAL A 1 99  ? -16.086 -2.376  7.705   1.000 43.262 0 96  VAL AAA CA  1 ? 
ATOM   718  C C   . VAL A 1 99  ? -17.401 -3.163  7.555   1.000 49.282 0 96  VAL AAA C   1 ? 
ATOM   719  O O   . VAL A 1 99  ? -17.346 -4.345  7.148   1.000 51.429 0 96  VAL AAA O   1 ? 
ATOM   720  C CB  . VAL A 1 99  ? -15.479 -2.638  9.083   1.000 42.444 0 96  VAL AAA CB  1 ? 
ATOM   721  C CG1 . VAL A 1 99  ? -15.070 -4.102  9.221   1.000 45.849 0 96  VAL AAA CG1 1 ? 
ATOM   722  C CG2 . VAL A 1 99  ? -14.290 -1.716  9.354   1.000 44.390 0 96  VAL AAA CG2 1 ? 
ATOM   723  N N   . GLY A 1 100 ? -18.543 -2.544  7.864   1.000 56.589 0 97  GLY AAA N   1 ? 
ATOM   724  C CA  . GLY A 1 100 ? -19.880 -3.162  7.713   1.000 54.356 0 97  GLY AAA CA  1 ? 
ATOM   725  C C   . GLY A 1 100 ? -20.230 -3.503  6.272   1.000 50.089 0 97  GLY AAA C   1 ? 
ATOM   726  O O   . GLY A 1 100 ? -21.242 -4.194  6.078   1.000 64.210 0 97  GLY AAA O   1 ? 
ATOM   727  N N   . SER A 1 101 ? -19.431 -3.095  5.280   1.000 55.213 0 98  SER AAA N   1 ? 
ATOM   728  C CA  . SER A 1 101 ? -19.695 -3.362  3.839   1.000 60.135 0 98  SER AAA CA  1 ? 
ATOM   729  C C   . SER A 1 101 ? -19.161 -4.735  3.351   1.000 60.925 0 98  SER AAA C   1 ? 
ATOM   730  O O   . SER A 1 101 ? -19.252 -4.966  2.103   1.000 58.747 0 98  SER AAA O   1 ? 
ATOM   731  C CB  . SER A 1 101 ? -19.141 -2.225  3.001   1.000 56.616 0 98  SER AAA CB  1 ? 
ATOM   732  O OG  . SER A 1 101 ? -17.823 -2.497  2.539   1.000 69.783 0 98  SER AAA OG  1 ? 
ATOM   733  N N   . GLY A 1 102 ? -18.609 -5.593  4.240   1.000 52.202 0 99  GLY AAA N   1 ? 
ATOM   734  C CA  . GLY A 1 102 ? -18.091 -6.948  3.913   1.000 42.923 0 99  GLY AAA CA  1 ? 
ATOM   735  C C   . GLY A 1 102 ? -16.560 -7.099  4.011   1.000 39.147 0 99  GLY AAA C   1 ? 
ATOM   736  O O   . GLY A 1 102 ? -16.010 -8.058  3.435   1.000 39.678 0 99  GLY AAA O   1 ? 
ATOM   737  N N   . VAL A 1 103 ? -15.882 -6.162  4.684   1.000 38.432 0 100 VAL AAA N   1 ? 
ATOM   738  C CA  . VAL A 1 103 ? -14.391 -6.105  4.782   1.000 33.014 0 100 VAL AAA CA  1 ? 
ATOM   739  C C   . VAL A 1 103 ? -13.970 -7.069  5.900   1.000 27.881 0 100 VAL AAA C   1 ? 
ATOM   740  O O   . VAL A 1 103 ? -14.496 -6.937  7.014   1.000 33.360 0 100 VAL AAA O   1 ? 
ATOM   741  C CB  . VAL A 1 103 ? -13.892 -4.671  5.059   1.000 32.144 0 100 VAL AAA CB  1 ? 
ATOM   742  C CG1 . VAL A 1 103 ? -12.378 -4.590  5.248   1.000 29.782 0 100 VAL AAA CG1 1 ? 
ATOM   743  C CG2 . VAL A 1 103 ? -14.409 -3.690  3.996   1.000 37.035 0 100 VAL AAA CG2 1 ? 
ATOM   744  N N   . THR A 1 104 ? -13.025 -7.941  5.581   1.000 29.910 0 101 THR AAA N   1 ? 
ATOM   745  C CA  . THR A 1 104 ? -12.364 -8.894  6.513   1.000 29.495 0 101 THR AAA CA  1 ? 
ATOM   746  C C   . THR A 1 104 ? -10.863 -8.613  6.616   1.000 31.066 0 101 THR AAA C   1 ? 
ATOM   747  O O   . THR A 1 104 ? -10.263 -9.016  7.619   1.000 27.602 0 101 THR AAA O   1 ? 
ATOM   748  C CB  . THR A 1 104 ? -12.641 -10.336 6.065   1.000 33.638 0 101 THR AAA CB  1 ? 
ATOM   749  O OG1 . THR A 1 104 ? -12.153 -10.483 4.738   1.000 32.301 0 101 THR AAA OG1 1 ? 
ATOM   750  C CG2 . THR A 1 104 ? -14.119 -10.639 6.096   1.000 37.509 0 101 THR AAA CG2 1 ? 
ATOM   751  N N   . PHE A 1 105 ? -10.233 -7.996  5.603   1.000 28.649 0 102 PHE AAA N   1 ? 
ATOM   752  C CA  . PHE A 1 105 ? -8.787  -7.667  5.632   1.000 22.720 0 102 PHE AAA CA  1 ? 
ATOM   753  C C   . PHE A 1 105 ? -8.553  -6.386  4.801   1.000 25.824 0 102 PHE AAA C   1 ? 
ATOM   754  O O   . PHE A 1 105 ? -9.427  -6.004  3.983   1.000 23.385 0 102 PHE AAA O   1 ? 
ATOM   755  C CB  . PHE A 1 105 ? -7.880  -8.804  5.149   1.000 27.240 0 102 PHE AAA CB  1 ? 
ATOM   756  C CG  . PHE A 1 105 ? -7.980  -9.190  3.687   1.000 30.186 0 102 PHE AAA CG  1 ? 
ATOM   757  C CD1 . PHE A 1 105 ? -7.429  -8.393  2.686   1.000 28.527 0 102 PHE AAA CD1 1 ? 
ATOM   758  C CD2 . PHE A 1 105 ? -8.609  -10.376 3.303   1.000 29.267 0 102 PHE AAA CD2 1 ? 
ATOM   759  C CE1 . PHE A 1 105 ? -7.523  -8.766  1.356   1.000 33.438 0 102 PHE AAA CE1 1 ? 
ATOM   760  C CE2 . PHE A 1 105 ? -8.648  -10.773 1.970   1.000 31.690 0 102 PHE AAA CE2 1 ? 
ATOM   761  C CZ  . PHE A 1 105 ? -8.128  -9.958  1.001   1.000 31.563 0 102 PHE AAA CZ  1 ? 
ATOM   762  N N   . VAL A 1 106 ? -7.423  -5.762  5.104   1.000 25.407 0 103 VAL AAA N   1 ? 
ATOM   763  C CA  . VAL A 1 106 ? -6.846  -4.634  4.338   1.000 22.529 0 103 VAL AAA CA  1 ? 
ATOM   764  C C   . VAL A 1 106 ? -5.405  -4.941  4.000   1.000 22.042 0 103 VAL AAA C   1 ? 
ATOM   765  O O   . VAL A 1 106 ? -4.684  -5.568  4.835   1.000 23.101 0 103 VAL AAA O   1 ? 
ATOM   766  C CB  . VAL A 1 106 ? -6.942  -3.362  5.185   1.000 24.742 0 103 VAL AAA CB  1 ? 
ATOM   767  C CG1 . VAL A 1 106 ? -6.544  -2.201  4.326   1.000 28.323 0 103 VAL AAA CG1 1 ? 
ATOM   768  C CG2 . VAL A 1 106 ? -8.325  -3.158  5.741   1.000 26.857 0 103 VAL AAA CG2 1 ? 
ATOM   769  N N   . LYS A 1 107 ? -4.990  -4.632  2.772   1.000 20.579 0 104 LYS AAA N   1 ? 
ATOM   770  C CA  . LYS A 1 107 ? -3.606  -4.886  2.359   1.000 21.034 0 104 LYS AAA CA  1 ? 
ATOM   771  C C   . LYS A 1 107 ? -3.097  -3.759  1.483   1.000 20.181 0 104 LYS AAA C   1 ? 
ATOM   772  O O   . LYS A 1 107 ? -3.892  -3.069  0.843   1.000 20.078 0 104 LYS AAA O   1 ? 
ATOM   773  C CB  . LYS A 1 107 ? -3.500  -6.248  1.697   1.000 26.566 0 104 LYS AAA CB  1 ? 
ATOM   774  C CG  . LYS A 1 107 ? -4.282  -6.374  0.422   1.000 28.986 0 104 LYS AAA CG  1 ? 
ATOM   775  C CD  . LYS A 1 107 ? -4.288  -7.861  -0.021  1.000 32.199 0 104 LYS AAA CD  1 ? 
ATOM   776  C CE  . LYS A 1 107 ? -5.293  -8.004  -1.151  1.000 40.320 0 104 LYS AAA CE  1 ? 
ATOM   777  N NZ  . LYS A 1 107 ? -4.969  -9.101  -2.085  1.000 39.838 0 104 LYS AAA NZ  1 ? 
ATOM   778  N N   . GLY A 1 108 ? -1.779  -3.649  1.420   1.000 17.315 0 105 GLY AAA N   1 ? 
ATOM   779  C CA  . GLY A 1 108 ? -1.090  -2.782  0.474   1.000 16.059 0 105 GLY AAA CA  1 ? 
ATOM   780  C C   . GLY A 1 108 ? -0.765  -3.556  -0.793  1.000 20.377 0 105 GLY AAA C   1 ? 
ATOM   781  O O   . GLY A 1 108 ? -0.326  -4.738  -0.649  1.000 19.391 0 105 GLY AAA O   1 ? 
ATOM   782  N N   . GLN A 1 109 ? -0.989  -2.947  -1.967  1.000 18.920 0 106 GLN AAA N   1 ? 
ATOM   783  C CA  . GLN A 1 109 ? -0.637  -3.542  -3.271  1.000 19.497 0 106 GLN AAA CA  1 ? 
ATOM   784  C C   . GLN A 1 109 ? 0.212   -2.579  -4.072  1.000 19.722 0 106 GLN AAA C   1 ? 
ATOM   785  O O   . GLN A 1 109 ? 0.157   -1.356  -3.848  1.000 16.303 0 106 GLN AAA O   1 ? 
ATOM   786  C CB  . GLN A 1 109 ? -1.891  -3.953  -4.043  1.000 19.768 0 106 GLN AAA CB  1 ? 
ATOM   787  C CG  . GLN A 1 109 ? -2.715  -4.994  -3.300  1.000 21.678 0 106 GLN AAA CG  1 ? 
ATOM   788  C CD  . GLN A 1 109 ? -3.808  -5.537  -4.187  1.000 25.341 0 106 GLN AAA CD  1 ? 
ATOM   789  O OE1 . GLN A 1 109 ? -4.583  -4.781  -4.791  1.000 20.764 0 106 GLN AAA OE1 1 ? 
ATOM   790  N NE2 . GLN A 1 109 ? -3.754  -6.849  -4.396  1.000 29.283 0 106 GLN AAA NE2 1 ? 
ATOM   791  N N   . TRP A 1 110 ? 0.900   -3.103  -5.064  1.000 19.199 0 107 TRP AAA N   1 ? 
ATOM   792  C CA  . TRP A 1 110 ? 1.654   -2.275  -5.992  1.000 20.343 0 107 TRP AAA CA  1 ? 
ATOM   793  C C   . TRP A 1 110 ? 1.607   -2.857  -7.411  1.000 19.684 0 107 TRP AAA C   1 ? 
ATOM   794  O O   . TRP A 1 110 ? 1.279   -4.028  -7.600  1.000 19.725 0 107 TRP AAA O   1 ? 
ATOM   795  C CB  . TRP A 1 110 ? 3.100   -2.004  -5.525  1.000 18.491 0 107 TRP AAA CB  1 ? 
ATOM   796  C CG  . TRP A 1 110 ? 3.988   -3.193  -5.294  1.000 18.061 0 107 TRP AAA CG  1 ? 
ATOM   797  C CD1 . TRP A 1 110 ? 3.713   -4.524  -5.397  1.000 22.628 0 107 TRP AAA CD1 1 ? 
ATOM   798  C CD2 . TRP A 1 110 ? 5.364   -3.098  -4.861  1.000 20.374 0 107 TRP AAA CD2 1 ? 
ATOM   799  N NE1 . TRP A 1 110 ? 4.815   -5.275  -5.039  1.000 22.647 0 107 TRP AAA NE1 1 ? 
ATOM   800  C CE2 . TRP A 1 110 ? 5.858   -4.421  -4.772  1.000 22.532 0 107 TRP AAA CE2 1 ? 
ATOM   801  C CE3 . TRP A 1 110 ? 6.222   -2.020  -4.580  1.000 22.738 0 107 TRP AAA CE3 1 ? 
ATOM   802  C CZ2 . TRP A 1 110 ? 7.146   -4.696  -4.306  1.000 27.242 0 107 TRP AAA CZ2 1 ? 
ATOM   803  C CZ3 . TRP A 1 110 ? 7.528   -2.289  -4.209  1.000 24.495 0 107 TRP AAA CZ3 1 ? 
ATOM   804  C CH2 . TRP A 1 110 ? 7.974   -3.610  -4.103  1.000 25.734 0 107 TRP AAA CH2 1 ? 
ATOM   805  N N   . LYS A 1 111 ? 1.856   -1.986  -8.363  1.000 21.565 0 108 LYS AAA N   1 ? 
ATOM   806  C CA  . LYS A 1 111 ? 1.884   -2.330  -9.803  1.000 22.201 0 108 LYS AAA CA  1 ? 
ATOM   807  C C   . LYS A 1 111 ? 2.864   -1.388  -10.481 1.000 21.231 0 108 LYS AAA C   1 ? 
ATOM   808  O O   . LYS A 1 111 ? 3.003   -0.198  -10.080 1.000 20.507 0 108 LYS AAA O   1 ? 
ATOM   809  C CB  . LYS A 1 111 ? 0.465   -2.214  -10.391 1.000 25.219 0 108 LYS AAA CB  1 ? 
ATOM   810  C CG  . LYS A 1 111 ? 0.348   -2.255  -11.897 1.000 29.111 0 108 LYS AAA CG  1 ? 
ATOM   811  C CD  . LYS A 1 111 ? -0.859  -1.462  -12.386 1.000 33.979 0 108 LYS AAA CD  1 ? 
ATOM   812  C CE  . LYS A 1 111 ? -2.163  -1.939  -11.849 1.000 36.645 0 108 LYS AAA CE  1 ? 
ATOM   813  N NZ  . LYS A 1 111 ? -3.242  -1.044  -12.329 1.000 35.960 0 108 LYS AAA NZ  1 ? 
ATOM   814  N N   . SER A 1 112 ? 3.524   -1.893  -11.517 1.000 20.760 0 109 SER AAA N   1 ? 
ATOM   815  C CA  . SER A 1 112 ? 4.579   -1.170  -12.238 1.000 20.810 0 109 SER AAA CA  1 ? 
ATOM   816  C C   . SER A 1 112 ? 3.989   -0.024  -13.035 1.000 23.950 0 109 SER AAA C   1 ? 
ATOM   817  O O   . SER A 1 112 ? 3.014   -0.222  -13.761 1.000 22.784 0 109 SER AAA O   1 ? 
ATOM   818  C CB  . SER A 1 112 ? 5.414   -2.119  -13.146 1.000 23.766 0 109 SER AAA CB  1 ? 
ATOM   819  O OG  . SER A 1 112 ? 5.944   -3.185  -12.382 1.000 21.588 0 109 SER AAA OG  1 ? 
ATOM   820  N N   . VAL A 1 113 ? 4.669   1.111   -13.039 1.000 21.274 0 110 VAL AAA N   1 ? 
ATOM   821  C CA  . VAL A 1 113 ? 4.506   2.141   -14.091 1.000 22.697 0 110 VAL AAA CA  1 ? 
ATOM   822  C C   . VAL A 1 113 ? 5.445   1.868   -15.287 1.000 21.687 0 110 VAL AAA C   1 ? 
ATOM   823  O O   . VAL A 1 113 ? 6.676   1.813   -15.101 1.000 22.038 0 110 VAL AAA O   1 ? 
ATOM   824  C CB  . VAL A 1 113 ? 4.775   3.537   -13.525 1.000 20.149 0 110 VAL AAA CB  1 ? 
ATOM   825  C CG1 . VAL A 1 113 ? 4.703   4.596   -14.587 1.000 21.816 0 110 VAL AAA CG1 1 ? 
ATOM   826  C CG2 . VAL A 1 113 ? 3.786   3.871   -12.383 1.000 18.700 0 110 VAL AAA CG2 1 ? 
ATOM   827  N N   . ARG A 1 114 ? 4.886   1.603   -16.461 1.000 23.571 0 111 ARG AAA N   1 ? 
ATOM   828  C CA  . ARG A 1 114 ? 5.719   1.500   -17.705 1.000 22.796 0 111 ARG AAA CA  1 ? 
ATOM   829  C C   . ARG A 1 114 ? 6.883   0.509   -17.540 1.000 23.434 0 111 ARG AAA C   1 ? 
ATOM   830  O O   . ARG A 1 114 ? 8.033   0.846   -17.895 1.000 24.452 0 111 ARG AAA O   1 ? 
ATOM   831  C CB  . ARG A 1 114 ? 6.185   2.895   -18.061 1.000 23.337 0 111 ARG AAA CB  1 ? 
ATOM   832  C CG  . ARG A 1 114 ? 5.091   3.740   -18.710 1.000 21.623 0 111 ARG AAA CG  1 ? 
ATOM   833  C CD  . ARG A 1 114 ? 5.498   5.124   -19.099 1.000 26.024 0 111 ARG AAA CD  1 ? 
ATOM   834  N NE  . ARG A 1 114 ? 5.861   5.974   -17.955 1.000 28.728 0 111 ARG AAA NE  1 ? 
ATOM   835  C CZ  . ARG A 1 114 ? 5.049   6.787   -17.337 1.000 25.494 0 111 ARG AAA CZ  1 ? 
ATOM   836  N NH1 . ARG A 1 114 ? 3.828   6.886   -17.777 1.000 23.566 0 111 ARG AAA NH1 1 ? 
ATOM   837  N NH2 . ARG A 1 114 ? 5.465   7.525   -16.314 1.000 23.685 0 111 ARG AAA NH2 1 ? 
ATOM   838  N N   . GLY A 1 115 ? 6.556   -0.615  -16.934 1.000 23.154 0 112 GLY AAA N   1 ? 
ATOM   839  C CA  . GLY A 1 115 ? 7.361   -1.836  -16.846 1.000 27.598 0 112 GLY AAA CA  1 ? 
ATOM   840  C C   . GLY A 1 115 ? 8.472   -1.671  -15.837 1.000 30.020 0 112 GLY AAA C   1 ? 
ATOM   841  O O   . GLY A 1 115 ? 9.414   -2.462  -15.891 1.000 25.247 0 112 GLY AAA O   1 ? 
ATOM   842  N N   . SER A 1 116 ? 8.326   -0.724  -14.880 1.000 24.613 0 113 SER AAA N   1 ? 
ATOM   843  C CA  . SER A 1 116 ? 9.355   -0.506  -13.823 1.000 22.765 0 113 SER AAA CA  1 ? 
ATOM   844  C C   . SER A 1 116 ? 9.521   -1.723  -12.927 1.000 22.133 0 113 SER AAA C   1 ? 
ATOM   845  O O   . SER A 1 116 ? 8.504   -2.402  -12.620 1.000 22.633 0 113 SER AAA O   1 ? 
ATOM   846  C CB  . SER A 1 116 ? 8.985   0.725   -12.945 1.000 23.126 0 113 SER AAA CB  1 ? 
ATOM   847  O OG  . SER A 1 116 ? 8.738   1.841   -13.759 1.000 23.152 0 113 SER AAA OG  1 ? 
ATOM   848  N N   . ALA A 1 117 ? 10.757  -1.944  -12.471 1.000 23.323 0 114 ALA AAA N   1 ? 
ATOM   849  C CA  . ALA A 1 117 ? 11.014  -2.771  -11.296 1.000 23.337 0 114 ALA AAA CA  1 ? 
ATOM   850  C C   . ALA A 1 117 ? 10.705  -1.887  -10.076 1.000 19.461 0 114 ALA AAA C   1 ? 
ATOM   851  O O   . ALA A 1 117 ? 11.235  -0.731  -9.994  1.000 21.376 0 114 ALA AAA O   1 ? 
ATOM   852  C CB  . ALA A 1 117 ? 12.423  -3.335  -11.283 1.000 23.794 0 114 ALA AAA CB  1 ? 
ATOM   853  N N   . MET A 1 118 ? 9.966   -2.454  -9.151  1.000 21.150 0 115 MET AAA N   1 ? 
ATOM   854  C CA  . MET A 1 118 ? 9.489   -1.792  -7.923  1.000 18.724 0 115 MET AAA CA  1 ? 
ATOM   855  C C   . MET A 1 118 ? 10.361  -2.232  -6.743  1.000 15.538 0 115 MET AAA C   1 ? 
ATOM   856  O O   . MET A 1 118 ? 10.587  -3.450  -6.530  1.000 19.340 0 115 MET AAA O   1 ? 
ATOM   857  C CB  . MET A 1 118 ? 8.030   -2.152  -7.717  1.000 19.700 0 115 MET AAA CB  1 ? 
ATOM   858  C CG  . MET A 1 118 ? 7.194   -1.792  -8.929  1.000 22.514 0 115 MET AAA CG  1 ? 
ATOM   859  S SD  . MET A 1 118 ? 5.477   -1.996  -8.571  1.000 22.645 0 115 MET AAA SD  1 ? 
ATOM   860  C CE  . MET A 1 118 ? 5.289   -3.774  -8.614  1.000 23.576 0 115 MET AAA CE  1 ? 
ATOM   861  N N   . HIS A 1 119 ? 10.811  -1.262  -5.923  1.000 16.823 0 116 HIS AAA N   1 ? 
ATOM   862  C CA  . HIS A 1 119 ? 11.764  -1.512  -4.830  1.000 18.020 0 116 HIS AAA CA  1 ? 
ATOM   863  C C   . HIS A 1 119 ? 11.258  -0.943  -3.523  1.000 18.313 0 116 HIS AAA C   1 ? 
ATOM   864  O O   . HIS A 1 119 ? 11.095  0.287   -3.424  1.000 17.472 0 116 HIS AAA O   1 ? 
ATOM   865  C CB  . HIS A 1 119 ? 13.138  -0.965  -5.120  1.000 18.747 0 116 HIS AAA CB  1 ? 
ATOM   866  C CG  . HIS A 1 119 ? 13.784  -1.469  -6.376  1.000 21.805 0 116 HIS AAA CG  1 ? 
ATOM   867  N ND1 . HIS A 1 119 ? 14.799  -2.438  -6.343  1.000 25.044 0 116 HIS AAA ND1 1 ? 
ATOM   868  C CD2 . HIS A 1 119 ? 13.592  -1.127  -7.666  1.000 27.149 0 116 HIS AAA CD2 1 ? 
ATOM   869  C CE1 . HIS A 1 119 ? 15.214  -2.622  -7.608  1.000 25.322 0 116 HIS AAA CE1 1 ? 
ATOM   870  N NE2 . HIS A 1 119 ? 14.473  -1.848  -8.422  1.000 23.726 0 116 HIS AAA NE2 1 ? 
ATOM   871  N N   . ILE A 1 120 ? 11.128  -1.820  -2.533  1.000 19.858 0 117 ILE AAA N   1 ? 
ATOM   872  C CA  . ILE A 1 120 ? 11.028  -1.479  -1.088  1.000 19.821 0 117 ILE AAA CA  1 ? 
ATOM   873  C C   . ILE A 1 120 ? 12.171  -2.254  -0.431  1.000 22.270 0 117 ILE AAA C   1 ? 
ATOM   874  O O   . ILE A 1 120 ? 12.109  -3.493  -0.426  1.000 22.537 0 117 ILE AAA O   1 ? 
ATOM   875  C CB  . ILE A 1 120 ? 9.669   -1.846  -0.463  1.000 20.447 0 117 ILE AAA CB  1 ? 
ATOM   876  C CG1 . ILE A 1 120 ? 8.575   -0.940  -1.024  1.000 22.608 0 117 ILE AAA CG1 1 ? 
ATOM   877  C CG2 . ILE A 1 120 ? 9.730   -1.711  1.050   1.000 21.466 0 117 ILE AAA CG2 1 ? 
ATOM   878  C CD1 . ILE A 1 120 ? 7.164   -1.331  -0.723  1.000 23.063 0 117 ILE AAA CD1 1 ? 
ATOM   879  N N   . ASP A 1 121 ? 13.138  -1.552  0.116   1.000 19.832 0 118 ASP AAA N   1 ? 
ATOM   880  C CA  . ASP A 1 121 ? 14.306  -2.229  0.751   1.000 22.424 0 118 ASP AAA CA  1 ? 
ATOM   881  C C   . ASP A 1 121 ? 14.507  -1.703  2.183   1.000 21.978 0 118 ASP AAA C   1 ? 
ATOM   882  O O   . ASP A 1 121 ? 15.599  -1.825  2.737   1.000 20.405 0 118 ASP AAA O   1 ? 
ATOM   883  C CB  . ASP A 1 121 ? 15.506  -2.078  -0.156  1.000 21.152 0 118 ASP AAA CB  1 ? 
ATOM   884  C CG  . ASP A 1 121 ? 16.034  -0.669  -0.279  1.000 22.241 0 118 ASP AAA CG  1 ? 
ATOM   885  O OD1 . ASP A 1 121 ? 15.401  0.224   0.316   1.000 23.761 0 118 ASP AAA OD1 1 ? 
ATOM   886  O OD2 . ASP A 1 121 ? 17.014  -0.464  -1.046  1.000 25.110 0 118 ASP AAA OD2 1 ? 
ATOM   887  N N   . SER A 1 122 ? 13.490  -1.097  2.769   1.000 19.525 0 119 SER AAA N   1 ? 
ATOM   888  C CA  . SER A 1 122 ? 13.564  -0.534  4.115   1.000 23.105 0 119 SER AAA CA  1 ? 
ATOM   889  C C   . SER A 1 122 ? 12.157  -0.451  4.713   1.000 21.975 0 119 SER AAA C   1 ? 
ATOM   890  O O   . SER A 1 122 ? 11.181  -0.833  4.025   1.000 20.909 0 119 SER AAA O   1 ? 
ATOM   891  C CB  . SER A 1 122 ? 14.268  0.819   4.101   1.000 25.036 0 119 SER AAA CB  1 ? 
ATOM   892  O OG  . SER A 1 122 ? 13.595  1.733   3.303   1.000 20.775 0 119 SER AAA OG  1 ? 
ATOM   893  N N   . TYR A 1 123 ? 12.055  0.180   5.869   1.000 20.041 0 120 TYR AAA N   1 ? 
ATOM   894  C CA  . TYR A 1 123 ? 10.788  0.311   6.610   1.000 19.905 0 120 TYR AAA CA  1 ? 
ATOM   895  C C   . TYR A 1 123 ? 9.642   0.802   5.692   1.000 18.140 0 120 TYR AAA C   1 ? 
ATOM   896  O O   . TYR A 1 123 ? 9.750   1.826   4.971   1.000 16.742 0 120 TYR AAA O   1 ? 
ATOM   897  C CB  . TYR A 1 123 ? 10.995  1.289   7.762   1.000 20.263 0 120 TYR AAA CB  1 ? 
ATOM   898  C CG  . TYR A 1 123 ? 9.750   1.441   8.592   1.000 19.333 0 120 TYR AAA CG  1 ? 
ATOM   899  C CD1 . TYR A 1 123 ? 8.803   2.382   8.247   1.000 18.070 0 120 TYR AAA CD1 1 ? 
ATOM   900  C CD2 . TYR A 1 123 ? 9.481   0.619   9.661   1.000 22.790 0 120 TYR AAA CD2 1 ? 
ATOM   901  C CE1 . TYR A 1 123 ? 7.664   2.582   9.002   1.000 20.569 0 120 TYR AAA CE1 1 ? 
ATOM   902  C CE2 . TYR A 1 123 ? 8.309   0.756   10.372  1.000 20.972 0 120 TYR AAA CE2 1 ? 
ATOM   903  C CZ  . TYR A 1 123 ? 7.398   1.750   10.050  1.000 19.420 0 120 TYR AAA CZ  1 ? 
ATOM   904  O OH  . TYR A 1 123 ? 6.228   1.880   10.729  1.000 19.528 0 120 TYR AAA OH  1 ? 
ATOM   905  N N   . ALA A 1 124 ? 8.517   0.102   5.775   1.000 19.034 0 121 ALA AAA N   1 ? 
ATOM   906  C CA  . ALA A 1 124 ? 7.218   0.521   5.217   1.000 16.729 0 121 ALA AAA CA  1 ? 
ATOM   907  C C   . ALA A 1 124 ? 6.102   -0.016  6.122   1.000 17.891 0 121 ALA AAA C   1 ? 
ATOM   908  O O   . ALA A 1 124 ? 6.325   -1.046  6.824   1.000 20.428 0 121 ALA AAA O   1 ? 
ATOM   909  C CB  . ALA A 1 124 ? 7.102   0.037   3.777   1.000 16.300 0 121 ALA AAA CB  1 ? 
ATOM   910  N N   . SER A 1 125 ? 4.929   0.618   6.136   1.000 18.745 0 122 SER AAA N   1 ? 
ATOM   911  C CA  . SER A 1 125 ? 3.877   0.251   7.108   1.000 18.339 0 122 SER AAA CA  1 ? 
ATOM   912  C C   . SER A 1 125 ? 2.466   0.366   6.523   1.000 20.448 0 122 SER AAA C   1 ? 
ATOM   913  O O   . SER A 1 125 ? 2.222   1.193   5.657   1.000 17.388 0 122 SER AAA O   1 ? 
ATOM   914  C CB  . SER A 1 125 ? 4.015   1.020   8.365   1.000 20.706 0 122 SER AAA CB  1 ? 
ATOM   915  O OG  . SER A 1 125 ? 3.771   2.424   8.174   1.000 20.614 0 122 SER AAA OG  1 ? 
ATOM   916  N N   . LEU A 1 126 ? 1.577   -0.454  7.052   1.000 20.101 0 123 LEU AAA N   1 ? 
ATOM   917  C CA  . LEU A 1 126 ? 0.135   -0.307  6.804   1.000 19.765 0 123 LEU AAA CA  1 ? 
ATOM   918  C C   . LEU A 1 126 ? -0.525  -0.195  8.158   1.000 19.846 0 123 LEU AAA C   1 ? 
ATOM   919  O O   . LEU A 1 126 ? -0.215  -1.044  9.020   1.000 20.097 0 123 LEU AAA O   1 ? 
ATOM   920  C CB  . LEU A 1 126 ? -0.350  -1.546  6.067   1.000 19.734 0 123 LEU AAA CB  1 ? 
ATOM   921  C CG  . LEU A 1 126 ? -1.836  -1.528  5.719   1.000 19.049 0 123 LEU AAA CG  1 ? 
ATOM   922  C CD1 . LEU A 1 126 ? -2.108  -0.420  4.722   1.000 19.340 0 123 LEU AAA CD1 1 ? 
ATOM   923  C CD2 . LEU A 1 126 ? -2.212  -2.858  5.092   1.000 21.972 0 123 LEU AAA CD2 1 ? 
ATOM   924  N N   . SER A 1 127 ? -1.257  0.862   8.390   1.000 20.556 0 124 SER AAA N   1 ? 
ATOM   925  C CA  . SER A 1 127 ? -1.763  1.236   9.724   1.000 19.928 0 124 SER AAA CA  1 ? 
ATOM   926  C C   . SER A 1 127 ? -3.252  1.416   9.619   1.000 22.694 0 124 SER AAA C   1 ? 
ATOM   927  O O   . SER A 1 127 ? -3.727  1.859   8.567   1.000 21.072 0 124 SER AAA O   1 ? 
ATOM   928  C CB  . SER A 1 127 ? -1.135  2.528   10.243  1.000 21.949 0 124 SER AAA CB  1 ? 
ATOM   929  O OG  . SER A 1 127 ? 0.293   2.402   10.223  1.000 25.012 0 124 SER AAA OG  1 ? 
ATOM   930  N N   . ALA A 1 128 ? -3.982  1.169   10.722  1.000 23.318 0 125 ALA AAA N   1 ? 
ATOM   931  C CA  . ALA A 1 128 ? -5.415  1.512   10.710  1.000 21.681 0 125 ALA AAA CA  1 ? 
ATOM   932  C C   . ALA A 1 128 ? -5.873  1.907   12.106  1.000 23.245 0 125 ALA AAA C   1 ? 
ATOM   933  O O   . ALA A 1 128 ? -5.390  1.332   13.053  1.000 25.216 0 125 ALA AAA O   1 ? 
ATOM   934  C CB  . ALA A 1 128 ? -6.178  0.360   10.129  1.000 24.694 0 125 ALA AAA CB  1 ? 
ATOM   935  N N   . ILE A 1 129 ? -6.777  2.871   12.151  1.000 23.448 0 126 ILE AAA N   1 ? 
ATOM   936  C CA  . ILE A 1 129 ? -7.460  3.303   13.392  1.000 26.301 0 126 ILE AAA CA  1 ? 
ATOM   937  C C   . ILE A 1 129 ? -8.942  2.933   13.234  1.000 25.575 0 126 ILE AAA C   1 ? 
ATOM   938  O O   . ILE A 1 129 ? -9.516  3.295   12.216  1.000 26.980 0 126 ILE AAA O   1 ? 
ATOM   939  C CB  . ILE A 1 129 ? -7.287  4.809   13.631  1.000 29.512 0 126 ILE AAA CB  1 ? 
ATOM   940  C CG1 . ILE A 1 129 ? -5.813  5.185   13.750  1.000 32.011 0 126 ILE AAA CG1 1 ? 
ATOM   941  C CG2 . ILE A 1 129 ? -8.075  5.220   14.860  1.000 29.669 0 126 ILE AAA CG2 1 ? 
ATOM   942  C CD1 . ILE A 1 129 ? -5.548  6.494   14.449  1.000 35.486 0 126 ILE AAA CD1 1 ? 
ATOM   943  N N   . TRP A 1 130 ? -9.493  2.216   14.222  1.000 29.663 0 127 TRP AAA N   1 ? 
ATOM   944  C CA  . TRP A 1 130 ? -10.895 1.740   14.205  1.000 30.266 0 127 TRP AAA CA  1 ? 
ATOM   945  C C   . TRP A 1 130 ? -11.796 2.754   14.903  1.000 25.992 0 127 TRP AAA C   1 ? 
ATOM   946  O O   . TRP A 1 130 ? -11.472 3.134   16.028  1.000 29.952 0 127 TRP AAA O   1 ? 
ATOM   947  C CB  . TRP A 1 130 ? -11.038 0.366   14.868  1.000 36.008 0 127 TRP AAA CB  1 ? 
ATOM   948  C CG  . TRP A 1 130 ? -12.438 -0.125  14.651  1.000 42.250 0 127 TRP AAA CG  1 ? 
ATOM   949  C CD1 . TRP A 1 130 ? -13.085 -0.268  13.456  1.000 43.933 0 127 TRP AAA CD1 1 ? 
ATOM   950  C CD2 . TRP A 1 130 ? -13.417 -0.362  15.669  1.000 56.149 0 127 TRP AAA CD2 1 ? 
ATOM   951  N NE1 . TRP A 1 130 ? -14.383 -0.645  13.656  1.000 49.536 0 127 TRP AAA NE1 1 ? 
ATOM   952  C CE2 . TRP A 1 130 ? -14.616 -0.703  15.001  1.000 52.648 0 127 TRP AAA CE2 1 ? 
ATOM   953  C CE3 . TRP A 1 130 ? -13.384 -0.318  17.068  1.000 63.327 0 127 TRP AAA CE3 1 ? 
ATOM   954  C CZ2 . TRP A 1 130 ? -15.773 -1.032  15.703  1.000 63.611 0 127 TRP AAA CZ2 1 ? 
ATOM   955  C CZ3 . TRP A 1 130 ? -14.534 -0.628  17.760  1.000 65.908 0 127 TRP AAA CZ3 1 ? 
ATOM   956  C CH2 . TRP A 1 130 ? -15.706 -0.976  17.082  1.000 66.060 0 127 TRP AAA CH2 1 ? 
ATOM   957  N N   . GLY A 1 131 ? -12.814 3.215   14.201  1.000 30.215 0 128 GLY AAA N   1 ? 
ATOM   958  C CA  . GLY A 1 131 ? -13.842 4.131   14.728  1.000 39.202 0 128 GLY AAA CA  1 ? 
ATOM   959  C C   . GLY A 1 131 ? -15.211 3.466   14.638  1.000 36.499 0 128 GLY AAA C   1 ? 
ATOM   960  O O   . GLY A 1 131 ? -15.491 2.856   13.627  1.000 32.853 0 128 GLY AAA O   1 ? 
ATOM   961  N N   . THR A 1 132 ? -16.037 3.542   15.679  1.000 45.890 0 129 THR AAA N   1 ? 
ATOM   962  C CA  . THR A 1 132 ? -17.481 3.154   15.602  1.000 51.854 0 129 THR AAA CA  1 ? 
ATOM   963  C C   . THR A 1 132 ? -18.384 4.345   16.018  1.000 52.621 0 129 THR AAA C   1 ? 
ATOM   964  O O   . THR A 1 132 ? -17.944 5.196   16.871  1.000 42.189 0 129 THR AAA O   1 ? 
ATOM   965  C CB  . THR A 1 132 ? -17.795 1.874   16.406  1.000 52.347 0 129 THR AAA CB  1 ? 
ATOM   966  O OG1 . THR A 1 132 ? -19.222 1.700   16.368  1.000 41.027 0 129 THR AAA OG1 1 ? 
ATOM   967  C CG2 . THR A 1 132 ? -17.298 1.925   17.840  1.000 46.501 0 129 THR AAA CG2 1 ? 
ATOM   968  N N   . ALA A 1 133 ? -19.598 4.415   15.431  1.000 51.359 0 130 ALA AAA N   1 ? 
ATOM   969  C CA  . ALA A 1 133 ? -20.624 5.430   15.771  1.000 52.199 0 130 ALA AAA CA  1 ? 
ATOM   970  C C   . ALA A 1 133 ? -21.319 5.017   17.084  1.000 49.575 0 130 ALA AAA C   1 ? 
ATOM   971  O O   . ALA A 1 133 ? -21.772 5.912   17.814  1.000 54.712 0 130 ALA AAA O   1 ? 
ATOM   972  C CB  . ALA A 1 133 ? -21.582 5.627   14.620  1.000 51.346 0 130 ALA AAA CB  1 ? 
ATOM   973  N N   . ALA A 1 134 ? -21.294 3.741   17.433  0.500 36.200 0 131 ALA AAA N   1 ? 
ATOM   974  C CA  . ALA A 1 134 ? -21.837 3.253   18.707  0.500 38.620 0 131 ALA AAA CA  1 ? 
ATOM   975  C C   . ALA A 1 134 ? -20.717 3.234   19.749  0.500 40.730 0 131 ALA AAA C   1 ? 
ATOM   976  O O   . ALA A 1 134 ? -19.946 4.176   19.937  0.500 34.461 0 131 ALA AAA O   1 ? 
ATOM   977  C CB  . ALA A 1 134 ? -22.407 1.895   18.492  0.500 38.669 0 131 ALA AAA CB  1 ? 
ATOM   978  O OXT . ALA A 1 134 ? -20.584 2.202   20.414  0.500 46.336 0 131 ALA AAA OXT 1 ? 
HETATM 979  N N1  . VJT B 2 .   ? -6.218  5.836   -12.347 1.000 51.312 0 201 VJT AAA N1  1 ? 
HETATM 980  C C4  . VJT B 2 .   ? 3.211   12.106  -15.715 1.000 24.506 0 201 VJT AAA C4  1 ? 
HETATM 981  C C5  . VJT B 2 .   ? 1.892   12.434  -16.379 1.000 27.072 0 201 VJT AAA C5  1 ? 
HETATM 982  C C6  . VJT B 2 .   ? 1.500   13.877  -16.220 1.000 24.703 0 201 VJT AAA C6  1 ? 
HETATM 983  C C7  . VJT B 2 .   ? -0.063  9.536   -15.222 1.000 26.840 0 201 VJT AAA C7  1 ? 
HETATM 984  C C8  . VJT B 2 .   ? -0.874  8.929   -14.613 1.000 22.326 0 201 VJT AAA C8  1 ? 
HETATM 985  C C10 . VJT B 2 .   ? -2.099  6.868   -14.066 1.000 30.598 0 201 VJT AAA C10 1 ? 
HETATM 986  C C13 . VJT B 2 .   ? -2.988  8.061   -11.712 1.000 28.997 0 201 VJT AAA C13 1 ? 
HETATM 987  C C15 . VJT B 2 .   ? -4.240  5.973   -10.942 1.000 34.447 0 201 VJT AAA C15 1 ? 
HETATM 988  C C17 . VJT B 2 .   ? -3.880  6.321   -9.495  1.000 42.280 0 201 VJT AAA C17 1 ? 
HETATM 989  O O5  . VJT B 2 .   ? 0.853   11.659  -15.763 1.000 24.884 0 201 VJT AAA O5  1 ? 
HETATM 990  C C3  . VJT B 2 .   ? 3.477   10.623  -15.861 1.000 22.912 0 201 VJT AAA C3  1 ? 
HETATM 991  C C2  . VJT B 2 .   ? 2.363   9.774   -15.328 1.000 25.142 0 201 VJT AAA C2  1 ? 
HETATM 992  C C1  . VJT B 2 .   ? 1.025   10.233  -15.921 1.000 25.649 0 201 VJT AAA C1  1 ? 
HETATM 993  O O2  . VJT B 2 .   ? 2.612   8.410   -15.608 1.000 24.847 0 201 VJT AAA O2  1 ? 
HETATM 994  O O3  . VJT B 2 .   ? 4.698   10.275  -15.190 1.000 22.756 0 201 VJT AAA O3  1 ? 
HETATM 995  O O4  . VJT B 2 .   ? 3.122   12.518  -14.356 1.000 26.407 0 201 VJT AAA O4  1 ? 
HETATM 996  C C9  . VJT B 2 .   ? -1.749  8.183   -13.774 1.000 25.354 0 201 VJT AAA C9  1 ? 
HETATM 997  C C11 . VJT B 2 .   ? -2.894  6.146   -13.175 1.000 26.625 0 201 VJT AAA C11 1 ? 
HETATM 998  C C12 . VJT B 2 .   ? -3.353  6.724   -11.963 1.000 30.924 0 201 VJT AAA C12 1 ? 
HETATM 999  C C14 . VJT B 2 .   ? -2.216  8.764   -12.592 1.000 30.639 0 201 VJT AAA C14 1 ? 
HETATM 1000 C C18 . VJT B 2 .   ? -5.689  6.459   -11.140 1.000 44.409 0 201 VJT AAA C18 1 ? 
HETATM 1001 C C16 . VJT B 2 .   ? -4.104  4.457   -11.103 1.000 44.701 0 201 VJT AAA C16 1 ? 
HETATM 1002 O O   . HOH C 3 .   ? -1.682  -9.478  -10.332 1.000 36.199 0 301 HOH AAA O   1 ? 
HETATM 1003 O O   . HOH C 3 .   ? -13.544 -6.749  -6.389  0.330 19.225 0 302 HOH AAA O   1 ? 
HETATM 1004 O O   . HOH C 3 .   ? -6.147  7.046   -14.211 1.000 40.894 0 303 HOH AAA O   1 ? 
HETATM 1005 O O   . HOH C 3 .   ? 3.935   -2.209  13.081  1.000 44.128 0 304 HOH AAA O   1 ? 
HETATM 1006 O O   . HOH C 3 .   ? 11.729  -8.435  4.489   1.000 38.000 0 305 HOH AAA O   1 ? 
HETATM 1007 O O   . HOH C 3 .   ? 17.664  -1.734  -3.134  1.000 32.907 0 306 HOH AAA O   1 ? 
HETATM 1008 O O   . HOH C 3 .   ? 4.010   -7.623  8.446   1.000 35.004 0 307 HOH AAA O   1 ? 
HETATM 1009 O O   . HOH C 3 .   ? -7.396  1.308   -9.796  1.000 34.870 0 308 HOH AAA O   1 ? 
HETATM 1010 O O   . HOH C 3 .   ? 2.102   1.892   11.982  1.000 32.149 0 309 HOH AAA O   1 ? 
HETATM 1011 O O   . HOH C 3 .   ? 9.493   -4.339  -17.673 1.000 36.857 0 310 HOH AAA O   1 ? 
HETATM 1012 O O   . HOH C 3 .   ? 1.115   3.406   7.971   1.000 20.850 0 311 HOH AAA O   1 ? 
HETATM 1013 O O   . HOH C 3 .   ? -8.639  4.920   -6.464  1.000 29.250 0 312 HOH AAA O   1 ? 
HETATM 1014 O O   . HOH C 3 .   ? -6.435  -5.748  -6.366  1.000 36.347 0 313 HOH AAA O   1 ? 
HETATM 1015 O O   . HOH C 3 .   ? -11.558 -11.522 -2.313  1.000 31.768 0 314 HOH AAA O   1 ? 
HETATM 1016 O O   . HOH C 3 .   ? 16.006  -3.203  -4.146  1.000 35.135 0 315 HOH AAA O   1 ? 
HETATM 1017 O O   . HOH C 3 .   ? 9.856   2.533   -16.975 1.000 30.768 0 316 HOH AAA O   1 ? 
HETATM 1018 O O   . HOH C 3 .   ? 6.981   11.500  -15.742 1.000 28.237 0 317 HOH AAA O   1 ? 
HETATM 1019 O O   . HOH C 3 .   ? -4.386  9.108   -6.526  1.000 21.445 0 318 HOH AAA O   1 ? 
HETATM 1020 O O   . HOH C 3 .   ? 7.860   -8.162  2.539   1.000 29.133 0 319 HOH AAA O   1 ? 
HETATM 1021 O O   . HOH C 3 .   ? -4.637  -10.289 -4.452  1.000 34.545 0 320 HOH AAA O   1 ? 
HETATM 1022 O O   . HOH C 3 .   ? -10.798 9.102   8.659   1.000 30.936 0 321 HOH AAA O   1 ? 
HETATM 1023 O O   . HOH C 3 .   ? 4.677   -8.182  -4.507  1.000 28.961 0 322 HOH AAA O   1 ? 
HETATM 1024 O O   . HOH C 3 .   ? -14.791 -11.144 12.537  1.000 39.535 0 323 HOH AAA O   1 ? 
HETATM 1025 O O   . HOH C 3 .   ? -14.430 -8.358  9.533   1.000 32.442 0 324 HOH AAA O   1 ? 
HETATM 1026 O O   . HOH C 3 .   ? -11.293 -2.796  -6.949  1.000 40.243 0 325 HOH AAA O   1 ? 
HETATM 1027 O O   . HOH C 3 .   ? 16.968  -1.498  5.063   1.000 36.682 0 326 HOH AAA O   1 ? 
HETATM 1028 O O   . HOH C 3 .   ? 11.553  -4.485  -3.384  1.000 25.103 0 327 HOH AAA O   1 ? 
HETATM 1029 O O   . HOH C 3 .   ? -2.887  1.634   -11.999 1.000 40.087 0 328 HOH AAA O   1 ? 
HETATM 1030 O O   . HOH C 3 .   ? -0.181  -7.576  1.312   1.000 28.276 0 329 HOH AAA O   1 ? 
HETATM 1031 O O   . HOH C 3 .   ? 18.725  -1.520  -7.695  1.000 38.471 0 330 HOH AAA O   1 ? 
HETATM 1032 O O   . HOH C 3 .   ? 7.602   11.293  -3.535  1.000 34.346 0 331 HOH AAA O   1 ? 
HETATM 1033 O O   . HOH C 3 .   ? -9.736  -11.966 7.265   1.000 43.494 0 332 HOH AAA O   1 ? 
HETATM 1034 O O   . HOH C 3 .   ? 15.792  3.875   -14.151 1.000 37.165 0 333 HOH AAA O   1 ? 
HETATM 1035 O O   . HOH C 3 .   ? -4.488  -4.712  -11.360 1.000 27.753 0 334 HOH AAA O   1 ? 
HETATM 1036 O O   . HOH C 3 .   ? 1.572   6.535   -13.884 1.000 27.757 0 335 HOH AAA O   1 ? 
HETATM 1037 O O   . HOH C 3 .   ? 12.317  1.204   0.920   1.000 18.455 0 336 HOH AAA O   1 ? 
HETATM 1038 O O   . HOH C 3 .   ? -14.077 -2.599  0.248   1.000 28.189 0 337 HOH AAA O   1 ? 
HETATM 1039 O O   . HOH C 3 .   ? 9.632   -10.615 -8.378  0.500 22.069 0 338 HOH AAA O   1 ? 
HETATM 1040 O O   . HOH C 3 .   ? -7.985  4.944   -9.806  1.000 34.291 0 339 HOH AAA O   1 ? 
HETATM 1041 O O   . HOH C 3 .   ? -4.032  8.945   11.761  0.330 25.672 0 340 HOH AAA O   1 ? 
HETATM 1042 O O   . HOH C 3 .   ? -4.959  -7.687  -7.942  1.000 45.210 0 341 HOH AAA O   1 ? 
HETATM 1043 O O   . HOH C 3 .   ? 5.355   9.819   2.271   1.000 30.085 0 342 HOH AAA O   1 ? 
HETATM 1044 O O   . HOH C 3 .   ? 2.795   -8.554  -15.153 1.000 31.460 0 343 HOH AAA O   1 ? 
HETATM 1045 O O   . HOH C 3 .   ? 18.908  2.535   -9.446  1.000 38.259 0 344 HOH AAA O   1 ? 
HETATM 1046 O O   . HOH C 3 .   ? 13.858  -9.430  -4.798  1.000 28.021 0 345 HOH AAA O   1 ? 
HETATM 1047 O O   . HOH C 3 .   ? 9.140   13.486  -10.282 1.000 23.879 0 346 HOH AAA O   1 ? 
HETATM 1048 O O   . HOH C 3 .   ? 17.173  -4.130  2.246   1.000 34.969 0 347 HOH AAA O   1 ? 
HETATM 1049 O O   . HOH C 3 .   ? 9.929   2.374   2.194   1.000 17.142 0 348 HOH AAA O   1 ? 
HETATM 1050 O O   . HOH C 3 .   ? 5.375   0.542   13.082  1.000 33.112 0 349 HOH AAA O   1 ? 
HETATM 1051 O O   . HOH C 3 .   ? 12.744  12.922  -11.513 1.000 27.962 0 350 HOH AAA O   1 ? 
HETATM 1052 O O   . HOH C 3 .   ? -4.792  5.594   10.498  1.000 29.420 0 351 HOH AAA O   1 ? 
HETATM 1053 O O   . HOH C 3 .   ? -3.358  -8.091  11.295  1.000 32.093 0 352 HOH AAA O   1 ? 
HETATM 1054 O O   . HOH C 3 .   ? -2.771  -10.066 -7.802  1.000 36.397 0 353 HOH AAA O   1 ? 
HETATM 1055 O O   . HOH C 3 .   ? -17.223 -7.329  7.790   1.000 39.083 0 354 HOH AAA O   1 ? 
HETATM 1056 O O   . HOH C 3 .   ? 10.153  -7.414  6.529   1.000 26.393 0 355 HOH AAA O   1 ? 
HETATM 1057 O O   . HOH C 3 .   ? 18.221  4.917   -13.959 1.000 37.803 0 356 HOH AAA O   1 ? 
HETATM 1058 O O   . HOH C 3 .   ? 4.648   -10.072 -13.539 1.000 41.009 0 357 HOH AAA O   1 ? 
HETATM 1059 O O   . HOH C 3 .   ? -1.944  -4.747  14.612  1.000 36.294 0 358 HOH AAA O   1 ? 
HETATM 1060 O O   . HOH C 3 .   ? 17.922  11.933  -16.825 1.000 39.585 0 359 HOH AAA O   1 ? 
HETATM 1061 O O   . HOH C 3 .   ? 1.553   -10.970 3.127   1.000 36.165 0 360 HOH AAA O   1 ? 
HETATM 1062 O O   . HOH C 3 .   ? -4.161  -13.085 9.812   1.000 38.846 0 361 HOH AAA O   1 ? 
HETATM 1063 O O   . HOH C 3 .   ? 11.145  -0.004  -18.200 1.000 39.842 0 362 HOH AAA O   1 ? 
HETATM 1064 O O   . HOH C 3 .   ? 13.313  16.639  -15.813 1.000 33.497 0 363 HOH AAA O   1 ? 
HETATM 1065 O O   . HOH C 3 .   ? 3.919   -1.908  -16.574 1.000 30.156 0 364 HOH AAA O   1 ? 
HETATM 1066 O O   . HOH C 3 .   ? 17.674  2.898   -20.690 1.000 40.664 0 365 HOH AAA O   1 ? 
HETATM 1067 O O   . HOH C 3 .   ? 19.639  -0.531  0.373   1.000 37.502 0 366 HOH AAA O   1 ? 
HETATM 1068 O O   . HOH C 3 .   ? -20.800 2.510   23.379  1.000 40.485 0 367 HOH AAA O   1 ? 
HETATM 1069 O O   . HOH C 3 .   ? 1.983   2.289   -16.644 1.000 35.366 0 368 HOH AAA O   1 ? 
HETATM 1070 O O   . HOH C 3 .   ? -1.558  -10.552 -4.942  1.000 34.497 0 369 HOH AAA O   1 ? 
HETATM 1071 O O   . HOH C 3 .   ? 16.128  10.819  -19.406 1.000 40.198 0 370 HOH AAA O   1 ? 
HETATM 1072 O O   . HOH C 3 .   ? 14.868  12.671  -13.135 1.000 33.188 0 371 HOH AAA O   1 ? 
HETATM 1073 O O   . HOH C 3 .   ? 4.372   -5.978  11.756  1.000 43.357 0 372 HOH AAA O   1 ? 
HETATM 1074 O O   . HOH C 3 .   ? 11.994  -9.156  1.138   1.000 40.463 0 373 HOH AAA O   1 ? 
HETATM 1075 O O   . HOH C 3 .   ? 1.728   5.288   -19.374 1.000 42.563 0 374 HOH AAA O   1 ? 
HETATM 1076 O O   . HOH C 3 .   ? 14.763  -0.133  7.423   1.000 35.624 0 375 HOH AAA O   1 ? 
HETATM 1077 O O   . HOH C 3 .   ? 8.089   -9.869  -10.222 1.000 29.275 0 376 HOH AAA O   1 ? 
HETATM 1078 O O   . HOH C 3 .   ? 16.547  -4.644  4.671   1.000 25.013 0 377 HOH AAA O   1 ? 
HETATM 1079 O O   . HOH C 3 .   ? 14.265  -4.495  -2.587  1.000 37.903 0 378 HOH AAA O   1 ? 
HETATM 1080 O O   . HOH C 3 .   ? -1.961  11.221  -17.314 1.000 41.522 0 379 HOH AAA O   1 ? 
HETATM 1081 O O   . HOH C 3 .   ? -17.532 -10.156 5.394   1.000 41.457 0 380 HOH AAA O   1 ? 
HETATM 1082 O O   . HOH C 3 .   ? 6.969   0.049   -20.876 1.000 40.300 0 381 HOH AAA O   1 ? 
HETATM 1083 O O   . HOH C 3 .   ? -14.057 0.481   -4.102  1.000 36.860 0 382 HOH AAA O   1 ? 
HETATM 1084 O O   . HOH C 3 .   ? -12.866 -4.531  -7.437  1.000 38.214 0 383 HOH AAA O   1 ? 
HETATM 1085 O O   . HOH C 3 .   ? -7.016  -7.938  -4.644  1.000 38.636 0 384 HOH AAA O   1 ? 
HETATM 1086 O O   . HOH C 3 .   ? 5.403   -3.310  -19.651 1.000 41.797 0 385 HOH AAA O   1 ? 
HETATM 1087 O O   . HOH C 3 .   ? -2.907  -0.755  -15.890 1.000 38.390 0 386 HOH AAA O   1 ? 
HETATM 1088 O O   . HOH C 3 .   ? 4.640   11.958  0.894   0.330 37.023 0 387 HOH AAA O   1 ? 
HETATM 1089 O O   . HOH C 3 .   ? -2.348  -13.916 -3.017  1.000 38.298 0 388 HOH AAA O   1 ? 
HETATM 1090 O O   . HOH C 3 .   ? 9.155   -5.583  11.168  1.000 39.012 0 389 HOH AAA O   1 ? 
HETATM 1091 O O   . HOH C 3 .   ? 0.061   6.909   -18.347 1.000 48.012 0 390 HOH AAA O   1 ? 
HETATM 1092 O O   . HOH C 3 .   ? -24.077 -1.804  4.972   1.000 38.622 0 391 HOH AAA O   1 ? 
HETATM 1093 O O   . HOH C 3 .   ? 16.106  -5.817  0.727   0.500 25.123 0 392 HOH AAA O   1 ? 
HETATM 1094 O O   . HOH C 3 .   ? 17.891  -4.875  -6.490  1.000 40.946 0 393 HOH AAA O   1 ? 
HETATM 1095 O O   . HOH C 3 .   ? -0.722  -9.861  2.181   1.000 45.960 0 394 HOH AAA O   1 ? 
HETATM 1096 O O   A HOH C 3 .   ? 9.070   -10.519 1.449   0.500 22.446 0 395 HOH AAA O   1 ? 
HETATM 1097 O O   B HOH C 3 .   ? 8.345   -12.507 0.711   0.500 23.208 0 395 HOH AAA O   1 ? 
HETATM 1098 O O   . HOH C 3 .   ? -15.555 -10.577 10.085  1.000 41.443 0 396 HOH AAA O   1 ? 
HETATM 1099 O O   . HOH C 3 .   ? 13.669  -0.772  9.860   1.000 35.052 0 397 HOH AAA O   1 ? 
HETATM 1100 O O   . HOH C 3 .   ? 6.000   -9.688  7.527   1.000 36.430 0 398 HOH AAA O   1 ? 
HETATM 1101 O O   . HOH C 3 .   ? 12.951  -11.981 -0.810  0.330 56.386 0 399 HOH AAA O   1 ? 
# 
